data_2LJZ
#
_entry.id   2LJZ
#
loop_
_entity.id
_entity.type
_entity.pdbx_description
1 polymer 'Protein E6'
2 non-polymer 'ZINC ION'
#
_entity_poly.entity_id   1
_entity_poly.type   'polypeptide(L)'
_entity_poly.pdbx_seq_one_letter_code
;GAMSYSLYGTTLEQQYNKPLSDLLIRCINCQKPLSPEEKQRHLDKKQRFHNIRGRWTGRCMSCSRSSRTRRETQL
;
_entity_poly.pdbx_strand_id   A
#
loop_
_chem_comp.id
_chem_comp.type
_chem_comp.name
_chem_comp.formula
ZN non-polymer 'ZINC ION' 'Zn 2'
#
# COMPACT_ATOMS: atom_id res chain seq x y z
N GLY A 1 -10.95 8.21 8.28
CA GLY A 1 -12.17 7.46 8.04
C GLY A 1 -11.83 6.24 7.27
N ALA A 2 -12.63 5.92 6.26
CA ALA A 2 -12.36 4.81 5.39
C ALA A 2 -13.34 4.75 4.28
N MET A 3 -12.85 4.30 3.18
CA MET A 3 -13.54 4.04 1.96
C MET A 3 -12.43 3.60 1.04
N SER A 4 -12.75 3.01 -0.04
CA SER A 4 -11.76 2.69 -0.99
C SER A 4 -11.47 3.91 -1.86
N TYR A 5 -10.24 4.29 -1.92
CA TYR A 5 -9.75 5.40 -2.71
C TYR A 5 -8.27 5.39 -2.64
N SER A 6 -7.61 6.24 -3.36
CA SER A 6 -6.20 6.26 -3.31
C SER A 6 -5.71 7.45 -2.48
N LEU A 7 -4.74 7.21 -1.64
CA LEU A 7 -4.26 8.25 -0.76
C LEU A 7 -2.75 8.19 -0.65
N TYR A 8 -2.17 9.27 -0.21
CA TYR A 8 -0.77 9.32 0.13
C TYR A 8 -0.56 8.59 1.40
N GLY A 9 0.28 7.61 1.31
CA GLY A 9 0.53 6.75 2.41
C GLY A 9 1.01 7.43 3.59
N THR A 10 1.88 8.33 3.37
CA THR A 10 2.49 9.16 4.37
C THR A 10 1.42 9.74 5.36
N THR A 11 0.19 9.94 4.88
CA THR A 11 -0.87 10.48 5.67
C THR A 11 -1.76 9.35 6.32
N LEU A 12 -1.59 8.10 5.91
CA LEU A 12 -2.44 6.93 6.36
C LEU A 12 -2.56 6.72 7.87
N GLU A 13 -1.71 7.32 8.63
CA GLU A 13 -1.73 7.16 10.07
C GLU A 13 -2.98 7.83 10.70
N GLN A 14 -3.51 8.84 10.04
CA GLN A 14 -4.73 9.54 10.47
C GLN A 14 -5.94 8.85 10.01
N GLN A 15 -5.76 8.25 8.91
CA GLN A 15 -6.80 7.61 8.15
C GLN A 15 -7.60 6.57 8.95
N TYR A 16 -6.96 5.49 9.30
CA TYR A 16 -7.64 4.42 9.98
C TYR A 16 -7.57 4.51 11.47
N ASN A 17 -6.65 5.33 11.93
CA ASN A 17 -6.28 5.50 13.37
C ASN A 17 -5.46 4.32 13.82
N LYS A 18 -5.28 3.44 12.89
CA LYS A 18 -4.49 2.31 12.98
C LYS A 18 -3.54 2.51 11.80
N PRO A 19 -2.28 2.73 12.07
CA PRO A 19 -1.32 3.11 11.06
C PRO A 19 -0.88 1.93 10.23
N LEU A 20 -0.08 2.20 9.21
CA LEU A 20 0.54 1.19 8.37
C LEU A 20 1.20 0.13 9.21
N SER A 21 1.88 0.54 10.26
CA SER A 21 2.59 -0.35 11.15
C SER A 21 1.63 -1.31 11.90
N ASP A 22 0.34 -1.07 11.79
CA ASP A 22 -0.66 -1.90 12.39
C ASP A 22 -1.61 -2.47 11.35
N LEU A 23 -1.72 -1.80 10.24
CA LEU A 23 -2.69 -2.16 9.24
C LEU A 23 -2.12 -3.26 8.39
N LEU A 24 -2.93 -4.28 8.11
CA LEU A 24 -2.51 -5.29 7.20
C LEU A 24 -2.50 -4.60 5.88
N ILE A 25 -1.43 -4.64 5.27
CA ILE A 25 -1.24 -3.90 4.13
C ILE A 25 -0.54 -4.77 3.12
N ARG A 26 -0.90 -4.69 1.85
CA ARG A 26 -0.33 -5.62 0.87
C ARG A 26 -0.05 -4.96 -0.44
N CYS A 27 0.85 -5.56 -1.20
CA CYS A 27 1.13 -5.18 -2.53
C CYS A 27 -0.20 -5.22 -3.36
N ILE A 28 -0.25 -4.50 -4.44
CA ILE A 28 -1.45 -4.42 -5.23
C ILE A 28 -1.46 -5.49 -6.29
N ASN A 29 -0.29 -5.78 -6.76
CA ASN A 29 -0.05 -6.79 -7.75
C ASN A 29 0.35 -8.03 -7.05
N CYS A 30 0.98 -7.91 -5.86
CA CYS A 30 1.38 -9.12 -5.23
C CYS A 30 0.33 -9.70 -4.30
N GLN A 31 -0.35 -8.79 -3.57
CA GLN A 31 -1.26 -9.13 -2.49
C GLN A 31 -0.49 -9.70 -1.31
N LYS A 32 0.78 -9.44 -1.37
CA LYS A 32 1.74 -9.75 -0.37
C LYS A 32 1.75 -8.65 0.60
N PRO A 33 1.58 -8.94 1.84
CA PRO A 33 1.59 -7.95 2.84
C PRO A 33 2.97 -7.25 3.00
N LEU A 34 2.98 -5.96 2.72
CA LEU A 34 4.16 -5.11 2.77
C LEU A 34 4.38 -4.74 4.18
N SER A 35 5.57 -4.84 4.59
CA SER A 35 5.95 -4.54 5.92
C SER A 35 6.42 -3.07 5.95
N PRO A 36 6.74 -2.47 7.16
CA PRO A 36 7.19 -1.06 7.28
C PRO A 36 8.17 -0.65 6.18
N GLU A 37 8.99 -1.59 5.74
CA GLU A 37 9.91 -1.40 4.65
C GLU A 37 9.24 -0.89 3.37
N GLU A 38 8.24 -1.60 2.88
CA GLU A 38 7.59 -1.25 1.65
C GLU A 38 6.48 -0.22 1.89
N LYS A 39 6.07 -0.12 3.14
CA LYS A 39 5.15 0.92 3.62
C LYS A 39 5.82 2.26 3.57
N GLN A 40 7.11 2.27 3.89
CA GLN A 40 7.90 3.49 3.90
C GLN A 40 8.11 4.02 2.53
N ARG A 41 7.78 3.24 1.57
CA ARG A 41 7.83 3.71 0.20
C ARG A 41 6.69 4.68 0.00
N HIS A 42 5.59 4.33 0.59
CA HIS A 42 4.37 5.08 0.48
C HIS A 42 4.36 6.21 1.50
N LEU A 43 5.22 6.13 2.48
CA LEU A 43 5.33 7.14 3.51
C LEU A 43 6.43 8.13 3.20
N ASP A 44 7.64 7.62 3.10
CA ASP A 44 8.84 8.44 2.78
C ASP A 44 8.73 9.06 1.42
N LYS A 45 8.62 8.20 0.43
CA LYS A 45 8.57 8.62 -0.97
C LYS A 45 7.15 8.97 -1.34
N LYS A 46 6.28 8.70 -0.38
CA LYS A 46 4.88 9.08 -0.37
C LYS A 46 4.11 8.56 -1.57
N GLN A 47 4.52 7.41 -2.07
CA GLN A 47 3.85 6.80 -3.22
C GLN A 47 2.37 6.57 -2.90
N ARG A 48 1.53 6.97 -3.79
CA ARG A 48 0.10 6.89 -3.60
C ARG A 48 -0.37 5.47 -3.86
N PHE A 49 -1.12 4.94 -2.93
CA PHE A 49 -1.68 3.59 -3.03
C PHE A 49 -3.18 3.68 -2.87
N HIS A 50 -3.81 2.56 -2.73
CA HIS A 50 -5.21 2.52 -2.54
C HIS A 50 -5.50 2.18 -1.06
N ASN A 51 -6.59 2.69 -0.50
CA ASN A 51 -7.06 2.44 0.90
C ASN A 51 -8.26 1.55 0.90
N ILE A 52 -8.21 0.46 1.66
CA ILE A 52 -9.29 -0.48 1.71
C ILE A 52 -9.71 -0.67 3.18
N ARG A 53 -10.89 -1.19 3.42
CA ARG A 53 -11.38 -1.37 4.75
C ARG A 53 -10.59 -2.45 5.49
N GLY A 54 -9.71 -2.02 6.37
CA GLY A 54 -8.99 -2.94 7.22
C GLY A 54 -7.63 -3.30 6.69
N ARG A 55 -7.42 -3.09 5.43
CA ARG A 55 -6.16 -3.37 4.80
C ARG A 55 -6.01 -2.48 3.62
N TRP A 56 -4.90 -2.52 2.93
CA TRP A 56 -4.93 -1.95 1.64
C TRP A 56 -4.15 -2.71 0.58
N THR A 57 -3.89 -2.04 -0.56
CA THR A 57 -3.13 -2.58 -1.60
C THR A 57 -2.21 -1.39 -2.18
N GLY A 58 -0.91 -1.65 -2.16
CA GLY A 58 0.16 -0.71 -2.52
C GLY A 58 1.09 -1.31 -3.54
N ARG A 59 2.35 -1.05 -3.49
CA ARG A 59 3.31 -1.70 -4.40
C ARG A 59 4.56 -1.98 -3.67
N CYS A 60 4.89 -3.25 -3.53
CA CYS A 60 6.17 -3.57 -2.97
C CYS A 60 7.29 -3.13 -3.95
N MET A 61 8.54 -3.15 -3.49
CA MET A 61 9.74 -2.77 -4.31
C MET A 61 9.66 -3.27 -5.72
N SER A 62 9.43 -4.55 -5.86
CA SER A 62 9.44 -5.19 -7.16
C SER A 62 8.39 -4.58 -8.09
N CYS A 63 7.29 -4.19 -7.51
CA CYS A 63 6.18 -3.74 -8.20
C CYS A 63 6.14 -2.26 -8.37
N SER A 64 6.73 -1.57 -7.43
CA SER A 64 6.83 -0.18 -7.46
C SER A 64 7.81 0.23 -8.58
N ARG A 65 8.70 -0.70 -8.92
CA ARG A 65 9.67 -0.51 -9.97
C ARG A 65 9.15 -1.11 -11.28
N SER A 66 8.96 -2.41 -11.29
CA SER A 66 8.62 -3.17 -12.49
C SER A 66 7.09 -3.21 -12.74
N SER A 67 6.43 -2.06 -12.57
CA SER A 67 4.99 -1.90 -12.72
C SER A 67 4.52 -2.30 -14.15
N ARG A 68 5.43 -2.27 -15.13
CA ARG A 68 5.12 -2.65 -16.49
C ARG A 68 4.75 -4.12 -16.60
N THR A 69 5.31 -4.94 -15.74
CA THR A 69 5.00 -6.34 -15.75
C THR A 69 3.97 -6.66 -14.68
N ARG A 70 2.74 -6.39 -15.00
CA ARG A 70 1.66 -6.52 -14.07
C ARG A 70 1.07 -7.93 -14.04
N ARG A 71 1.44 -8.65 -13.02
CA ARG A 71 0.93 -9.95 -12.75
C ARG A 71 0.62 -10.04 -11.30
N GLU A 72 -0.35 -10.84 -10.97
CA GLU A 72 -0.82 -10.97 -9.64
C GLU A 72 -0.20 -12.16 -8.94
N THR A 73 0.17 -13.15 -9.71
CA THR A 73 0.86 -14.29 -9.16
C THR A 73 2.29 -14.32 -9.73
N GLN A 74 2.62 -13.24 -10.45
CA GLN A 74 3.95 -12.94 -11.06
C GLN A 74 4.49 -14.00 -12.01
N LEU A 75 3.63 -14.88 -12.35
CA LEU A 75 3.86 -15.95 -13.26
C LEU A 75 2.50 -16.60 -13.37
ZN ZN B . 4.71 -6.64 -5.34
N GLY A 1 -11.41 8.08 5.76
CA GLY A 1 -12.83 7.85 5.70
C GLY A 1 -13.12 6.52 5.08
N ALA A 2 -14.38 6.17 4.97
CA ALA A 2 -14.77 4.94 4.35
C ALA A 2 -15.00 5.18 2.88
N MET A 3 -15.41 4.11 2.18
CA MET A 3 -15.59 4.12 0.73
C MET A 3 -14.22 4.31 0.11
N SER A 4 -13.55 3.19 -0.07
CA SER A 4 -12.18 3.10 -0.51
C SER A 4 -11.79 4.07 -1.65
N TYR A 5 -10.59 4.57 -1.56
CA TYR A 5 -10.06 5.57 -2.45
C TYR A 5 -8.57 5.48 -2.41
N SER A 6 -7.90 6.25 -3.20
CA SER A 6 -6.48 6.27 -3.22
C SER A 6 -6.01 7.40 -2.30
N LEU A 7 -4.86 7.24 -1.67
CA LEU A 7 -4.37 8.26 -0.77
C LEU A 7 -2.85 8.22 -0.68
N TYR A 8 -2.28 9.32 -0.23
CA TYR A 8 -0.88 9.42 0.08
C TYR A 8 -0.66 8.72 1.36
N GLY A 9 0.10 7.65 1.28
CA GLY A 9 0.33 6.81 2.39
C GLY A 9 0.84 7.46 3.57
N THR A 10 1.71 8.37 3.33
CA THR A 10 2.35 9.20 4.34
C THR A 10 1.31 9.79 5.38
N THR A 11 0.03 9.90 4.98
CA THR A 11 -1.01 10.38 5.86
C THR A 11 -1.81 9.23 6.55
N LEU A 12 -1.65 7.99 6.11
CA LEU A 12 -2.48 6.82 6.54
C LEU A 12 -2.72 6.63 8.03
N GLU A 13 -1.81 7.05 8.86
CA GLU A 13 -1.98 6.91 10.30
C GLU A 13 -3.18 7.75 10.75
N GLN A 14 -3.40 8.83 10.02
CA GLN A 14 -4.49 9.77 10.18
C GLN A 14 -5.81 9.17 9.73
N GLN A 15 -5.74 8.26 8.80
CA GLN A 15 -6.90 7.77 8.15
C GLN A 15 -7.61 6.71 8.97
N TYR A 16 -6.87 5.68 9.38
CA TYR A 16 -7.48 4.59 10.09
C TYR A 16 -7.46 4.70 11.57
N ASN A 17 -6.55 5.52 12.07
CA ASN A 17 -6.25 5.67 13.53
C ASN A 17 -5.43 4.46 13.98
N LYS A 18 -5.19 3.61 13.01
CA LYS A 18 -4.41 2.46 13.10
C LYS A 18 -3.49 2.58 11.89
N PRO A 19 -2.21 2.73 12.13
CA PRO A 19 -1.28 3.04 11.07
C PRO A 19 -0.88 1.82 10.27
N LEU A 20 -0.08 2.06 9.25
CA LEU A 20 0.50 1.02 8.39
C LEU A 20 1.16 -0.05 9.22
N SER A 21 1.83 0.34 10.28
CA SER A 21 2.50 -0.59 11.20
C SER A 21 1.51 -1.63 11.77
N ASP A 22 0.23 -1.27 11.81
CA ASP A 22 -0.77 -2.11 12.40
C ASP A 22 -1.80 -2.58 11.36
N LEU A 23 -1.83 -1.90 10.24
CA LEU A 23 -2.82 -2.17 9.23
C LEU A 23 -2.28 -3.25 8.31
N LEU A 24 -3.04 -4.30 8.06
CA LEU A 24 -2.60 -5.31 7.13
C LEU A 24 -2.56 -4.64 5.80
N ILE A 25 -1.50 -4.72 5.19
CA ILE A 25 -1.28 -3.99 4.03
C ILE A 25 -0.57 -4.88 3.03
N ARG A 26 -0.92 -4.82 1.74
CA ARG A 26 -0.34 -5.75 0.76
C ARG A 26 -0.09 -5.10 -0.56
N CYS A 27 0.82 -5.72 -1.32
CA CYS A 27 1.08 -5.34 -2.63
C CYS A 27 -0.21 -5.45 -3.48
N ILE A 28 -0.39 -4.55 -4.41
CA ILE A 28 -1.59 -4.47 -5.19
C ILE A 28 -1.62 -5.50 -6.28
N ASN A 29 -0.47 -5.73 -6.75
CA ASN A 29 -0.22 -6.62 -7.80
C ASN A 29 0.22 -7.94 -7.28
N CYS A 30 0.90 -7.99 -6.13
CA CYS A 30 1.33 -9.31 -5.72
C CYS A 30 0.57 -9.90 -4.54
N GLN A 31 -0.21 -9.05 -3.84
CA GLN A 31 -1.03 -9.45 -2.70
C GLN A 31 -0.24 -9.88 -1.50
N LYS A 32 1.01 -9.63 -1.57
CA LYS A 32 1.94 -9.89 -0.54
C LYS A 32 1.88 -8.77 0.45
N PRO A 33 1.70 -9.08 1.69
CA PRO A 33 1.66 -8.06 2.69
C PRO A 33 3.00 -7.33 2.85
N LEU A 34 2.93 -6.02 2.77
CA LEU A 34 4.07 -5.14 2.80
C LEU A 34 4.29 -4.70 4.19
N SER A 35 5.50 -4.71 4.58
CA SER A 35 5.91 -4.37 5.90
C SER A 35 6.45 -2.95 5.86
N PRO A 36 6.89 -2.33 7.02
CA PRO A 36 7.45 -0.96 7.06
C PRO A 36 8.40 -0.66 5.91
N GLU A 37 9.14 -1.69 5.47
CA GLU A 37 10.07 -1.56 4.36
C GLU A 37 9.37 -1.05 3.09
N GLU A 38 8.22 -1.58 2.78
CA GLU A 38 7.51 -1.22 1.59
C GLU A 38 6.49 -0.12 1.87
N LYS A 39 6.00 -0.10 3.07
CA LYS A 39 5.10 0.95 3.57
C LYS A 39 5.76 2.30 3.51
N GLN A 40 7.04 2.32 3.80
CA GLN A 40 7.81 3.55 3.77
C GLN A 40 8.00 4.05 2.40
N ARG A 41 7.68 3.26 1.45
CA ARG A 41 7.79 3.70 0.07
C ARG A 41 6.64 4.66 -0.17
N HIS A 42 5.54 4.36 0.45
CA HIS A 42 4.34 5.13 0.31
C HIS A 42 4.28 6.25 1.34
N LEU A 43 5.15 6.16 2.34
CA LEU A 43 5.24 7.18 3.38
C LEU A 43 6.35 8.17 3.08
N ASP A 44 7.56 7.66 2.94
CA ASP A 44 8.74 8.50 2.60
C ASP A 44 8.60 9.12 1.24
N LYS A 45 8.51 8.28 0.23
CA LYS A 45 8.46 8.75 -1.15
C LYS A 45 7.06 9.14 -1.49
N LYS A 46 6.15 8.65 -0.66
CA LYS A 46 4.74 8.99 -0.69
C LYS A 46 4.12 8.55 -2.01
N GLN A 47 4.55 7.39 -2.49
CA GLN A 47 4.13 6.82 -3.80
C GLN A 47 2.63 6.77 -4.01
N ARG A 48 1.89 6.68 -2.89
CA ARG A 48 0.43 6.53 -2.82
C ARG A 48 0.03 5.11 -3.15
N PHE A 49 -1.19 4.79 -2.84
CA PHE A 49 -1.77 3.47 -3.02
C PHE A 49 -3.27 3.59 -2.85
N HIS A 50 -3.94 2.50 -2.69
CA HIS A 50 -5.35 2.49 -2.45
C HIS A 50 -5.58 2.29 -0.93
N ASN A 51 -6.70 2.79 -0.40
CA ASN A 51 -7.09 2.63 1.04
C ASN A 51 -8.30 1.77 1.15
N ILE A 52 -8.18 0.63 1.80
CA ILE A 52 -9.24 -0.30 1.90
C ILE A 52 -9.61 -0.44 3.37
N ARG A 53 -10.80 -0.88 3.67
CA ARG A 53 -11.24 -0.97 5.03
C ARG A 53 -10.54 -2.11 5.74
N GLY A 54 -9.58 -1.75 6.56
CA GLY A 54 -8.90 -2.72 7.37
C GLY A 54 -7.57 -3.12 6.80
N ARG A 55 -7.40 -2.92 5.52
CA ARG A 55 -6.17 -3.28 4.86
C ARG A 55 -5.98 -2.39 3.70
N TRP A 56 -4.89 -2.49 3.01
CA TRP A 56 -4.88 -1.92 1.72
C TRP A 56 -4.11 -2.69 0.68
N THR A 57 -3.94 -2.06 -0.49
CA THR A 57 -3.21 -2.59 -1.55
C THR A 57 -2.27 -1.43 -2.11
N GLY A 58 -0.99 -1.71 -2.11
CA GLY A 58 0.09 -0.80 -2.45
C GLY A 58 0.99 -1.43 -3.47
N ARG A 59 2.25 -1.17 -3.43
CA ARG A 59 3.19 -1.77 -4.40
C ARG A 59 4.51 -1.93 -3.76
N CYS A 60 4.87 -3.18 -3.52
CA CYS A 60 6.17 -3.47 -2.97
C CYS A 60 7.20 -3.10 -3.98
N MET A 61 8.41 -3.10 -3.55
CA MET A 61 9.60 -2.73 -4.32
C MET A 61 9.58 -3.29 -5.72
N SER A 62 9.41 -4.55 -5.79
CA SER A 62 9.46 -5.28 -7.02
C SER A 62 8.36 -4.82 -7.99
N CYS A 63 7.22 -4.43 -7.44
CA CYS A 63 6.09 -4.07 -8.16
C CYS A 63 5.97 -2.55 -8.41
N SER A 64 6.54 -1.79 -7.51
CA SER A 64 6.51 -0.36 -7.55
C SER A 64 7.58 0.17 -8.51
N ARG A 65 8.77 -0.41 -8.43
CA ARG A 65 9.88 0.02 -9.22
C ARG A 65 9.88 -0.64 -10.59
N SER A 66 9.59 -1.91 -10.62
CA SER A 66 9.62 -2.64 -11.86
C SER A 66 8.19 -3.03 -12.27
N SER A 67 7.70 -2.45 -13.34
CA SER A 67 6.36 -2.75 -13.79
C SER A 67 6.32 -4.10 -14.51
N ARG A 68 7.49 -4.65 -14.82
CA ARG A 68 7.58 -5.96 -15.47
C ARG A 68 7.15 -7.08 -14.52
N THR A 69 7.15 -6.77 -13.23
CA THR A 69 6.79 -7.71 -12.22
C THR A 69 5.27 -7.70 -12.01
N ARG A 70 4.59 -6.79 -12.67
CA ARG A 70 3.16 -6.56 -12.45
C ARG A 70 2.30 -7.72 -12.94
N ARG A 71 1.98 -8.60 -12.03
CA ARG A 71 1.09 -9.66 -12.28
C ARG A 71 0.23 -9.88 -11.10
N GLU A 72 -0.98 -9.64 -11.37
CA GLU A 72 -2.08 -9.53 -10.46
C GLU A 72 -2.31 -10.77 -9.64
N THR A 73 -1.96 -11.87 -10.19
CA THR A 73 -2.18 -13.13 -9.56
C THR A 73 -0.95 -13.99 -9.73
N GLN A 74 0.13 -13.32 -10.13
CA GLN A 74 1.43 -13.94 -10.37
C GLN A 74 1.36 -15.00 -11.47
N LEU A 75 0.36 -14.88 -12.29
CA LEU A 75 0.10 -15.77 -13.39
C LEU A 75 -0.17 -14.94 -14.59
ZN ZN B . 4.77 -6.80 -5.04
N GLY A 1 -16.28 9.57 -1.33
CA GLY A 1 -16.49 9.62 0.11
C GLY A 1 -15.30 9.12 0.84
N ALA A 2 -15.41 8.95 2.13
CA ALA A 2 -14.31 8.51 2.98
C ALA A 2 -14.27 6.98 3.09
N MET A 3 -14.63 6.32 2.02
CA MET A 3 -14.66 4.89 1.98
C MET A 3 -13.92 4.36 0.75
N SER A 4 -12.72 3.86 0.99
CA SER A 4 -11.85 3.24 -0.01
C SER A 4 -11.60 4.07 -1.28
N TYR A 5 -10.43 4.63 -1.30
CA TYR A 5 -9.99 5.53 -2.33
C TYR A 5 -8.51 5.48 -2.35
N SER A 6 -7.91 6.09 -3.31
CA SER A 6 -6.48 6.12 -3.34
C SER A 6 -5.98 7.35 -2.54
N LEU A 7 -4.83 7.20 -1.88
CA LEU A 7 -4.31 8.26 -1.02
C LEU A 7 -2.79 8.16 -0.97
N TYR A 8 -2.17 9.20 -0.45
CA TYR A 8 -0.76 9.23 -0.12
C TYR A 8 -0.52 8.34 1.04
N GLY A 9 0.48 7.49 0.91
CA GLY A 9 0.82 6.61 1.94
C GLY A 9 1.03 7.26 3.24
N THR A 10 1.89 8.20 3.19
CA THR A 10 2.38 8.98 4.32
C THR A 10 1.25 9.46 5.31
N THR A 11 0.03 9.66 4.82
CA THR A 11 -1.05 10.16 5.63
C THR A 11 -1.90 9.04 6.27
N LEU A 12 -1.72 7.82 5.85
CA LEU A 12 -2.52 6.65 6.37
C LEU A 12 -2.58 6.52 7.89
N GLU A 13 -1.58 7.02 8.59
CA GLU A 13 -1.57 6.99 10.06
C GLU A 13 -2.73 7.86 10.61
N GLN A 14 -3.16 8.77 9.78
CA GLN A 14 -4.27 9.68 10.00
C GLN A 14 -5.61 9.04 9.59
N GLN A 15 -5.55 8.11 8.67
CA GLN A 15 -6.77 7.63 8.03
C GLN A 15 -7.51 6.58 8.84
N TYR A 16 -6.85 5.51 9.19
CA TYR A 16 -7.52 4.40 9.85
C TYR A 16 -7.47 4.44 11.33
N ASN A 17 -6.64 5.33 11.84
CA ASN A 17 -6.34 5.49 13.30
C ASN A 17 -5.51 4.31 13.75
N LYS A 18 -5.19 3.52 12.80
CA LYS A 18 -4.40 2.39 12.89
C LYS A 18 -3.44 2.57 11.72
N PRO A 19 -2.16 2.74 12.01
CA PRO A 19 -1.18 3.09 10.99
C PRO A 19 -0.80 1.91 10.14
N LEU A 20 0.07 2.14 9.18
CA LEU A 20 0.61 1.11 8.32
C LEU A 20 1.28 0.07 9.15
N SER A 21 1.99 0.49 10.18
CA SER A 21 2.68 -0.41 11.11
C SER A 21 1.69 -1.36 11.84
N ASP A 22 0.41 -1.06 11.73
CA ASP A 22 -0.61 -1.83 12.37
C ASP A 22 -1.56 -2.41 11.34
N LEU A 23 -1.65 -1.78 10.20
CA LEU A 23 -2.62 -2.16 9.21
C LEU A 23 -2.05 -3.26 8.36
N LEU A 24 -2.85 -4.27 8.12
CA LEU A 24 -2.45 -5.29 7.22
C LEU A 24 -2.48 -4.62 5.88
N ILE A 25 -1.42 -4.67 5.23
CA ILE A 25 -1.25 -3.94 4.08
C ILE A 25 -0.52 -4.82 3.08
N ARG A 26 -0.86 -4.76 1.79
CA ARG A 26 -0.25 -5.69 0.83
C ARG A 26 0.02 -5.07 -0.50
N CYS A 27 0.94 -5.71 -1.23
CA CYS A 27 1.23 -5.35 -2.58
C CYS A 27 -0.07 -5.38 -3.41
N ILE A 28 -0.20 -4.54 -4.42
CA ILE A 28 -1.43 -4.47 -5.19
C ILE A 28 -1.50 -5.56 -6.21
N ASN A 29 -0.35 -5.99 -6.60
CA ASN A 29 -0.20 -6.94 -7.63
C ASN A 29 0.28 -8.26 -7.12
N CYS A 30 0.81 -8.25 -5.92
CA CYS A 30 1.21 -9.52 -5.31
C CYS A 30 0.20 -9.98 -4.25
N GLN A 31 -0.34 -9.00 -3.49
CA GLN A 31 -1.18 -9.25 -2.32
C GLN A 31 -0.39 -9.87 -1.23
N LYS A 32 0.87 -9.61 -1.34
CA LYS A 32 1.86 -9.92 -0.38
C LYS A 32 1.85 -8.81 0.61
N PRO A 33 1.67 -9.11 1.84
CA PRO A 33 1.66 -8.10 2.85
C PRO A 33 3.00 -7.39 2.99
N LEU A 34 2.94 -6.10 2.86
CA LEU A 34 4.08 -5.25 2.89
C LEU A 34 4.37 -4.87 4.29
N SER A 35 5.58 -4.84 4.59
CA SER A 35 6.07 -4.57 5.89
C SER A 35 6.47 -3.09 5.91
N PRO A 36 6.99 -2.54 7.06
CA PRO A 36 7.43 -1.13 7.12
C PRO A 36 8.36 -0.74 5.98
N GLU A 37 9.07 -1.73 5.45
CA GLU A 37 9.97 -1.54 4.33
C GLU A 37 9.26 -1.02 3.07
N GLU A 38 8.18 -1.67 2.65
CA GLU A 38 7.47 -1.19 1.48
C GLU A 38 6.52 -0.07 1.85
N LYS A 39 6.02 -0.13 3.05
CA LYS A 39 5.17 0.91 3.62
C LYS A 39 5.88 2.24 3.59
N GLN A 40 7.14 2.21 3.95
CA GLN A 40 7.97 3.40 3.95
C GLN A 40 8.23 3.88 2.58
N ARG A 41 7.94 3.07 1.61
CA ARG A 41 8.09 3.55 0.26
C ARG A 41 6.97 4.53 0.02
N HIS A 42 5.80 4.14 0.46
CA HIS A 42 4.59 4.90 0.28
C HIS A 42 4.52 6.04 1.29
N LEU A 43 5.28 5.94 2.35
CA LEU A 43 5.31 6.97 3.37
C LEU A 43 6.39 7.99 3.07
N ASP A 44 7.64 7.56 3.04
CA ASP A 44 8.81 8.43 2.71
C ASP A 44 8.61 9.17 1.40
N LYS A 45 8.41 8.39 0.36
CA LYS A 45 8.32 8.92 -1.00
C LYS A 45 6.93 9.36 -1.27
N LYS A 46 6.06 9.03 -0.32
CA LYS A 46 4.69 9.44 -0.30
C LYS A 46 3.97 8.99 -1.56
N GLN A 47 4.26 7.76 -1.95
CA GLN A 47 3.61 7.14 -3.10
C GLN A 47 2.09 7.06 -2.86
N ARG A 48 1.35 7.14 -3.91
CA ARG A 48 -0.09 7.09 -3.84
C ARG A 48 -0.58 5.66 -4.19
N PHE A 49 -1.16 5.02 -3.19
CA PHE A 49 -1.71 3.65 -3.29
C PHE A 49 -3.22 3.71 -3.08
N HIS A 50 -3.86 2.57 -2.93
CA HIS A 50 -5.28 2.53 -2.67
C HIS A 50 -5.49 2.20 -1.17
N ASN A 51 -6.53 2.78 -0.56
CA ASN A 51 -6.94 2.57 0.86
C ASN A 51 -8.15 1.70 0.92
N ILE A 52 -8.07 0.58 1.60
CA ILE A 52 -9.16 -0.33 1.65
C ILE A 52 -9.60 -0.44 3.08
N ARG A 53 -10.83 -0.77 3.30
CA ARG A 53 -11.33 -0.90 4.62
C ARG A 53 -10.74 -2.15 5.26
N GLY A 54 -9.82 -1.95 6.16
CA GLY A 54 -9.23 -3.02 6.93
C GLY A 54 -7.81 -3.33 6.51
N ARG A 55 -7.50 -3.10 5.25
CA ARG A 55 -6.18 -3.36 4.72
C ARG A 55 -5.97 -2.44 3.56
N TRP A 56 -4.85 -2.50 2.90
CA TRP A 56 -4.84 -1.91 1.61
C TRP A 56 -4.06 -2.67 0.58
N THR A 57 -3.85 -2.03 -0.57
CA THR A 57 -3.12 -2.57 -1.62
C THR A 57 -2.20 -1.41 -2.17
N GLY A 58 -0.94 -1.69 -2.14
CA GLY A 58 0.11 -0.79 -2.47
C GLY A 58 0.86 -1.30 -3.62
N ARG A 59 2.13 -1.46 -3.49
CA ARG A 59 3.04 -2.09 -4.49
C ARG A 59 4.28 -2.36 -3.80
N CYS A 60 4.63 -3.63 -3.66
CA CYS A 60 5.87 -3.95 -3.02
C CYS A 60 7.00 -3.43 -3.83
N MET A 61 8.12 -3.32 -3.23
CA MET A 61 9.36 -2.78 -3.80
C MET A 61 9.57 -3.19 -5.24
N SER A 62 9.39 -4.43 -5.48
CA SER A 62 9.58 -4.97 -6.79
C SER A 62 8.51 -4.40 -7.79
N CYS A 63 7.32 -4.18 -7.28
CA CYS A 63 6.19 -3.81 -8.03
C CYS A 63 5.96 -2.30 -8.08
N SER A 64 6.48 -1.63 -7.12
CA SER A 64 6.38 -0.22 -7.03
C SER A 64 7.44 0.42 -7.93
N ARG A 65 8.55 -0.28 -8.08
CA ARG A 65 9.61 0.15 -8.96
C ARG A 65 9.36 -0.35 -10.36
N SER A 66 9.15 -1.63 -10.49
CA SER A 66 8.94 -2.24 -11.77
C SER A 66 7.44 -2.53 -11.96
N SER A 67 6.81 -1.84 -12.89
CA SER A 67 5.38 -1.96 -13.17
C SER A 67 5.04 -3.21 -14.00
N ARG A 68 6.05 -4.02 -14.31
CA ARG A 68 5.87 -5.24 -15.09
C ARG A 68 4.83 -6.18 -14.47
N THR A 69 5.06 -6.60 -13.24
CA THR A 69 4.11 -7.43 -12.55
C THR A 69 2.89 -6.58 -12.20
N ARG A 70 1.80 -6.82 -12.88
CA ARG A 70 0.62 -6.02 -12.67
C ARG A 70 -0.59 -6.94 -12.64
N ARG A 71 -0.32 -8.17 -12.28
CA ARG A 71 -1.34 -9.15 -12.13
C ARG A 71 -2.17 -8.91 -10.91
N GLU A 72 -3.23 -9.63 -10.83
CA GLU A 72 -4.06 -9.58 -9.74
C GLU A 72 -3.72 -10.69 -8.81
N THR A 73 -3.96 -11.85 -9.25
CA THR A 73 -3.85 -13.03 -8.45
C THR A 73 -2.92 -13.95 -9.17
N GLN A 74 -1.96 -13.31 -9.83
CA GLN A 74 -0.94 -13.94 -10.66
C GLN A 74 -1.58 -14.46 -11.93
N LEU A 75 -2.71 -13.87 -12.15
CA LEU A 75 -3.57 -14.03 -13.23
C LEU A 75 -4.24 -12.68 -13.15
ZN ZN B . 4.70 -7.02 -5.42
N GLY A 1 -13.63 12.24 2.97
CA GLY A 1 -14.18 12.14 1.63
C GLY A 1 -14.12 10.73 1.14
N ALA A 2 -15.30 10.16 0.87
CA ALA A 2 -15.44 8.76 0.39
C ALA A 2 -14.90 7.75 1.41
N MET A 3 -14.77 6.53 1.00
CA MET A 3 -14.20 5.47 1.77
C MET A 3 -13.64 4.48 0.76
N SER A 4 -12.40 4.08 0.95
CA SER A 4 -11.63 3.26 0.01
C SER A 4 -11.34 4.05 -1.28
N TYR A 5 -10.17 4.60 -1.33
CA TYR A 5 -9.75 5.48 -2.39
C TYR A 5 -8.26 5.43 -2.47
N SER A 6 -7.67 6.10 -3.40
CA SER A 6 -6.24 6.12 -3.44
C SER A 6 -5.74 7.32 -2.64
N LEU A 7 -4.64 7.17 -1.95
CA LEU A 7 -4.15 8.25 -1.11
C LEU A 7 -2.64 8.20 -1.05
N TYR A 8 -2.09 9.27 -0.56
CA TYR A 8 -0.70 9.34 -0.23
C TYR A 8 -0.51 8.69 1.08
N GLY A 9 0.25 7.61 1.05
CA GLY A 9 0.46 6.80 2.19
C GLY A 9 0.94 7.52 3.34
N THR A 10 1.84 8.37 3.09
CA THR A 10 2.46 9.27 4.05
C THR A 10 1.42 9.84 5.13
N THR A 11 0.12 10.01 4.73
CA THR A 11 -0.93 10.50 5.62
C THR A 11 -1.77 9.38 6.30
N LEU A 12 -1.62 8.14 5.86
CA LEU A 12 -2.46 6.99 6.30
C LEU A 12 -2.70 6.82 7.80
N GLU A 13 -1.76 7.22 8.62
CA GLU A 13 -1.91 7.06 10.07
C GLU A 13 -3.09 7.91 10.56
N GLN A 14 -3.31 9.00 9.84
CA GLN A 14 -4.42 9.93 10.03
C GLN A 14 -5.78 9.24 9.77
N GLN A 15 -5.79 8.30 8.85
CA GLN A 15 -7.02 7.77 8.32
C GLN A 15 -7.65 6.64 9.15
N TYR A 16 -7.00 5.50 9.18
CA TYR A 16 -7.60 4.31 9.78
C TYR A 16 -7.64 4.32 11.28
N ASN A 17 -6.67 5.05 11.90
CA ASN A 17 -6.38 5.04 13.40
C ASN A 17 -5.55 3.80 13.72
N LYS A 18 -5.48 3.01 12.72
CA LYS A 18 -4.78 1.79 12.60
C LYS A 18 -3.79 2.07 11.47
N PRO A 19 -2.62 2.54 11.82
CA PRO A 19 -1.65 2.99 10.83
C PRO A 19 -1.01 1.85 10.12
N LEU A 20 -0.13 2.14 9.19
CA LEU A 20 0.60 1.14 8.44
C LEU A 20 1.33 0.21 9.38
N SER A 21 1.88 0.77 10.43
CA SER A 21 2.59 0.01 11.45
C SER A 21 1.67 -1.03 12.15
N ASP A 22 0.37 -0.87 11.98
CA ASP A 22 -0.61 -1.70 12.64
C ASP A 22 -1.50 -2.42 11.63
N LEU A 23 -1.66 -1.83 10.46
CA LEU A 23 -2.63 -2.26 9.50
C LEU A 23 -2.05 -3.38 8.64
N LEU A 24 -2.87 -4.40 8.32
CA LEU A 24 -2.44 -5.40 7.39
C LEU A 24 -2.48 -4.73 6.05
N ILE A 25 -1.40 -4.69 5.43
CA ILE A 25 -1.25 -3.98 4.25
C ILE A 25 -0.53 -4.86 3.24
N ARG A 26 -0.87 -4.77 1.95
CA ARG A 26 -0.28 -5.71 0.97
C ARG A 26 -0.05 -5.07 -0.37
N CYS A 27 0.88 -5.68 -1.13
CA CYS A 27 1.14 -5.31 -2.48
C CYS A 27 -0.19 -5.36 -3.30
N ILE A 28 -0.29 -4.57 -4.34
CA ILE A 28 -1.52 -4.49 -5.12
C ILE A 28 -1.58 -5.56 -6.15
N ASN A 29 -0.45 -5.92 -6.59
CA ASN A 29 -0.29 -6.87 -7.60
C ASN A 29 0.13 -8.20 -7.03
N CYS A 30 0.78 -8.19 -5.87
CA CYS A 30 1.17 -9.46 -5.24
C CYS A 30 0.15 -9.92 -4.20
N GLN A 31 -0.39 -8.95 -3.43
CA GLN A 31 -1.21 -9.22 -2.26
C GLN A 31 -0.39 -9.81 -1.16
N LYS A 32 0.87 -9.55 -1.28
CA LYS A 32 1.87 -9.86 -0.33
C LYS A 32 1.85 -8.77 0.67
N PRO A 33 1.70 -9.09 1.91
CA PRO A 33 1.67 -8.10 2.92
C PRO A 33 3.02 -7.39 3.10
N LEU A 34 2.97 -6.09 2.94
CA LEU A 34 4.13 -5.24 2.96
C LEU A 34 4.40 -4.83 4.37
N SER A 35 5.64 -4.78 4.69
CA SER A 35 6.08 -4.45 6.01
C SER A 35 6.48 -2.96 5.98
N PRO A 36 6.98 -2.34 7.11
CA PRO A 36 7.39 -0.93 7.13
C PRO A 36 8.32 -0.58 5.98
N GLU A 37 9.07 -1.57 5.52
CA GLU A 37 9.96 -1.42 4.39
C GLU A 37 9.24 -0.92 3.13
N GLU A 38 8.15 -1.57 2.73
CA GLU A 38 7.43 -1.11 1.55
C GLU A 38 6.46 -0.01 1.91
N LYS A 39 5.97 -0.04 3.13
CA LYS A 39 5.08 1.00 3.66
C LYS A 39 5.78 2.33 3.61
N GLN A 40 7.04 2.35 3.97
CA GLN A 40 7.88 3.53 3.93
C GLN A 40 8.10 3.98 2.53
N ARG A 41 7.81 3.14 1.61
CA ARG A 41 7.96 3.52 0.23
C ARG A 41 6.79 4.43 -0.12
N HIS A 42 5.68 4.19 0.52
CA HIS A 42 4.47 4.96 0.32
C HIS A 42 4.38 6.13 1.29
N LEU A 43 5.19 6.06 2.33
CA LEU A 43 5.24 7.11 3.35
C LEU A 43 6.35 8.09 3.08
N ASP A 44 7.56 7.57 3.07
CA ASP A 44 8.79 8.35 2.82
C ASP A 44 8.82 8.87 1.41
N LYS A 45 8.82 7.93 0.46
CA LYS A 45 8.92 8.27 -0.95
C LYS A 45 7.57 8.67 -1.48
N LYS A 46 6.54 8.29 -0.72
CA LYS A 46 5.16 8.66 -0.97
C LYS A 46 4.66 8.13 -2.34
N GLN A 47 4.98 6.87 -2.67
CA GLN A 47 4.59 6.26 -3.99
C GLN A 47 3.06 6.23 -4.24
N ARG A 48 2.26 6.50 -3.21
CA ARG A 48 0.78 6.41 -3.24
C ARG A 48 0.33 4.96 -3.34
N PHE A 49 -0.90 4.75 -2.98
CA PHE A 49 -1.56 3.41 -3.09
C PHE A 49 -3.08 3.57 -3.00
N HIS A 50 -3.76 2.47 -2.80
CA HIS A 50 -5.18 2.43 -2.63
C HIS A 50 -5.47 2.12 -1.15
N ASN A 51 -6.58 2.64 -0.60
CA ASN A 51 -7.02 2.39 0.81
C ASN A 51 -8.24 1.52 0.82
N ILE A 52 -8.23 0.47 1.61
CA ILE A 52 -9.32 -0.47 1.67
C ILE A 52 -9.84 -0.53 3.11
N ARG A 53 -10.91 -1.18 3.38
CA ARG A 53 -11.39 -1.21 4.73
C ARG A 53 -10.78 -2.37 5.46
N GLY A 54 -9.86 -2.08 6.34
CA GLY A 54 -9.23 -3.10 7.15
C GLY A 54 -7.85 -3.45 6.66
N ARG A 55 -7.58 -3.16 5.41
CA ARG A 55 -6.28 -3.40 4.82
C ARG A 55 -6.10 -2.43 3.70
N TRP A 56 -4.97 -2.49 3.02
CA TRP A 56 -4.95 -1.91 1.74
C TRP A 56 -4.15 -2.69 0.71
N THR A 57 -3.93 -2.07 -0.44
CA THR A 57 -3.17 -2.63 -1.47
C THR A 57 -2.26 -1.48 -2.04
N GLY A 58 -0.98 -1.76 -2.00
CA GLY A 58 0.09 -0.86 -2.34
C GLY A 58 0.90 -1.43 -3.41
N ARG A 59 2.18 -1.33 -3.35
CA ARG A 59 3.06 -1.94 -4.36
C ARG A 59 4.33 -2.17 -3.73
N CYS A 60 4.70 -3.44 -3.56
CA CYS A 60 5.96 -3.71 -2.96
C CYS A 60 7.07 -3.16 -3.80
N MET A 61 8.22 -3.13 -3.25
CA MET A 61 9.42 -2.53 -3.89
C MET A 61 9.58 -2.97 -5.31
N SER A 62 9.40 -4.21 -5.50
CA SER A 62 9.51 -4.80 -6.79
C SER A 62 8.43 -4.25 -7.75
N CYS A 63 7.24 -4.05 -7.23
CA CYS A 63 6.10 -3.71 -7.98
C CYS A 63 5.83 -2.22 -8.07
N SER A 64 6.41 -1.49 -7.19
CA SER A 64 6.30 -0.09 -7.18
C SER A 64 7.26 0.50 -8.22
N ARG A 65 8.39 -0.19 -8.41
CA ARG A 65 9.40 0.21 -9.38
C ARG A 65 9.04 -0.34 -10.74
N SER A 66 8.45 -1.51 -10.75
CA SER A 66 8.09 -2.17 -11.95
C SER A 66 6.85 -1.57 -12.56
N SER A 67 6.95 -1.24 -13.80
CA SER A 67 5.85 -0.76 -14.55
C SER A 67 5.31 -1.88 -15.42
N ARG A 68 6.01 -3.02 -15.42
CA ARG A 68 5.59 -4.17 -16.23
C ARG A 68 4.66 -5.06 -15.41
N THR A 69 4.75 -4.95 -14.10
CA THR A 69 3.93 -5.74 -13.25
C THR A 69 2.51 -5.19 -13.23
N ARG A 70 1.63 -5.88 -13.90
CA ARG A 70 0.28 -5.42 -14.03
C ARG A 70 -0.68 -6.61 -13.88
N ARG A 71 -0.23 -7.63 -13.19
CA ARG A 71 -1.08 -8.74 -12.89
C ARG A 71 -1.90 -8.48 -11.66
N GLU A 72 -2.92 -9.28 -11.47
CA GLU A 72 -3.81 -9.11 -10.37
C GLU A 72 -3.42 -10.02 -9.24
N THR A 73 -2.96 -11.19 -9.60
CA THR A 73 -2.61 -12.20 -8.61
C THR A 73 -1.65 -13.20 -9.24
N GLN A 74 -0.78 -12.63 -10.06
CA GLN A 74 0.25 -13.38 -10.84
C GLN A 74 -0.41 -14.15 -11.95
N LEU A 75 -1.60 -13.74 -12.19
CA LEU A 75 -2.50 -14.22 -13.15
C LEU A 75 -3.67 -13.31 -12.85
ZN ZN B . 4.69 -6.91 -5.27
N GLY A 1 -14.80 10.42 3.60
CA GLY A 1 -14.86 9.09 4.19
C GLY A 1 -13.50 8.45 4.16
N ALA A 2 -13.37 7.30 4.79
CA ALA A 2 -12.08 6.63 4.84
C ALA A 2 -12.13 5.30 4.14
N MET A 3 -13.16 5.12 3.38
CA MET A 3 -13.39 3.86 2.76
C MET A 3 -13.04 3.84 1.28
N SER A 4 -12.00 3.11 1.01
CA SER A 4 -11.55 2.70 -0.31
C SER A 4 -11.40 3.79 -1.39
N TYR A 5 -10.17 4.19 -1.59
CA TYR A 5 -9.77 5.15 -2.60
C TYR A 5 -8.27 5.22 -2.64
N SER A 6 -7.73 5.88 -3.61
CA SER A 6 -6.31 5.97 -3.72
C SER A 6 -5.83 7.17 -2.90
N LEU A 7 -4.69 7.04 -2.24
CA LEU A 7 -4.21 8.11 -1.38
C LEU A 7 -2.69 8.03 -1.24
N TYR A 8 -2.12 9.10 -0.72
CA TYR A 8 -0.72 9.18 -0.34
C TYR A 8 -0.57 8.46 0.92
N GLY A 9 0.32 7.50 0.89
CA GLY A 9 0.55 6.66 2.00
C GLY A 9 0.83 7.37 3.22
N THR A 10 1.72 8.28 3.09
CA THR A 10 2.26 9.13 4.15
C THR A 10 1.15 9.78 5.08
N THR A 11 -0.10 9.82 4.60
CA THR A 11 -1.17 10.34 5.40
C THR A 11 -1.98 9.26 6.17
N LEU A 12 -1.80 7.99 5.83
CA LEU A 12 -2.59 6.84 6.41
C LEU A 12 -2.66 6.77 7.92
N GLU A 13 -1.70 7.31 8.61
CA GLU A 13 -1.71 7.31 10.06
C GLU A 13 -2.92 8.14 10.58
N GLN A 14 -3.38 9.06 9.73
CA GLN A 14 -4.54 9.92 9.94
C GLN A 14 -5.84 9.15 9.61
N GLN A 15 -5.70 8.20 8.72
CA GLN A 15 -6.82 7.54 8.09
C GLN A 15 -7.53 6.53 9.00
N TYR A 16 -6.84 5.46 9.29
CA TYR A 16 -7.46 4.35 9.97
C TYR A 16 -7.34 4.40 11.45
N ASN A 17 -6.48 5.28 11.91
CA ASN A 17 -6.12 5.46 13.36
C ASN A 17 -5.29 4.27 13.81
N LYS A 18 -5.05 3.44 12.86
CA LYS A 18 -4.27 2.31 12.92
C LYS A 18 -3.39 2.49 11.67
N PRO A 19 -2.13 2.85 11.90
CA PRO A 19 -1.22 3.22 10.82
C PRO A 19 -0.73 2.01 10.09
N LEU A 20 0.10 2.23 9.11
CA LEU A 20 0.72 1.15 8.33
C LEU A 20 1.44 0.19 9.23
N SER A 21 2.08 0.70 10.26
CA SER A 21 2.80 -0.13 11.22
C SER A 21 1.85 -1.12 11.94
N ASP A 22 0.56 -0.87 11.86
CA ASP A 22 -0.42 -1.71 12.49
C ASP A 22 -1.34 -2.33 11.46
N LEU A 23 -1.44 -1.71 10.29
CA LEU A 23 -2.43 -2.09 9.31
C LEU A 23 -1.91 -3.20 8.45
N LEU A 24 -2.74 -4.20 8.26
CA LEU A 24 -2.41 -5.26 7.38
C LEU A 24 -2.50 -4.67 6.02
N ILE A 25 -1.45 -4.67 5.38
CA ILE A 25 -1.30 -3.97 4.21
C ILE A 25 -0.62 -4.88 3.21
N ARG A 26 -1.01 -4.83 1.94
CA ARG A 26 -0.44 -5.78 0.99
C ARG A 26 -0.20 -5.15 -0.35
N CYS A 27 0.72 -5.73 -1.11
CA CYS A 27 0.98 -5.35 -2.44
C CYS A 27 -0.33 -5.42 -3.27
N ILE A 28 -0.43 -4.67 -4.35
CA ILE A 28 -1.65 -4.65 -5.11
C ILE A 28 -1.66 -5.74 -6.15
N ASN A 29 -0.51 -5.98 -6.65
CA ASN A 29 -0.28 -6.99 -7.65
C ASN A 29 0.14 -8.23 -6.97
N CYS A 30 0.79 -8.13 -5.81
CA CYS A 30 1.24 -9.35 -5.20
C CYS A 30 0.21 -9.92 -4.23
N GLN A 31 -0.43 -9.01 -3.46
CA GLN A 31 -1.30 -9.32 -2.35
C GLN A 31 -0.49 -9.81 -1.16
N LYS A 32 0.80 -9.59 -1.27
CA LYS A 32 1.77 -9.85 -0.27
C LYS A 32 1.75 -8.74 0.70
N PRO A 33 1.62 -9.04 1.96
CA PRO A 33 1.60 -8.04 2.96
C PRO A 33 2.96 -7.33 3.14
N LEU A 34 2.98 -6.05 2.79
CA LEU A 34 4.16 -5.21 2.84
C LEU A 34 4.44 -4.87 4.26
N SER A 35 5.66 -4.94 4.59
CA SER A 35 6.11 -4.63 5.91
C SER A 35 6.56 -3.16 5.92
N PRO A 36 7.03 -2.55 7.08
CA PRO A 36 7.46 -1.13 7.14
C PRO A 36 8.36 -0.74 5.98
N GLU A 37 9.14 -1.69 5.51
CA GLU A 37 10.03 -1.51 4.37
C GLU A 37 9.28 -1.00 3.12
N GLU A 38 8.17 -1.63 2.77
CA GLU A 38 7.46 -1.26 1.59
C GLU A 38 6.33 -0.28 1.90
N LYS A 39 5.94 -0.25 3.14
CA LYS A 39 5.01 0.75 3.68
C LYS A 39 5.64 2.11 3.64
N GLN A 40 6.92 2.15 3.95
CA GLN A 40 7.69 3.37 3.93
C GLN A 40 7.88 3.86 2.55
N ARG A 41 7.58 3.05 1.62
CA ARG A 41 7.67 3.48 0.26
C ARG A 41 6.54 4.47 0.01
N HIS A 42 5.45 4.17 0.63
CA HIS A 42 4.25 4.94 0.51
C HIS A 42 4.24 6.10 1.50
N LEU A 43 5.04 5.98 2.55
CA LEU A 43 5.12 7.02 3.60
C LEU A 43 6.28 7.97 3.37
N ASP A 44 7.47 7.41 3.33
CA ASP A 44 8.72 8.16 3.12
C ASP A 44 8.75 8.77 1.76
N LYS A 45 8.66 7.91 0.75
CA LYS A 45 8.77 8.31 -0.64
C LYS A 45 7.41 8.74 -1.15
N LYS A 46 6.43 8.43 -0.33
CA LYS A 46 5.06 8.86 -0.48
C LYS A 46 4.38 8.30 -1.73
N GLN A 47 4.78 7.10 -2.13
CA GLN A 47 4.15 6.38 -3.24
C GLN A 47 2.64 6.21 -2.98
N ARG A 48 1.86 6.57 -3.96
CA ARG A 48 0.42 6.52 -3.88
C ARG A 48 -0.08 5.08 -4.10
N PHE A 49 -1.02 4.67 -3.29
CA PHE A 49 -1.62 3.32 -3.32
C PHE A 49 -3.13 3.44 -3.17
N HIS A 50 -3.78 2.36 -2.83
CA HIS A 50 -5.18 2.36 -2.56
C HIS A 50 -5.38 2.13 -1.03
N ASN A 51 -6.46 2.69 -0.46
CA ASN A 51 -6.86 2.55 0.99
C ASN A 51 -8.08 1.69 1.06
N ILE A 52 -8.08 0.66 1.87
CA ILE A 52 -9.20 -0.24 1.93
C ILE A 52 -9.71 -0.39 3.38
N ARG A 53 -10.95 -0.77 3.51
CA ARG A 53 -11.59 -1.01 4.79
C ARG A 53 -10.85 -2.11 5.58
N GLY A 54 -9.98 -1.70 6.48
CA GLY A 54 -9.30 -2.62 7.35
C GLY A 54 -7.90 -3.01 6.88
N ARG A 55 -7.63 -2.84 5.60
CA ARG A 55 -6.33 -3.20 5.01
C ARG A 55 -6.10 -2.33 3.82
N TRP A 56 -5.00 -2.49 3.12
CA TRP A 56 -4.99 -1.95 1.80
C TRP A 56 -4.25 -2.77 0.76
N THR A 57 -4.00 -2.15 -0.40
CA THR A 57 -3.28 -2.74 -1.44
C THR A 57 -2.39 -1.59 -2.07
N GLY A 58 -1.11 -1.86 -2.08
CA GLY A 58 -0.08 -0.93 -2.46
C GLY A 58 0.75 -1.50 -3.56
N ARG A 59 2.03 -1.44 -3.44
CA ARG A 59 2.94 -2.09 -4.36
C ARG A 59 4.27 -2.17 -3.81
N CYS A 60 4.66 -3.41 -3.52
CA CYS A 60 5.96 -3.68 -2.93
C CYS A 60 7.09 -3.15 -3.81
N MET A 61 8.32 -3.17 -3.32
CA MET A 61 9.52 -2.68 -4.06
C MET A 61 9.57 -3.16 -5.49
N SER A 62 9.30 -4.41 -5.64
CA SER A 62 9.33 -5.03 -6.96
C SER A 62 8.24 -4.44 -7.88
N CYS A 63 7.10 -4.11 -7.29
CA CYS A 63 5.96 -3.67 -7.97
C CYS A 63 5.82 -2.16 -8.06
N SER A 64 6.47 -1.48 -7.21
CA SER A 64 6.43 -0.07 -7.17
C SER A 64 7.42 0.52 -8.19
N ARG A 65 8.56 -0.15 -8.34
CA ARG A 65 9.57 0.21 -9.32
C ARG A 65 9.16 -0.31 -10.69
N SER A 66 8.25 -1.24 -10.65
CA SER A 66 7.72 -1.93 -11.79
C SER A 66 7.09 -0.97 -12.78
N SER A 67 7.85 -0.59 -13.75
CA SER A 67 7.38 0.26 -14.80
C SER A 67 7.08 -0.59 -16.03
N ARG A 68 7.80 -1.68 -16.16
CA ARG A 68 7.65 -2.56 -17.28
C ARG A 68 6.74 -3.74 -16.91
N THR A 69 7.03 -4.37 -15.77
CA THR A 69 6.28 -5.54 -15.33
C THR A 69 4.77 -5.23 -15.13
N ARG A 70 4.45 -4.35 -14.15
CA ARG A 70 3.07 -3.91 -13.81
C ARG A 70 2.04 -5.00 -13.95
N ARG A 71 1.94 -5.82 -12.95
CA ARG A 71 1.09 -6.94 -13.00
C ARG A 71 -0.17 -6.76 -12.21
N GLU A 72 -1.06 -7.70 -12.41
CA GLU A 72 -2.29 -7.75 -11.73
C GLU A 72 -2.15 -8.77 -10.63
N THR A 73 -1.64 -9.90 -11.02
CA THR A 73 -1.45 -11.04 -10.14
C THR A 73 -0.33 -11.90 -10.71
N GLN A 74 0.50 -11.26 -11.49
CA GLN A 74 1.66 -11.84 -12.11
C GLN A 74 1.33 -12.95 -13.07
N LEU A 75 1.08 -12.54 -14.29
CA LEU A 75 0.76 -13.40 -15.38
C LEU A 75 1.48 -12.85 -16.55
ZN ZN B . 4.56 -6.77 -5.32
N GLY A 1 -11.62 8.15 6.22
CA GLY A 1 -11.56 6.70 6.04
C GLY A 1 -12.91 6.13 5.70
N ALA A 2 -13.47 6.57 4.60
CA ALA A 2 -14.74 6.11 4.14
C ALA A 2 -14.62 5.69 2.70
N MET A 3 -15.06 4.47 2.41
CA MET A 3 -14.99 3.87 1.06
C MET A 3 -13.53 3.51 0.70
N SER A 4 -13.34 2.86 -0.41
CA SER A 4 -12.06 2.59 -0.96
C SER A 4 -11.66 3.74 -1.92
N TYR A 5 -10.41 4.12 -1.91
CA TYR A 5 -9.88 5.23 -2.71
C TYR A 5 -8.38 5.15 -2.70
N SER A 6 -7.74 6.09 -3.29
CA SER A 6 -6.32 6.14 -3.28
C SER A 6 -5.89 7.31 -2.36
N LEU A 7 -4.68 7.25 -1.82
CA LEU A 7 -4.21 8.29 -0.92
C LEU A 7 -2.69 8.26 -0.86
N TYR A 8 -2.11 9.30 -0.30
CA TYR A 8 -0.69 9.33 0.02
C TYR A 8 -0.48 8.53 1.24
N GLY A 9 0.38 7.55 1.13
CA GLY A 9 0.64 6.68 2.21
C GLY A 9 1.10 7.35 3.42
N THR A 10 2.00 8.25 3.24
CA THR A 10 2.61 9.05 4.31
C THR A 10 1.53 9.63 5.29
N THR A 11 0.32 9.82 4.81
CA THR A 11 -0.74 10.36 5.62
C THR A 11 -1.60 9.23 6.30
N LEU A 12 -1.53 7.99 5.80
CA LEU A 12 -2.36 6.82 6.28
C LEU A 12 -2.48 6.62 7.79
N GLU A 13 -1.52 7.09 8.53
CA GLU A 13 -1.54 6.97 9.98
C GLU A 13 -2.75 7.70 10.60
N GLN A 14 -3.30 8.67 9.89
CA GLN A 14 -4.49 9.41 10.35
C GLN A 14 -5.74 8.79 9.87
N GLN A 15 -5.61 8.20 8.76
CA GLN A 15 -6.72 7.65 8.00
C GLN A 15 -7.50 6.61 8.78
N TYR A 16 -6.82 5.58 9.19
CA TYR A 16 -7.48 4.50 9.87
C TYR A 16 -7.39 4.63 11.35
N ASN A 17 -6.43 5.43 11.77
CA ASN A 17 -6.04 5.65 13.20
C ASN A 17 -5.26 4.44 13.69
N LYS A 18 -5.22 3.48 12.83
CA LYS A 18 -4.48 2.30 12.92
C LYS A 18 -3.56 2.42 11.72
N PRO A 19 -2.30 2.68 11.98
CA PRO A 19 -1.35 3.03 10.93
C PRO A 19 -0.87 1.84 10.13
N LEU A 20 -0.01 2.09 9.18
CA LEU A 20 0.62 1.08 8.36
C LEU A 20 1.30 0.07 9.23
N SER A 21 1.95 0.52 10.27
CA SER A 21 2.62 -0.35 11.22
C SER A 21 1.62 -1.30 11.95
N ASP A 22 0.34 -1.06 11.80
CA ASP A 22 -0.69 -1.85 12.45
C ASP A 22 -1.66 -2.48 11.43
N LEU A 23 -1.74 -1.89 10.24
CA LEU A 23 -2.72 -2.26 9.24
C LEU A 23 -2.16 -3.38 8.38
N LEU A 24 -2.97 -4.41 8.11
CA LEU A 24 -2.54 -5.42 7.18
C LEU A 24 -2.57 -4.75 5.85
N ILE A 25 -1.50 -4.77 5.24
CA ILE A 25 -1.29 -4.02 4.11
C ILE A 25 -0.56 -4.90 3.12
N ARG A 26 -0.87 -4.82 1.83
CA ARG A 26 -0.27 -5.74 0.85
C ARG A 26 -0.01 -5.06 -0.45
N CYS A 27 0.90 -5.62 -1.22
CA CYS A 27 1.13 -5.20 -2.54
C CYS A 27 -0.18 -5.30 -3.36
N ILE A 28 -0.31 -4.52 -4.37
CA ILE A 28 -1.52 -4.48 -5.15
C ILE A 28 -1.48 -5.44 -6.29
N ASN A 29 -0.35 -5.49 -6.87
CA ASN A 29 -0.06 -6.36 -7.96
C ASN A 29 0.32 -7.69 -7.41
N CYS A 30 1.07 -7.72 -6.28
CA CYS A 30 1.52 -9.01 -5.86
C CYS A 30 0.78 -9.60 -4.66
N GLN A 31 -0.05 -8.78 -3.99
CA GLN A 31 -0.91 -9.18 -2.88
C GLN A 31 -0.16 -9.62 -1.63
N LYS A 32 1.11 -9.47 -1.68
CA LYS A 32 1.98 -9.78 -0.59
C LYS A 32 1.90 -8.70 0.45
N PRO A 33 1.67 -9.06 1.67
CA PRO A 33 1.62 -8.11 2.76
C PRO A 33 2.97 -7.40 2.98
N LEU A 34 2.95 -6.10 2.84
CA LEU A 34 4.12 -5.25 2.89
C LEU A 34 4.40 -4.88 4.29
N SER A 35 5.62 -5.01 4.64
CA SER A 35 6.07 -4.68 5.96
C SER A 35 6.51 -3.19 5.93
N PRO A 36 6.95 -2.56 7.07
CA PRO A 36 7.35 -1.11 7.11
C PRO A 36 8.29 -0.74 5.96
N GLU A 37 9.09 -1.71 5.55
CA GLU A 37 10.01 -1.59 4.43
C GLU A 37 9.29 -1.11 3.14
N GLU A 38 8.16 -1.73 2.81
CA GLU A 38 7.45 -1.46 1.60
C GLU A 38 6.33 -0.47 1.85
N LYS A 39 6.06 -0.23 3.09
CA LYS A 39 5.13 0.80 3.54
C LYS A 39 5.81 2.14 3.45
N GLN A 40 7.09 2.15 3.74
CA GLN A 40 7.88 3.36 3.67
C GLN A 40 8.08 3.81 2.27
N ARG A 41 7.73 2.97 1.39
CA ARG A 41 7.73 3.27 0.01
C ARG A 41 6.65 4.33 -0.23
N HIS A 42 5.58 4.14 0.44
CA HIS A 42 4.42 4.96 0.34
C HIS A 42 4.45 6.09 1.36
N LEU A 43 5.32 5.97 2.33
CA LEU A 43 5.46 7.00 3.35
C LEU A 43 6.61 7.94 3.04
N ASP A 44 7.78 7.37 2.80
CA ASP A 44 8.99 8.14 2.42
C ASP A 44 8.83 8.78 1.06
N LYS A 45 8.60 7.94 0.06
CA LYS A 45 8.50 8.41 -1.31
C LYS A 45 7.11 8.87 -1.58
N LYS A 46 6.24 8.51 -0.63
CA LYS A 46 4.86 8.97 -0.56
C LYS A 46 4.05 8.53 -1.76
N GLN A 47 4.41 7.37 -2.29
CA GLN A 47 3.76 6.78 -3.45
C GLN A 47 2.31 6.47 -3.12
N ARG A 48 1.44 6.78 -4.05
CA ARG A 48 0.03 6.50 -3.88
C ARG A 48 -0.25 5.03 -4.03
N PHE A 49 -1.19 4.60 -3.26
CA PHE A 49 -1.69 3.25 -3.27
C PHE A 49 -3.18 3.31 -3.10
N HIS A 50 -3.79 2.19 -2.86
CA HIS A 50 -5.20 2.17 -2.66
C HIS A 50 -5.45 2.01 -1.13
N ASN A 51 -6.56 2.56 -0.64
CA ASN A 51 -6.99 2.46 0.77
C ASN A 51 -8.24 1.65 0.86
N ILE A 52 -8.16 0.55 1.57
CA ILE A 52 -9.25 -0.38 1.69
C ILE A 52 -9.71 -0.39 3.15
N ARG A 53 -10.95 -0.65 3.40
CA ARG A 53 -11.46 -0.60 4.76
C ARG A 53 -10.91 -1.77 5.57
N GLY A 54 -9.88 -1.49 6.35
CA GLY A 54 -9.33 -2.47 7.23
C GLY A 54 -7.97 -2.95 6.77
N ARG A 55 -7.66 -2.79 5.51
CA ARG A 55 -6.36 -3.19 4.95
C ARG A 55 -6.07 -2.33 3.76
N TRP A 56 -4.93 -2.49 3.12
CA TRP A 56 -4.85 -1.98 1.79
C TRP A 56 -4.05 -2.82 0.81
N THR A 57 -3.83 -2.24 -0.38
CA THR A 57 -3.09 -2.82 -1.40
C THR A 57 -2.21 -1.64 -2.05
N GLY A 58 -0.91 -1.84 -2.05
CA GLY A 58 0.11 -0.86 -2.41
C GLY A 58 1.03 -1.36 -3.47
N ARG A 59 2.23 -0.95 -3.47
CA ARG A 59 3.19 -1.52 -4.38
C ARG A 59 4.45 -1.69 -3.63
N CYS A 60 4.82 -2.92 -3.36
CA CYS A 60 6.06 -3.15 -2.68
C CYS A 60 7.23 -2.64 -3.51
N MET A 61 8.43 -2.75 -3.01
CA MET A 61 9.65 -2.22 -3.68
C MET A 61 9.77 -2.72 -5.07
N SER A 62 9.58 -3.97 -5.22
CA SER A 62 9.68 -4.62 -6.52
C SER A 62 8.60 -4.07 -7.51
N CYS A 63 7.43 -3.78 -6.99
CA CYS A 63 6.35 -3.39 -7.77
C CYS A 63 6.20 -1.87 -7.89
N SER A 64 6.63 -1.15 -6.91
CA SER A 64 6.60 0.27 -6.92
C SER A 64 7.65 0.76 -7.92
N ARG A 65 8.67 -0.07 -8.13
CA ARG A 65 9.63 0.15 -9.15
C ARG A 65 9.04 -0.25 -10.49
N SER A 66 8.62 -1.50 -10.61
CA SER A 66 8.06 -1.98 -11.85
C SER A 66 6.77 -2.82 -11.67
N SER A 67 5.65 -2.14 -11.61
CA SER A 67 4.34 -2.80 -11.60
C SER A 67 3.73 -2.70 -12.98
N ARG A 68 3.75 -1.48 -13.48
CA ARG A 68 3.20 -1.11 -14.78
C ARG A 68 3.99 -1.76 -15.89
N THR A 69 5.24 -2.03 -15.63
CA THR A 69 6.11 -2.66 -16.59
C THR A 69 6.06 -4.20 -16.40
N ARG A 70 5.26 -4.66 -15.48
CA ARG A 70 5.15 -6.07 -15.20
C ARG A 70 3.74 -6.55 -15.37
N ARG A 71 3.52 -7.79 -15.03
CA ARG A 71 2.22 -8.37 -15.14
C ARG A 71 1.48 -7.98 -13.91
N GLU A 72 0.31 -7.52 -14.13
CA GLU A 72 -0.54 -6.86 -13.12
C GLU A 72 -1.00 -7.85 -12.03
N THR A 73 -0.78 -9.12 -12.27
CA THR A 73 -1.25 -10.16 -11.39
C THR A 73 -0.33 -11.38 -11.49
N GLN A 74 0.90 -11.11 -11.93
CA GLN A 74 1.97 -12.12 -12.07
C GLN A 74 1.48 -13.41 -12.71
N LEU A 75 1.11 -13.32 -13.94
CA LEU A 75 0.59 -14.43 -14.65
C LEU A 75 1.12 -14.30 -16.04
ZN ZN B . 4.90 -6.41 -5.00
N GLY A 1 -12.48 11.22 5.65
CA GLY A 1 -11.87 9.95 5.32
C GLY A 1 -12.89 8.92 4.99
N ALA A 2 -12.53 7.64 5.20
CA ALA A 2 -13.36 6.46 4.90
C ALA A 2 -13.49 6.24 3.39
N MET A 3 -14.19 5.14 3.03
CA MET A 3 -14.39 4.72 1.63
C MET A 3 -13.09 4.14 1.04
N SER A 4 -13.18 3.54 -0.11
CA SER A 4 -12.03 3.07 -0.78
C SER A 4 -11.64 4.09 -1.84
N TYR A 5 -10.42 4.52 -1.80
CA TYR A 5 -9.89 5.57 -2.64
C TYR A 5 -8.40 5.39 -2.67
N SER A 6 -7.70 6.17 -3.43
CA SER A 6 -6.27 6.07 -3.43
C SER A 6 -5.71 7.28 -2.68
N LEU A 7 -4.61 7.10 -1.96
CA LEU A 7 -4.09 8.20 -1.15
C LEU A 7 -2.56 8.11 -1.01
N TYR A 8 -1.97 9.21 -0.61
CA TYR A 8 -0.59 9.32 -0.19
C TYR A 8 -0.41 8.56 1.08
N GLY A 9 0.42 7.53 1.00
CA GLY A 9 0.66 6.69 2.12
C GLY A 9 1.00 7.38 3.35
N THR A 10 1.88 8.31 3.19
CA THR A 10 2.46 9.15 4.23
C THR A 10 1.36 9.71 5.21
N THR A 11 0.14 9.93 4.72
CA THR A 11 -0.92 10.47 5.53
C THR A 11 -1.77 9.40 6.25
N LEU A 12 -1.62 8.14 5.91
CA LEU A 12 -2.45 7.04 6.51
C LEU A 12 -2.46 6.94 8.03
N GLU A 13 -1.50 7.53 8.69
CA GLU A 13 -1.46 7.47 10.15
C GLU A 13 -2.48 8.46 10.76
N GLN A 14 -3.13 9.19 9.88
CA GLN A 14 -4.20 10.13 10.19
C GLN A 14 -5.55 9.42 10.06
N GLN A 15 -5.56 8.38 9.25
CA GLN A 15 -6.81 7.83 8.76
C GLN A 15 -7.45 6.66 9.56
N TYR A 16 -6.82 5.51 9.53
CA TYR A 16 -7.48 4.26 9.95
C TYR A 16 -7.63 4.06 11.44
N ASN A 17 -6.79 4.75 12.24
CA ASN A 17 -6.66 4.52 13.73
C ASN A 17 -5.92 3.21 13.91
N LYS A 18 -5.37 2.81 12.82
CA LYS A 18 -4.72 1.57 12.57
C LYS A 18 -3.76 1.92 11.43
N PRO A 19 -2.63 2.52 11.76
CA PRO A 19 -1.71 2.99 10.75
C PRO A 19 -0.98 1.86 10.08
N LEU A 20 -0.13 2.18 9.14
CA LEU A 20 0.68 1.19 8.43
C LEU A 20 1.44 0.31 9.42
N SER A 21 1.84 0.86 10.55
CA SER A 21 2.53 0.10 11.59
C SER A 21 1.64 -1.02 12.18
N ASP A 22 0.34 -0.91 11.97
CA ASP A 22 -0.60 -1.86 12.52
C ASP A 22 -1.42 -2.53 11.42
N LEU A 23 -1.64 -1.82 10.33
CA LEU A 23 -2.59 -2.22 9.34
C LEU A 23 -2.00 -3.33 8.46
N LEU A 24 -2.77 -4.38 8.21
CA LEU A 24 -2.34 -5.37 7.26
C LEU A 24 -2.40 -4.68 5.93
N ILE A 25 -1.34 -4.64 5.31
CA ILE A 25 -1.19 -3.90 4.16
C ILE A 25 -0.51 -4.78 3.11
N ARG A 26 -0.89 -4.68 1.84
CA ARG A 26 -0.34 -5.61 0.84
C ARG A 26 -0.10 -4.94 -0.47
N CYS A 27 0.78 -5.55 -1.26
CA CYS A 27 1.04 -5.14 -2.58
C CYS A 27 -0.29 -5.17 -3.40
N ILE A 28 -0.39 -4.44 -4.46
CA ILE A 28 -1.60 -4.39 -5.24
C ILE A 28 -1.60 -5.44 -6.30
N ASN A 29 -0.44 -5.62 -6.86
CA ASN A 29 -0.22 -6.57 -7.89
C ASN A 29 0.18 -7.86 -7.24
N CYS A 30 0.80 -7.82 -6.06
CA CYS A 30 1.18 -9.08 -5.48
C CYS A 30 0.12 -9.64 -4.55
N GLN A 31 -0.50 -8.73 -3.78
CA GLN A 31 -1.40 -9.06 -2.68
C GLN A 31 -0.63 -9.66 -1.53
N LYS A 32 0.65 -9.41 -1.58
CA LYS A 32 1.61 -9.78 -0.61
C LYS A 32 1.65 -8.70 0.42
N PRO A 33 1.51 -9.04 1.65
CA PRO A 33 1.58 -8.07 2.70
C PRO A 33 2.96 -7.39 2.79
N LEU A 34 2.95 -6.08 2.85
CA LEU A 34 4.13 -5.25 2.86
C LEU A 34 4.49 -4.91 4.24
N SER A 35 5.73 -4.86 4.47
CA SER A 35 6.28 -4.60 5.75
C SER A 35 6.63 -3.11 5.77
N PRO A 36 7.18 -2.55 6.91
CA PRO A 36 7.59 -1.13 6.97
C PRO A 36 8.46 -0.72 5.78
N GLU A 37 9.12 -1.68 5.17
CA GLU A 37 9.97 -1.44 4.03
C GLU A 37 9.20 -0.89 2.84
N GLU A 38 8.17 -1.58 2.38
CA GLU A 38 7.43 -1.08 1.24
C GLU A 38 6.49 0.03 1.66
N LYS A 39 6.03 -0.07 2.89
CA LYS A 39 5.18 0.96 3.52
C LYS A 39 5.90 2.30 3.52
N GLN A 40 7.17 2.26 3.84
CA GLN A 40 7.96 3.47 3.89
C GLN A 40 8.23 4.01 2.54
N ARG A 41 7.92 3.26 1.54
CA ARG A 41 8.02 3.78 0.21
C ARG A 41 6.88 4.78 0.06
N HIS A 42 5.70 4.33 0.47
CA HIS A 42 4.48 5.10 0.40
C HIS A 42 4.48 6.24 1.42
N LEU A 43 5.28 6.10 2.45
CA LEU A 43 5.37 7.12 3.48
C LEU A 43 6.49 8.11 3.20
N ASP A 44 7.72 7.62 3.17
CA ASP A 44 8.91 8.49 2.92
C ASP A 44 8.81 9.19 1.59
N LYS A 45 8.73 8.40 0.53
CA LYS A 45 8.67 8.93 -0.82
C LYS A 45 7.29 9.46 -1.11
N LYS A 46 6.38 9.14 -0.19
CA LYS A 46 5.02 9.61 -0.19
C LYS A 46 4.28 9.11 -1.43
N GLN A 47 4.55 7.86 -1.80
CA GLN A 47 3.90 7.25 -2.97
C GLN A 47 2.40 7.06 -2.72
N ARG A 48 1.69 6.83 -3.78
CA ARG A 48 0.26 6.61 -3.72
C ARG A 48 -0.08 5.13 -3.83
N PHE A 49 -1.10 4.74 -3.12
CA PHE A 49 -1.65 3.39 -3.16
C PHE A 49 -3.15 3.49 -3.03
N HIS A 50 -3.82 2.39 -2.80
CA HIS A 50 -5.25 2.40 -2.60
C HIS A 50 -5.53 2.16 -1.11
N ASN A 51 -6.67 2.63 -0.59
CA ASN A 51 -7.15 2.46 0.82
C ASN A 51 -8.38 1.57 0.86
N ILE A 52 -8.30 0.46 1.61
CA ILE A 52 -9.37 -0.49 1.67
C ILE A 52 -9.82 -0.62 3.14
N ARG A 53 -10.90 -1.25 3.43
CA ARG A 53 -11.34 -1.31 4.80
C ARG A 53 -10.72 -2.48 5.53
N GLY A 54 -9.74 -2.18 6.35
CA GLY A 54 -9.08 -3.18 7.14
C GLY A 54 -7.70 -3.46 6.65
N ARG A 55 -7.46 -3.16 5.40
CA ARG A 55 -6.17 -3.38 4.79
C ARG A 55 -6.03 -2.42 3.67
N TRP A 56 -4.92 -2.45 2.98
CA TRP A 56 -4.93 -1.88 1.69
C TRP A 56 -4.16 -2.67 0.65
N THR A 57 -3.93 -2.04 -0.50
CA THR A 57 -3.18 -2.61 -1.53
C THR A 57 -2.28 -1.43 -2.14
N GLY A 58 -0.98 -1.67 -2.14
CA GLY A 58 0.06 -0.73 -2.51
C GLY A 58 0.91 -1.28 -3.61
N ARG A 59 2.16 -1.05 -3.60
CA ARG A 59 3.07 -1.66 -4.56
C ARG A 59 4.30 -1.95 -3.84
N CYS A 60 4.61 -3.23 -3.66
CA CYS A 60 5.84 -3.55 -3.00
C CYS A 60 7.02 -3.04 -3.84
N MET A 61 8.19 -2.99 -3.27
CA MET A 61 9.43 -2.49 -3.93
C MET A 61 9.62 -3.01 -5.34
N SER A 62 9.37 -4.25 -5.50
CA SER A 62 9.51 -4.92 -6.77
C SER A 62 8.47 -4.38 -7.80
N CYS A 63 7.32 -4.03 -7.31
CA CYS A 63 6.24 -3.63 -8.09
C CYS A 63 6.15 -2.16 -8.29
N SER A 64 6.48 -1.44 -7.28
CA SER A 64 6.46 -0.03 -7.28
C SER A 64 7.50 0.51 -8.26
N ARG A 65 8.52 -0.29 -8.50
CA ARG A 65 9.52 0.03 -9.46
C ARG A 65 9.16 -0.55 -10.84
N SER A 66 8.89 -1.85 -10.89
CA SER A 66 8.73 -2.54 -12.16
C SER A 66 7.29 -3.02 -12.47
N SER A 67 6.74 -3.87 -11.63
CA SER A 67 5.47 -4.56 -11.91
C SER A 67 4.27 -3.61 -12.17
N ARG A 68 4.26 -2.44 -11.50
CA ARG A 68 3.14 -1.47 -11.53
C ARG A 68 2.68 -1.20 -12.96
N THR A 69 3.62 -0.84 -13.79
CA THR A 69 3.29 -0.38 -15.11
C THR A 69 3.27 -1.54 -16.14
N ARG A 70 3.70 -2.72 -15.73
CA ARG A 70 3.75 -3.80 -16.71
C ARG A 70 2.70 -4.87 -16.45
N ARG A 71 2.13 -4.90 -15.25
CA ARG A 71 1.09 -5.82 -14.90
C ARG A 71 0.13 -5.21 -13.92
N GLU A 72 -1.00 -5.87 -13.73
CA GLU A 72 -1.95 -5.46 -12.76
C GLU A 72 -1.80 -6.31 -11.53
N THR A 73 -1.51 -7.58 -11.75
CA THR A 73 -1.39 -8.52 -10.66
C THR A 73 -0.76 -9.79 -11.16
N GLN A 74 0.18 -9.59 -12.08
CA GLN A 74 0.91 -10.69 -12.73
C GLN A 74 -0.03 -11.48 -13.60
N LEU A 75 -1.06 -10.81 -13.90
CA LEU A 75 -2.12 -11.19 -14.69
C LEU A 75 -2.43 -9.88 -15.28
ZN ZN B . 4.60 -6.65 -5.43
N GLY A 1 -12.05 10.54 6.81
CA GLY A 1 -11.57 10.02 5.53
C GLY A 1 -12.26 8.74 5.18
N ALA A 2 -13.57 8.83 4.97
CA ALA A 2 -14.40 7.68 4.70
C ALA A 2 -14.34 7.28 3.24
N MET A 3 -14.83 6.07 2.95
CA MET A 3 -14.85 5.45 1.63
C MET A 3 -13.45 4.96 1.28
N SER A 4 -13.33 4.14 0.31
CA SER A 4 -12.06 3.66 -0.10
C SER A 4 -11.60 4.42 -1.33
N TYR A 5 -10.35 4.74 -1.38
CA TYR A 5 -9.81 5.58 -2.42
C TYR A 5 -8.32 5.41 -2.47
N SER A 6 -7.70 6.14 -3.34
CA SER A 6 -6.28 6.10 -3.44
C SER A 6 -5.73 7.27 -2.59
N LEU A 7 -4.51 7.15 -2.07
CA LEU A 7 -3.98 8.21 -1.23
C LEU A 7 -2.46 8.14 -1.20
N TYR A 8 -1.88 9.16 -0.63
CA TYR A 8 -0.50 9.22 -0.28
C TYR A 8 -0.36 8.59 1.03
N GLY A 9 0.44 7.55 1.09
CA GLY A 9 0.59 6.81 2.28
C GLY A 9 0.99 7.56 3.44
N THR A 10 1.90 8.44 3.23
CA THR A 10 2.48 9.32 4.24
C THR A 10 1.42 9.90 5.26
N THR A 11 0.14 10.04 4.85
CA THR A 11 -0.89 10.53 5.75
C THR A 11 -1.71 9.41 6.45
N LEU A 12 -1.59 8.16 5.99
CA LEU A 12 -2.42 6.99 6.42
C LEU A 12 -2.79 6.84 7.88
N GLU A 13 -1.92 7.23 8.76
CA GLU A 13 -2.18 7.12 10.20
C GLU A 13 -3.43 7.95 10.56
N GLN A 14 -3.63 9.01 9.79
CA GLN A 14 -4.76 9.94 9.90
C GLN A 14 -6.09 9.28 9.57
N GLN A 15 -6.05 8.32 8.69
CA GLN A 15 -7.26 7.75 8.16
C GLN A 15 -7.82 6.60 8.99
N TYR A 16 -7.07 5.54 9.11
CA TYR A 16 -7.59 4.33 9.73
C TYR A 16 -7.58 4.37 11.24
N ASN A 17 -6.63 5.14 11.84
CA ASN A 17 -6.35 5.13 13.32
C ASN A 17 -5.68 3.83 13.69
N LYS A 18 -5.37 3.15 12.66
CA LYS A 18 -4.75 1.88 12.56
C LYS A 18 -3.76 2.11 11.45
N PRO A 19 -2.61 2.61 11.80
CA PRO A 19 -1.62 3.03 10.84
C PRO A 19 -0.97 1.87 10.14
N LEU A 20 -0.06 2.14 9.26
CA LEU A 20 0.67 1.12 8.53
C LEU A 20 1.41 0.23 9.51
N SER A 21 1.86 0.81 10.60
CA SER A 21 2.52 0.08 11.65
C SER A 21 1.57 -0.97 12.31
N ASP A 22 0.27 -0.81 12.09
CA ASP A 22 -0.73 -1.65 12.71
C ASP A 22 -1.60 -2.36 11.66
N LEU A 23 -1.71 -1.79 10.48
CA LEU A 23 -2.64 -2.25 9.50
C LEU A 23 -2.00 -3.35 8.65
N LEU A 24 -2.75 -4.43 8.36
CA LEU A 24 -2.25 -5.42 7.41
C LEU A 24 -2.32 -4.74 6.08
N ILE A 25 -1.27 -4.73 5.41
CA ILE A 25 -1.14 -3.98 4.25
C ILE A 25 -0.46 -4.83 3.19
N ARG A 26 -0.83 -4.72 1.92
CA ARG A 26 -0.27 -5.62 0.91
C ARG A 26 -0.01 -4.94 -0.40
N CYS A 27 0.89 -5.53 -1.18
CA CYS A 27 1.17 -5.11 -2.50
C CYS A 27 -0.13 -5.14 -3.37
N ILE A 28 -0.23 -4.29 -4.37
CA ILE A 28 -1.45 -4.14 -5.16
C ILE A 28 -1.51 -5.10 -6.30
N ASN A 29 -0.37 -5.40 -6.74
CA ASN A 29 -0.11 -6.24 -7.85
C ASN A 29 0.33 -7.58 -7.39
N CYS A 30 0.92 -7.67 -6.20
CA CYS A 30 1.27 -9.00 -5.79
C CYS A 30 0.46 -9.53 -4.63
N GLN A 31 -0.23 -8.62 -3.90
CA GLN A 31 -1.08 -8.97 -2.79
C GLN A 31 -0.33 -9.55 -1.61
N LYS A 32 0.94 -9.34 -1.65
CA LYS A 32 1.84 -9.71 -0.61
C LYS A 32 1.86 -8.63 0.42
N PRO A 33 1.70 -8.98 1.65
CA PRO A 33 1.75 -8.02 2.72
C PRO A 33 3.12 -7.31 2.82
N LEU A 34 3.06 -5.98 2.81
CA LEU A 34 4.24 -5.12 2.85
C LEU A 34 4.50 -4.74 4.24
N SER A 35 5.68 -4.92 4.61
CA SER A 35 6.16 -4.61 5.90
C SER A 35 6.60 -3.13 5.89
N PRO A 36 7.01 -2.53 7.06
CA PRO A 36 7.44 -1.12 7.15
C PRO A 36 8.38 -0.71 6.03
N GLU A 37 9.20 -1.65 5.59
CA GLU A 37 10.13 -1.45 4.49
C GLU A 37 9.43 -0.96 3.21
N GLU A 38 8.31 -1.56 2.88
CA GLU A 38 7.62 -1.22 1.68
C GLU A 38 6.50 -0.21 1.94
N LYS A 39 6.07 -0.16 3.17
CA LYS A 39 5.14 0.86 3.68
C LYS A 39 5.81 2.23 3.62
N GLN A 40 7.08 2.25 3.94
CA GLN A 40 7.87 3.48 3.94
C GLN A 40 8.05 4.04 2.58
N ARG A 41 7.73 3.27 1.62
CA ARG A 41 7.81 3.76 0.25
C ARG A 41 6.64 4.71 0.06
N HIS A 42 5.53 4.32 0.64
CA HIS A 42 4.29 5.04 0.54
C HIS A 42 4.29 6.19 1.53
N LEU A 43 5.10 6.07 2.54
CA LEU A 43 5.18 7.08 3.57
C LEU A 43 6.27 8.06 3.28
N ASP A 44 7.48 7.58 3.22
CA ASP A 44 8.64 8.43 2.96
C ASP A 44 8.58 9.04 1.61
N LYS A 45 8.58 8.17 0.63
CA LYS A 45 8.62 8.58 -0.76
C LYS A 45 7.24 8.90 -1.24
N LYS A 46 6.30 8.73 -0.30
CA LYS A 46 4.91 9.12 -0.43
C LYS A 46 4.26 8.49 -1.67
N GLN A 47 4.74 7.30 -1.99
CA GLN A 47 4.29 6.52 -3.13
C GLN A 47 2.79 6.22 -2.98
N ARG A 48 2.07 6.31 -4.06
CA ARG A 48 0.64 6.10 -4.05
C ARG A 48 0.25 4.66 -3.95
N PHE A 49 -0.89 4.44 -3.35
CA PHE A 49 -1.51 3.14 -3.26
C PHE A 49 -3.03 3.33 -3.21
N HIS A 50 -3.73 2.34 -2.72
CA HIS A 50 -5.14 2.40 -2.53
C HIS A 50 -5.43 2.13 -1.03
N ASN A 51 -6.54 2.65 -0.50
CA ASN A 51 -6.98 2.45 0.89
C ASN A 51 -8.22 1.57 0.94
N ILE A 52 -8.15 0.44 1.65
CA ILE A 52 -9.21 -0.53 1.68
C ILE A 52 -9.71 -0.71 3.12
N ARG A 53 -10.81 -1.31 3.28
CA ARG A 53 -11.38 -1.52 4.58
C ARG A 53 -10.61 -2.60 5.38
N GLY A 54 -9.77 -2.14 6.27
CA GLY A 54 -9.06 -3.03 7.16
C GLY A 54 -7.68 -3.39 6.68
N ARG A 55 -7.42 -3.14 5.42
CA ARG A 55 -6.12 -3.41 4.83
C ARG A 55 -5.94 -2.47 3.70
N TRP A 56 -4.81 -2.51 3.03
CA TRP A 56 -4.79 -1.93 1.76
C TRP A 56 -3.98 -2.70 0.73
N THR A 57 -3.79 -2.07 -0.43
CA THR A 57 -3.05 -2.61 -1.50
C THR A 57 -2.13 -1.43 -2.03
N GLY A 58 -0.85 -1.71 -2.03
CA GLY A 58 0.23 -0.78 -2.29
C GLY A 58 1.13 -1.31 -3.35
N ARG A 59 2.40 -1.12 -3.24
CA ARG A 59 3.35 -1.65 -4.24
C ARG A 59 4.66 -1.86 -3.60
N CYS A 60 5.00 -3.12 -3.37
CA CYS A 60 6.27 -3.45 -2.81
C CYS A 60 7.36 -3.08 -3.82
N MET A 61 8.61 -3.09 -3.39
CA MET A 61 9.79 -2.76 -4.24
C MET A 61 9.70 -3.30 -5.63
N SER A 62 9.48 -4.57 -5.71
CA SER A 62 9.52 -5.26 -6.97
C SER A 62 8.42 -4.73 -7.91
N CYS A 63 7.31 -4.38 -7.32
CA CYS A 63 6.18 -4.00 -8.01
C CYS A 63 6.05 -2.48 -8.17
N SER A 64 6.68 -1.75 -7.30
CA SER A 64 6.68 -0.33 -7.36
C SER A 64 7.52 0.16 -8.52
N ARG A 65 8.49 -0.64 -8.89
CA ARG A 65 9.36 -0.33 -9.98
C ARG A 65 8.77 -0.89 -11.26
N SER A 66 8.59 -2.19 -11.29
CA SER A 66 8.01 -2.87 -12.41
C SER A 66 6.49 -2.95 -12.19
N SER A 67 5.74 -2.21 -12.98
CA SER A 67 4.33 -2.00 -12.75
C SER A 67 3.40 -3.18 -13.10
N ARG A 68 3.89 -4.21 -13.78
CA ARG A 68 3.01 -5.33 -14.13
C ARG A 68 3.13 -6.52 -13.22
N THR A 69 4.36 -6.82 -12.83
CA THR A 69 4.68 -7.93 -11.93
C THR A 69 4.45 -9.34 -12.55
N ARG A 70 3.22 -9.68 -12.81
CA ARG A 70 2.82 -10.96 -13.40
C ARG A 70 1.35 -10.91 -13.63
N ARG A 71 0.67 -10.55 -12.59
CA ARG A 71 -0.73 -10.30 -12.61
C ARG A 71 -0.94 -9.21 -11.63
N GLU A 72 -2.08 -8.62 -11.66
CA GLU A 72 -2.37 -7.52 -10.79
C GLU A 72 -3.12 -8.01 -9.57
N THR A 73 -4.04 -8.88 -9.81
CA THR A 73 -4.91 -9.32 -8.76
C THR A 73 -5.10 -10.81 -8.88
N GLN A 74 -4.15 -11.41 -9.59
CA GLN A 74 -4.06 -12.86 -9.83
C GLN A 74 -5.30 -13.41 -10.55
N LEU A 75 -5.96 -12.51 -11.21
CA LEU A 75 -7.10 -12.76 -12.01
C LEU A 75 -6.89 -11.98 -13.27
ZN ZN B . 4.80 -6.72 -4.92
N GLY A 1 -10.13 9.72 6.12
CA GLY A 1 -11.16 10.17 5.20
C GLY A 1 -12.19 9.10 4.98
N ALA A 2 -13.40 9.51 4.63
CA ALA A 2 -14.50 8.58 4.41
C ALA A 2 -14.41 7.98 3.03
N MET A 3 -14.90 6.74 2.89
CA MET A 3 -14.88 5.99 1.63
C MET A 3 -13.45 5.53 1.31
N SER A 4 -13.31 4.61 0.40
CA SER A 4 -12.03 4.13 0.02
C SER A 4 -11.64 4.75 -1.32
N TYR A 5 -10.36 5.00 -1.48
CA TYR A 5 -9.82 5.73 -2.62
C TYR A 5 -8.32 5.59 -2.63
N SER A 6 -7.66 6.21 -3.55
CA SER A 6 -6.23 6.19 -3.57
C SER A 6 -5.70 7.37 -2.74
N LEU A 7 -4.55 7.22 -2.11
CA LEU A 7 -4.06 8.26 -1.21
C LEU A 7 -2.53 8.20 -1.07
N TYR A 8 -1.98 9.31 -0.62
CA TYR A 8 -0.61 9.41 -0.17
C TYR A 8 -0.46 8.60 1.06
N GLY A 9 0.39 7.61 0.97
CA GLY A 9 0.60 6.72 2.03
C GLY A 9 0.92 7.37 3.29
N THR A 10 1.80 8.28 3.19
CA THR A 10 2.34 9.06 4.30
C THR A 10 1.21 9.66 5.24
N THR A 11 -0.05 9.73 4.80
CA THR A 11 -1.13 10.22 5.66
C THR A 11 -1.95 9.11 6.39
N LEU A 12 -1.76 7.84 6.02
CA LEU A 12 -2.57 6.66 6.57
C LEU A 12 -2.69 6.56 8.08
N GLU A 13 -1.83 7.20 8.81
CA GLU A 13 -1.94 7.23 10.27
C GLU A 13 -3.11 8.17 10.70
N GLN A 14 -3.69 8.81 9.71
CA GLN A 14 -4.89 9.64 9.82
C GLN A 14 -6.14 8.84 9.44
N GLN A 15 -5.91 7.80 8.71
CA GLN A 15 -6.96 7.03 8.09
C GLN A 15 -7.73 6.05 8.97
N TYR A 16 -7.07 5.02 9.39
CA TYR A 16 -7.76 3.85 9.88
C TYR A 16 -7.77 3.65 11.33
N ASN A 17 -7.31 4.64 12.02
CA ASN A 17 -7.17 4.66 13.50
C ASN A 17 -6.06 3.70 13.87
N LYS A 18 -5.36 3.34 12.84
CA LYS A 18 -4.36 2.38 12.83
C LYS A 18 -3.43 2.72 11.67
N PRO A 19 -2.14 2.86 11.93
CA PRO A 19 -1.18 3.20 10.91
C PRO A 19 -0.73 1.97 10.14
N LEU A 20 0.07 2.19 9.12
CA LEU A 20 0.67 1.14 8.29
C LEU A 20 1.37 0.13 9.13
N SER A 21 2.07 0.59 10.16
CA SER A 21 2.82 -0.27 11.06
C SER A 21 1.93 -1.34 11.72
N ASP A 22 0.63 -1.11 11.75
CA ASP A 22 -0.28 -2.04 12.36
C ASP A 22 -1.33 -2.52 11.39
N LEU A 23 -1.42 -1.89 10.24
CA LEU A 23 -2.46 -2.20 9.33
C LEU A 23 -1.99 -3.31 8.42
N LEU A 24 -2.83 -4.33 8.19
CA LEU A 24 -2.45 -5.34 7.26
C LEU A 24 -2.54 -4.70 5.90
N ILE A 25 -1.46 -4.68 5.29
CA ILE A 25 -1.25 -3.99 4.11
C ILE A 25 -0.53 -4.90 3.15
N ARG A 26 -0.86 -4.89 1.87
CA ARG A 26 -0.24 -5.82 0.93
C ARG A 26 0.03 -5.18 -0.40
N CYS A 27 0.98 -5.77 -1.12
CA CYS A 27 1.26 -5.40 -2.44
C CYS A 27 -0.03 -5.56 -3.28
N ILE A 28 -0.23 -4.71 -4.24
CA ILE A 28 -1.44 -4.73 -5.03
C ILE A 28 -1.37 -5.82 -6.06
N ASN A 29 -0.20 -6.00 -6.53
CA ASN A 29 0.12 -6.95 -7.55
C ASN A 29 0.76 -8.18 -7.00
N CYS A 30 1.22 -8.13 -5.76
CA CYS A 30 1.69 -9.37 -5.16
C CYS A 30 0.64 -10.00 -4.26
N GLN A 31 -0.02 -9.14 -3.48
CA GLN A 31 -0.92 -9.51 -2.41
C GLN A 31 -0.15 -9.98 -1.20
N LYS A 32 1.12 -9.68 -1.26
CA LYS A 32 2.08 -9.90 -0.23
C LYS A 32 2.00 -8.78 0.72
N PRO A 33 1.85 -9.06 1.97
CA PRO A 33 1.80 -8.05 2.96
C PRO A 33 3.15 -7.32 3.10
N LEU A 34 3.15 -6.04 2.77
CA LEU A 34 4.31 -5.18 2.79
C LEU A 34 4.62 -4.82 4.18
N SER A 35 5.82 -4.99 4.52
CA SER A 35 6.30 -4.69 5.83
C SER A 35 6.71 -3.20 5.83
N PRO A 36 7.16 -2.60 7.00
CA PRO A 36 7.55 -1.17 7.07
C PRO A 36 8.48 -0.75 5.93
N GLU A 37 9.27 -1.69 5.44
CA GLU A 37 10.18 -1.50 4.30
C GLU A 37 9.45 -0.92 3.06
N GLU A 38 8.32 -1.52 2.70
CA GLU A 38 7.60 -1.13 1.52
C GLU A 38 6.49 -0.15 1.84
N LYS A 39 6.11 -0.12 3.10
CA LYS A 39 5.20 0.87 3.63
C LYS A 39 5.86 2.22 3.61
N GLN A 40 7.13 2.23 3.96
CA GLN A 40 7.95 3.44 3.95
C GLN A 40 8.17 3.92 2.57
N ARG A 41 7.88 3.10 1.64
CA ARG A 41 7.96 3.51 0.26
C ARG A 41 6.83 4.48 0.01
N HIS A 42 5.69 4.15 0.55
CA HIS A 42 4.49 4.92 0.37
C HIS A 42 4.43 6.08 1.37
N LEU A 43 5.22 5.97 2.43
CA LEU A 43 5.27 7.00 3.46
C LEU A 43 6.40 7.98 3.23
N ASP A 44 7.60 7.47 3.14
CA ASP A 44 8.80 8.32 2.90
C ASP A 44 8.69 9.03 1.58
N LYS A 45 8.58 8.23 0.53
CA LYS A 45 8.53 8.73 -0.83
C LYS A 45 7.15 9.27 -1.12
N LYS A 46 6.23 8.94 -0.21
CA LYS A 46 4.87 9.46 -0.22
C LYS A 46 4.11 9.05 -1.48
N GLN A 47 4.30 7.80 -1.89
CA GLN A 47 3.63 7.23 -3.07
C GLN A 47 2.09 7.24 -2.89
N ARG A 48 1.39 6.96 -3.97
CA ARG A 48 -0.05 6.88 -3.98
C ARG A 48 -0.54 5.47 -4.28
N PHE A 49 -0.99 4.83 -3.25
CA PHE A 49 -1.56 3.49 -3.32
C PHE A 49 -3.06 3.61 -3.17
N HIS A 50 -3.73 2.51 -2.98
CA HIS A 50 -5.13 2.53 -2.76
C HIS A 50 -5.39 2.27 -1.26
N ASN A 51 -6.41 2.90 -0.71
CA ASN A 51 -6.86 2.73 0.69
C ASN A 51 -8.11 1.89 0.73
N ILE A 52 -8.06 0.77 1.39
CA ILE A 52 -9.17 -0.15 1.42
C ILE A 52 -9.65 -0.20 2.86
N ARG A 53 -10.84 -0.63 3.10
CA ARG A 53 -11.35 -0.54 4.43
C ARG A 53 -10.88 -1.63 5.35
N GLY A 54 -9.81 -1.30 6.04
CA GLY A 54 -9.26 -2.16 7.05
C GLY A 54 -7.94 -2.75 6.62
N ARG A 55 -7.62 -2.61 5.36
CA ARG A 55 -6.36 -3.08 4.80
C ARG A 55 -6.05 -2.23 3.61
N TRP A 56 -4.94 -2.40 2.96
CA TRP A 56 -4.87 -1.88 1.65
C TRP A 56 -4.10 -2.73 0.65
N THR A 57 -3.85 -2.14 -0.52
CA THR A 57 -3.12 -2.77 -1.55
C THR A 57 -2.19 -1.62 -2.16
N GLY A 58 -0.90 -1.88 -2.14
CA GLY A 58 0.16 -0.94 -2.50
C GLY A 58 1.08 -1.53 -3.52
N ARG A 59 2.33 -1.24 -3.47
CA ARG A 59 3.27 -1.88 -4.39
C ARG A 59 4.53 -2.13 -3.66
N CYS A 60 4.89 -3.39 -3.50
CA CYS A 60 6.15 -3.66 -2.88
C CYS A 60 7.30 -3.17 -3.77
N MET A 61 8.51 -3.24 -3.28
CA MET A 61 9.73 -2.83 -4.03
C MET A 61 9.76 -3.35 -5.44
N SER A 62 9.47 -4.58 -5.60
CA SER A 62 9.50 -5.20 -6.90
C SER A 62 8.45 -4.55 -7.85
N CYS A 63 7.30 -4.25 -7.30
CA CYS A 63 6.18 -3.82 -8.03
C CYS A 63 6.02 -2.31 -8.12
N SER A 64 6.64 -1.62 -7.23
CA SER A 64 6.64 -0.20 -7.21
C SER A 64 7.58 0.32 -8.29
N ARG A 65 8.48 -0.57 -8.69
CA ARG A 65 9.39 -0.32 -9.75
C ARG A 65 8.72 -0.76 -11.05
N SER A 66 8.49 -2.07 -11.16
CA SER A 66 7.88 -2.64 -12.33
C SER A 66 6.38 -2.73 -12.08
N SER A 67 5.68 -1.65 -12.37
CA SER A 67 4.27 -1.56 -12.08
C SER A 67 3.43 -1.87 -13.30
N ARG A 68 3.98 -1.69 -14.47
CA ARG A 68 3.23 -1.91 -15.68
C ARG A 68 3.22 -3.39 -16.02
N THR A 69 4.37 -3.92 -16.34
CA THR A 69 4.50 -5.31 -16.59
C THR A 69 4.66 -6.01 -15.26
N ARG A 70 3.55 -6.40 -14.71
CA ARG A 70 3.50 -6.99 -13.43
C ARG A 70 2.24 -7.83 -13.37
N ARG A 71 2.31 -8.99 -12.76
CA ARG A 71 1.16 -9.83 -12.67
C ARG A 71 0.16 -9.39 -11.67
N GLU A 72 -0.99 -9.98 -11.77
CA GLU A 72 -2.12 -9.65 -11.00
C GLU A 72 -2.18 -10.47 -9.74
N THR A 73 -2.11 -11.75 -9.92
CA THR A 73 -2.30 -12.69 -8.86
C THR A 73 -1.42 -13.90 -9.09
N GLN A 74 -0.32 -13.65 -9.77
CA GLN A 74 0.72 -14.63 -10.08
C GLN A 74 0.18 -15.80 -10.88
N LEU A 75 -0.81 -15.53 -11.66
CA LEU A 75 -1.35 -16.47 -12.56
C LEU A 75 -0.97 -16.02 -13.94
ZN ZN B . 4.92 -6.81 -5.21
N GLY A 1 -15.82 12.16 4.50
CA GLY A 1 -16.07 12.15 3.07
C GLY A 1 -16.16 10.75 2.56
N ALA A 2 -15.75 10.53 1.33
CA ALA A 2 -15.72 9.21 0.75
C ALA A 2 -14.64 8.39 1.43
N MET A 3 -14.84 7.12 1.56
CA MET A 3 -13.85 6.29 2.21
C MET A 3 -13.42 5.19 1.27
N SER A 4 -12.18 4.74 1.43
CA SER A 4 -11.53 3.78 0.54
C SER A 4 -11.33 4.37 -0.87
N TYR A 5 -10.12 4.80 -1.12
CA TYR A 5 -9.76 5.49 -2.34
C TYR A 5 -8.26 5.41 -2.51
N SER A 6 -7.72 6.08 -3.47
CA SER A 6 -6.30 6.08 -3.65
C SER A 6 -5.75 7.27 -2.86
N LEU A 7 -4.63 7.08 -2.17
CA LEU A 7 -4.11 8.15 -1.34
C LEU A 7 -2.59 8.07 -1.22
N TYR A 8 -2.00 9.18 -0.82
CA TYR A 8 -0.63 9.28 -0.42
C TYR A 8 -0.45 8.59 0.87
N GLY A 9 0.33 7.53 0.84
CA GLY A 9 0.53 6.71 1.96
C GLY A 9 0.93 7.41 3.17
N THR A 10 1.84 8.32 2.98
CA THR A 10 2.42 9.16 4.02
C THR A 10 1.38 9.69 5.07
N THR A 11 0.10 9.83 4.69
CA THR A 11 -0.93 10.29 5.60
C THR A 11 -1.76 9.16 6.31
N LEU A 12 -1.62 7.90 5.86
CA LEU A 12 -2.45 6.72 6.34
C LEU A 12 -2.61 6.56 7.84
N GLU A 13 -1.65 7.01 8.60
CA GLU A 13 -1.74 6.99 10.06
C GLU A 13 -3.00 7.75 10.54
N GLN A 14 -3.32 8.80 9.81
CA GLN A 14 -4.49 9.64 10.02
C GLN A 14 -5.76 8.90 9.61
N GLN A 15 -5.62 8.07 8.61
CA GLN A 15 -6.75 7.51 7.92
C GLN A 15 -7.50 6.47 8.73
N TYR A 16 -6.81 5.47 9.18
CA TYR A 16 -7.47 4.39 9.84
C TYR A 16 -7.35 4.42 11.34
N ASN A 17 -6.38 5.19 11.84
CA ASN A 17 -6.02 5.24 13.31
C ASN A 17 -5.47 3.89 13.68
N LYS A 18 -5.00 3.31 12.66
CA LYS A 18 -4.51 2.02 12.51
C LYS A 18 -3.54 2.23 11.39
N PRO A 19 -2.34 2.62 11.73
CA PRO A 19 -1.35 3.01 10.75
C PRO A 19 -0.81 1.84 10.02
N LEU A 20 0.07 2.09 9.10
CA LEU A 20 0.71 1.07 8.29
C LEU A 20 1.36 0.01 9.15
N SER A 21 1.99 0.39 10.23
CA SER A 21 2.61 -0.58 11.11
C SER A 21 1.55 -1.50 11.79
N ASP A 22 0.29 -1.10 11.76
CA ASP A 22 -0.78 -1.87 12.41
C ASP A 22 -1.71 -2.46 11.35
N LEU A 23 -1.87 -1.77 10.24
CA LEU A 23 -2.86 -2.11 9.26
C LEU A 23 -2.29 -3.24 8.42
N LEU A 24 -3.06 -4.31 8.19
CA LEU A 24 -2.56 -5.35 7.32
C LEU A 24 -2.58 -4.76 5.95
N ILE A 25 -1.48 -4.67 5.39
CA ILE A 25 -1.30 -3.99 4.20
C ILE A 25 -0.60 -4.90 3.21
N ARG A 26 -0.97 -4.86 1.93
CA ARG A 26 -0.39 -5.81 0.96
C ARG A 26 -0.12 -5.19 -0.37
N CYS A 27 0.79 -5.82 -1.12
CA CYS A 27 1.05 -5.47 -2.48
C CYS A 27 -0.27 -5.57 -3.31
N ILE A 28 -0.39 -4.79 -4.37
CA ILE A 28 -1.62 -4.77 -5.14
C ILE A 28 -1.59 -5.87 -6.19
N ASN A 29 -0.42 -6.15 -6.65
CA ASN A 29 -0.17 -7.15 -7.64
C ASN A 29 0.33 -8.41 -6.98
N CYS A 30 0.87 -8.31 -5.76
CA CYS A 30 1.28 -9.54 -5.13
C CYS A 30 0.23 -10.09 -4.19
N GLN A 31 -0.41 -9.17 -3.43
CA GLN A 31 -1.31 -9.48 -2.34
C GLN A 31 -0.54 -10.01 -1.16
N LYS A 32 0.73 -9.73 -1.22
CA LYS A 32 1.70 -10.02 -0.23
C LYS A 32 1.71 -8.90 0.72
N PRO A 33 1.58 -9.17 1.97
CA PRO A 33 1.62 -8.15 2.96
C PRO A 33 2.99 -7.44 3.02
N LEU A 34 2.94 -6.14 3.11
CA LEU A 34 4.09 -5.30 3.09
C LEU A 34 4.43 -4.91 4.49
N SER A 35 5.68 -4.83 4.72
CA SER A 35 6.20 -4.52 5.99
C SER A 35 6.61 -3.03 5.96
N PRO A 36 7.22 -2.44 7.03
CA PRO A 36 7.62 -1.01 7.02
C PRO A 36 8.50 -0.65 5.83
N GLU A 37 9.13 -1.66 5.25
CA GLU A 37 9.99 -1.50 4.10
C GLU A 37 9.22 -0.99 2.87
N GLU A 38 8.16 -1.67 2.47
CA GLU A 38 7.42 -1.21 1.32
C GLU A 38 6.49 -0.08 1.71
N LYS A 39 6.02 -0.12 2.93
CA LYS A 39 5.16 0.92 3.51
C LYS A 39 5.85 2.24 3.49
N GLN A 40 7.13 2.25 3.80
CA GLN A 40 7.90 3.48 3.82
C GLN A 40 8.13 4.02 2.48
N ARG A 41 7.81 3.25 1.51
CA ARG A 41 7.93 3.76 0.17
C ARG A 41 6.78 4.72 -0.02
N HIS A 42 5.61 4.26 0.36
CA HIS A 42 4.37 5.01 0.26
C HIS A 42 4.37 6.18 1.24
N LEU A 43 5.21 6.08 2.25
CA LEU A 43 5.32 7.11 3.26
C LEU A 43 6.43 8.09 2.96
N ASP A 44 7.67 7.61 2.97
CA ASP A 44 8.87 8.47 2.73
C ASP A 44 8.83 9.14 1.37
N LYS A 45 8.72 8.31 0.34
CA LYS A 45 8.72 8.79 -1.04
C LYS A 45 7.34 9.31 -1.37
N LYS A 46 6.42 9.01 -0.45
CA LYS A 46 5.06 9.46 -0.47
C LYS A 46 4.32 8.90 -1.67
N GLN A 47 4.63 7.66 -2.01
CA GLN A 47 3.97 6.99 -3.13
C GLN A 47 2.47 6.81 -2.83
N ARG A 48 1.75 6.50 -3.86
CA ARG A 48 0.34 6.32 -3.75
C ARG A 48 -0.02 4.85 -3.86
N PHE A 49 -1.14 4.52 -3.30
CA PHE A 49 -1.72 3.18 -3.33
C PHE A 49 -3.23 3.35 -3.18
N HIS A 50 -3.92 2.29 -2.85
CA HIS A 50 -5.32 2.36 -2.60
C HIS A 50 -5.54 2.08 -1.08
N ASN A 51 -6.56 2.68 -0.50
CA ASN A 51 -6.97 2.51 0.94
C ASN A 51 -8.20 1.66 1.00
N ILE A 52 -8.15 0.56 1.72
CA ILE A 52 -9.26 -0.36 1.78
C ILE A 52 -9.73 -0.50 3.24
N ARG A 53 -10.94 -0.96 3.42
CA ARG A 53 -11.56 -1.16 4.70
C ARG A 53 -10.74 -2.16 5.56
N GLY A 54 -9.86 -1.63 6.38
CA GLY A 54 -9.14 -2.46 7.33
C GLY A 54 -7.82 -2.99 6.82
N ARG A 55 -7.58 -2.86 5.55
CA ARG A 55 -6.33 -3.27 4.94
C ARG A 55 -6.11 -2.43 3.73
N TRP A 56 -5.01 -2.58 3.05
CA TRP A 56 -4.99 -2.06 1.74
C TRP A 56 -4.22 -2.88 0.73
N THR A 57 -4.01 -2.29 -0.45
CA THR A 57 -3.27 -2.86 -1.49
C THR A 57 -2.39 -1.69 -2.11
N GLY A 58 -1.12 -1.94 -2.08
CA GLY A 58 -0.07 -1.03 -2.46
C GLY A 58 0.78 -1.63 -3.52
N ARG A 59 2.04 -1.47 -3.45
CA ARG A 59 2.96 -2.07 -4.41
C ARG A 59 4.23 -2.24 -3.74
N CYS A 60 4.58 -3.51 -3.49
CA CYS A 60 5.81 -3.77 -2.81
C CYS A 60 6.97 -3.23 -3.59
N MET A 61 8.06 -3.10 -2.94
CA MET A 61 9.30 -2.59 -3.50
C MET A 61 9.63 -3.11 -4.87
N SER A 62 9.42 -4.34 -5.05
CA SER A 62 9.59 -4.97 -6.34
C SER A 62 8.56 -4.47 -7.40
N CYS A 63 7.33 -4.22 -6.96
CA CYS A 63 6.26 -3.87 -7.81
C CYS A 63 6.01 -2.37 -7.96
N SER A 64 6.46 -1.64 -7.03
CA SER A 64 6.31 -0.23 -7.01
C SER A 64 7.29 0.43 -7.98
N ARG A 65 8.51 -0.09 -7.99
CA ARG A 65 9.53 0.40 -8.88
C ARG A 65 9.20 0.03 -10.32
N SER A 66 8.63 -1.13 -10.48
CA SER A 66 8.42 -1.70 -11.77
C SER A 66 7.15 -1.17 -12.44
N SER A 67 7.30 -0.76 -13.67
CA SER A 67 6.20 -0.34 -14.51
C SER A 67 5.88 -1.49 -15.48
N ARG A 68 6.67 -2.54 -15.37
CA ARG A 68 6.59 -3.73 -16.19
C ARG A 68 5.80 -4.84 -15.51
N THR A 69 5.04 -4.47 -14.50
CA THR A 69 4.14 -5.36 -13.74
C THR A 69 3.39 -6.32 -14.71
N ARG A 70 3.58 -7.60 -14.54
CA ARG A 70 3.08 -8.58 -15.50
C ARG A 70 1.70 -9.11 -15.17
N ARG A 71 1.43 -9.33 -13.91
CA ARG A 71 0.22 -9.93 -13.51
C ARG A 71 -0.43 -9.20 -12.35
N GLU A 72 -1.68 -9.57 -12.11
CA GLU A 72 -2.48 -9.00 -11.08
C GLU A 72 -2.36 -9.83 -9.82
N THR A 73 -2.24 -11.12 -10.01
CA THR A 73 -2.19 -12.03 -8.90
C THR A 73 -1.41 -13.28 -9.28
N GLN A 74 -0.68 -13.15 -10.37
CA GLN A 74 0.19 -14.21 -10.89
C GLN A 74 -0.55 -15.51 -11.16
N LEU A 75 -1.82 -15.35 -11.42
CA LEU A 75 -2.68 -16.41 -11.78
C LEU A 75 -3.59 -15.78 -12.83
ZN ZN B . 4.74 -7.04 -5.20
N GLY A 1 -17.04 10.82 5.95
CA GLY A 1 -15.86 10.52 5.15
C GLY A 1 -16.20 9.46 4.18
N ALA A 2 -15.25 9.07 3.37
CA ALA A 2 -15.48 8.05 2.38
C ALA A 2 -14.47 6.95 2.53
N MET A 3 -14.58 5.93 1.73
CA MET A 3 -13.68 4.81 1.80
C MET A 3 -13.30 4.33 0.41
N SER A 4 -12.12 3.78 0.34
CA SER A 4 -11.55 3.20 -0.84
C SER A 4 -11.36 4.15 -1.98
N TYR A 5 -10.20 4.69 -1.98
CA TYR A 5 -9.74 5.63 -2.93
C TYR A 5 -8.25 5.60 -2.83
N SER A 6 -7.58 6.32 -3.65
CA SER A 6 -6.17 6.33 -3.60
C SER A 6 -5.74 7.46 -2.66
N LEU A 7 -4.68 7.27 -1.92
CA LEU A 7 -4.23 8.28 -0.99
C LEU A 7 -2.74 8.20 -0.85
N TYR A 8 -2.16 9.31 -0.45
CA TYR A 8 -0.78 9.39 -0.07
C TYR A 8 -0.57 8.55 1.13
N GLY A 9 0.32 7.59 0.99
CA GLY A 9 0.62 6.69 2.03
C GLY A 9 0.88 7.35 3.31
N THR A 10 1.74 8.30 3.23
CA THR A 10 2.21 9.14 4.36
C THR A 10 1.04 9.60 5.31
N THR A 11 -0.17 9.70 4.79
CA THR A 11 -1.30 10.14 5.57
C THR A 11 -2.12 9.00 6.21
N LEU A 12 -1.86 7.78 5.84
CA LEU A 12 -2.61 6.59 6.35
C LEU A 12 -2.64 6.44 7.86
N GLU A 13 -1.66 6.99 8.53
CA GLU A 13 -1.63 6.96 9.98
C GLU A 13 -2.78 7.82 10.54
N GLN A 14 -3.19 8.77 9.74
CA GLN A 14 -4.34 9.63 9.97
C GLN A 14 -5.63 8.91 9.59
N GLN A 15 -5.55 8.13 8.55
CA GLN A 15 -6.71 7.52 7.91
C GLN A 15 -7.46 6.56 8.80
N TYR A 16 -6.80 5.51 9.21
CA TYR A 16 -7.47 4.44 9.89
C TYR A 16 -7.44 4.51 11.37
N ASN A 17 -6.59 5.39 11.85
CA ASN A 17 -6.30 5.58 13.31
C ASN A 17 -5.46 4.40 13.78
N LYS A 18 -5.08 3.62 12.83
CA LYS A 18 -4.25 2.51 12.94
C LYS A 18 -3.30 2.69 11.78
N PRO A 19 -2.01 2.76 12.04
CA PRO A 19 -1.05 3.05 11.01
C PRO A 19 -0.69 1.84 10.19
N LEU A 20 0.12 2.06 9.20
CA LEU A 20 0.65 1.03 8.33
C LEU A 20 1.34 -0.04 9.15
N SER A 21 2.05 0.35 10.18
CA SER A 21 2.74 -0.58 11.07
C SER A 21 1.75 -1.51 11.82
N ASP A 22 0.47 -1.21 11.72
CA ASP A 22 -0.54 -2.01 12.35
C ASP A 22 -1.53 -2.53 11.32
N LEU A 23 -1.55 -1.93 10.17
CA LEU A 23 -2.55 -2.24 9.21
C LEU A 23 -2.04 -3.31 8.31
N LEU A 24 -2.85 -4.34 8.11
CA LEU A 24 -2.51 -5.36 7.19
C LEU A 24 -2.54 -4.68 5.86
N ILE A 25 -1.49 -4.73 5.21
CA ILE A 25 -1.30 -4.00 4.07
C ILE A 25 -0.61 -4.88 3.07
N ARG A 26 -1.02 -4.87 1.82
CA ARG A 26 -0.45 -5.80 0.85
C ARG A 26 -0.21 -5.17 -0.48
N CYS A 27 0.72 -5.75 -1.21
CA CYS A 27 1.00 -5.38 -2.52
C CYS A 27 -0.27 -5.52 -3.41
N ILE A 28 -0.48 -4.59 -4.30
CA ILE A 28 -1.68 -4.53 -5.13
C ILE A 28 -1.64 -5.56 -6.21
N ASN A 29 -0.47 -5.80 -6.62
CA ASN A 29 -0.15 -6.67 -7.69
C ASN A 29 0.36 -7.99 -7.22
N CYS A 30 0.87 -8.06 -5.99
CA CYS A 30 1.31 -9.37 -5.56
C CYS A 30 0.53 -9.97 -4.39
N GLN A 31 -0.22 -9.14 -3.67
CA GLN A 31 -1.04 -9.54 -2.53
C GLN A 31 -0.23 -9.97 -1.34
N LYS A 32 1.02 -9.70 -1.42
CA LYS A 32 1.96 -9.92 -0.38
C LYS A 32 1.86 -8.78 0.57
N PRO A 33 1.72 -9.05 1.83
CA PRO A 33 1.66 -8.03 2.81
C PRO A 33 3.03 -7.31 2.97
N LEU A 34 3.00 -6.00 2.82
CA LEU A 34 4.19 -5.15 2.85
C LEU A 34 4.48 -4.80 4.24
N SER A 35 5.68 -4.96 4.60
CA SER A 35 6.16 -4.63 5.88
C SER A 35 6.61 -3.17 5.85
N PRO A 36 6.99 -2.55 7.01
CA PRO A 36 7.45 -1.15 7.08
C PRO A 36 8.38 -0.75 5.93
N GLU A 37 9.19 -1.68 5.45
CA GLU A 37 10.09 -1.46 4.32
C GLU A 37 9.38 -0.86 3.11
N GLU A 38 8.25 -1.44 2.75
CA GLU A 38 7.53 -1.00 1.58
C GLU A 38 6.43 -0.02 1.95
N LYS A 39 6.10 0.01 3.20
CA LYS A 39 5.17 0.99 3.75
C LYS A 39 5.81 2.34 3.76
N GLN A 40 7.06 2.37 4.17
CA GLN A 40 7.85 3.58 4.17
C GLN A 40 8.08 4.06 2.79
N ARG A 41 7.86 3.22 1.84
CA ARG A 41 7.97 3.64 0.46
C ARG A 41 6.84 4.61 0.20
N HIS A 42 5.68 4.21 0.64
CA HIS A 42 4.47 4.96 0.44
C HIS A 42 4.38 6.13 1.43
N LEU A 43 5.13 6.04 2.50
CA LEU A 43 5.13 7.09 3.50
C LEU A 43 6.21 8.10 3.23
N ASP A 44 7.44 7.65 3.19
CA ASP A 44 8.61 8.54 2.93
C ASP A 44 8.53 9.19 1.57
N LYS A 45 8.41 8.37 0.54
CA LYS A 45 8.37 8.87 -0.83
C LYS A 45 7.00 9.40 -1.13
N LYS A 46 6.07 9.03 -0.24
CA LYS A 46 4.71 9.49 -0.23
C LYS A 46 3.96 9.04 -1.50
N GLN A 47 4.21 7.81 -1.90
CA GLN A 47 3.53 7.18 -3.05
C GLN A 47 2.02 7.10 -2.76
N ARG A 48 1.21 7.06 -3.78
CA ARG A 48 -0.21 6.96 -3.57
C ARG A 48 -0.75 5.59 -4.00
N PHE A 49 -1.16 4.85 -3.01
CA PHE A 49 -1.74 3.50 -3.17
C PHE A 49 -3.25 3.60 -2.99
N HIS A 50 -3.89 2.49 -2.78
CA HIS A 50 -5.30 2.49 -2.55
C HIS A 50 -5.54 2.26 -1.04
N ASN A 51 -6.65 2.79 -0.49
CA ASN A 51 -7.06 2.62 0.94
C ASN A 51 -8.27 1.71 1.06
N ILE A 52 -8.17 0.64 1.82
CA ILE A 52 -9.24 -0.31 1.93
C ILE A 52 -9.66 -0.44 3.41
N ARG A 53 -10.84 -0.93 3.64
CA ARG A 53 -11.34 -1.09 4.97
C ARG A 53 -10.57 -2.19 5.71
N GLY A 54 -9.68 -1.78 6.56
CA GLY A 54 -8.97 -2.71 7.42
C GLY A 54 -7.64 -3.13 6.86
N ARG A 55 -7.44 -2.92 5.57
CA ARG A 55 -6.21 -3.27 4.93
C ARG A 55 -6.03 -2.37 3.75
N TRP A 56 -4.95 -2.49 3.02
CA TRP A 56 -4.97 -1.94 1.71
C TRP A 56 -4.20 -2.74 0.68
N THR A 57 -3.99 -2.12 -0.48
CA THR A 57 -3.28 -2.68 -1.54
C THR A 57 -2.34 -1.52 -2.12
N GLY A 58 -1.05 -1.81 -2.10
CA GLY A 58 0.03 -0.90 -2.44
C GLY A 58 0.92 -1.50 -3.48
N ARG A 59 2.19 -1.27 -3.42
CA ARG A 59 3.13 -1.83 -4.41
C ARG A 59 4.45 -1.97 -3.77
N CYS A 60 4.80 -3.21 -3.44
CA CYS A 60 6.08 -3.47 -2.82
C CYS A 60 7.20 -3.11 -3.76
N MET A 61 8.40 -3.10 -3.26
CA MET A 61 9.60 -2.74 -4.05
C MET A 61 9.70 -3.44 -5.38
N SER A 62 9.39 -4.67 -5.37
CA SER A 62 9.43 -5.46 -6.58
C SER A 62 8.38 -4.97 -7.63
N CYS A 63 7.22 -4.59 -7.14
CA CYS A 63 6.11 -4.24 -7.93
C CYS A 63 5.99 -2.74 -8.21
N SER A 64 6.58 -1.96 -7.38
CA SER A 64 6.59 -0.56 -7.51
C SER A 64 7.63 -0.14 -8.55
N ARG A 65 8.79 -0.81 -8.53
CA ARG A 65 9.85 -0.59 -9.49
C ARG A 65 9.39 -1.07 -10.85
N SER A 66 8.90 -2.28 -10.91
CA SER A 66 8.45 -2.84 -12.13
C SER A 66 7.02 -2.41 -12.41
N SER A 67 6.90 -1.32 -13.12
CA SER A 67 5.61 -0.78 -13.45
C SER A 67 5.07 -1.50 -14.67
N ARG A 68 5.96 -1.83 -15.58
CA ARG A 68 5.62 -2.52 -16.79
C ARG A 68 5.40 -4.00 -16.50
N THR A 69 6.39 -4.62 -15.90
CA THR A 69 6.29 -6.02 -15.59
C THR A 69 5.60 -6.25 -14.25
N ARG A 70 4.29 -6.30 -14.28
CA ARG A 70 3.49 -6.62 -13.14
C ARG A 70 2.16 -7.15 -13.58
N ARG A 71 1.50 -7.81 -12.69
CA ARG A 71 0.25 -8.46 -12.93
C ARG A 71 -0.78 -8.03 -11.89
N GLU A 72 -1.88 -8.74 -11.81
CA GLU A 72 -2.88 -8.40 -10.85
C GLU A 72 -2.74 -9.35 -9.69
N THR A 73 -2.51 -10.59 -10.01
CA THR A 73 -2.40 -11.64 -9.04
C THR A 73 -1.57 -12.75 -9.66
N GLN A 74 -0.55 -12.30 -10.39
CA GLN A 74 0.42 -13.13 -11.12
C GLN A 74 -0.16 -13.69 -12.37
N LEU A 75 -1.28 -13.16 -12.64
CA LEU A 75 -2.08 -13.37 -13.78
C LEU A 75 -3.22 -12.42 -13.44
ZN ZN B . 4.74 -6.90 -4.79
N GLY A 1 -11.86 6.40 7.64
CA GLY A 1 -11.33 5.49 6.64
C GLY A 1 -12.33 4.43 6.27
N ALA A 2 -13.28 4.77 5.45
CA ALA A 2 -14.30 3.84 5.03
C ALA A 2 -14.37 3.80 3.52
N MET A 3 -14.71 2.63 3.00
CA MET A 3 -14.79 2.34 1.56
C MET A 3 -13.40 2.38 0.90
N SER A 4 -13.31 1.97 -0.34
CA SER A 4 -12.09 2.02 -1.09
C SER A 4 -11.89 3.41 -1.73
N TYR A 5 -10.64 3.83 -1.85
CA TYR A 5 -10.23 5.13 -2.41
C TYR A 5 -8.71 5.12 -2.52
N SER A 6 -8.13 6.08 -3.16
CA SER A 6 -6.69 6.15 -3.23
C SER A 6 -6.22 7.24 -2.25
N LEU A 7 -4.97 7.18 -1.83
CA LEU A 7 -4.43 8.17 -0.90
C LEU A 7 -2.91 8.14 -1.01
N TYR A 8 -2.29 8.96 -0.21
CA TYR A 8 -0.87 9.01 -0.06
C TYR A 8 -0.54 8.26 1.16
N GLY A 9 0.49 7.46 1.07
CA GLY A 9 0.92 6.68 2.17
C GLY A 9 1.08 7.43 3.40
N THR A 10 1.91 8.40 3.28
CA THR A 10 2.40 9.24 4.36
C THR A 10 1.27 9.76 5.32
N THR A 11 0.02 9.88 4.82
CA THR A 11 -1.07 10.37 5.62
C THR A 11 -1.86 9.23 6.29
N LEU A 12 -1.68 8.01 5.87
CA LEU A 12 -2.42 6.81 6.41
C LEU A 12 -2.50 6.69 7.92
N GLU A 13 -1.53 7.20 8.61
CA GLU A 13 -1.51 7.11 10.06
C GLU A 13 -2.56 8.08 10.65
N GLN A 14 -3.04 8.96 9.80
CA GLN A 14 -4.11 9.89 10.04
C GLN A 14 -5.45 9.26 9.68
N GLN A 15 -5.40 8.32 8.78
CA GLN A 15 -6.61 7.78 8.20
C GLN A 15 -7.30 6.77 9.10
N TYR A 16 -6.70 5.62 9.30
CA TYR A 16 -7.40 4.52 9.91
C TYR A 16 -7.39 4.45 11.41
N ASN A 17 -6.43 5.17 12.03
CA ASN A 17 -6.18 5.09 13.53
C ASN A 17 -5.61 3.72 13.84
N LYS A 18 -5.20 3.16 12.77
CA LYS A 18 -4.67 1.88 12.56
C LYS A 18 -3.70 2.15 11.44
N PRO A 19 -2.50 2.57 11.79
CA PRO A 19 -1.53 3.00 10.82
C PRO A 19 -0.94 1.82 10.10
N LEU A 20 -0.03 2.10 9.23
CA LEU A 20 0.67 1.07 8.47
C LEU A 20 1.34 0.09 9.40
N SER A 21 1.81 0.57 10.54
CA SER A 21 2.41 -0.29 11.53
C SER A 21 1.39 -1.32 12.10
N ASP A 22 0.10 -1.08 11.89
CA ASP A 22 -0.92 -1.95 12.43
C ASP A 22 -1.81 -2.52 11.33
N LEU A 23 -1.91 -1.82 10.22
CA LEU A 23 -2.89 -2.15 9.22
C LEU A 23 -2.34 -3.26 8.34
N LEU A 24 -3.13 -4.30 8.05
CA LEU A 24 -2.67 -5.32 7.12
C LEU A 24 -2.61 -4.65 5.78
N ILE A 25 -1.48 -4.60 5.27
CA ILE A 25 -1.21 -3.87 4.13
C ILE A 25 -0.49 -4.75 3.13
N ARG A 26 -0.85 -4.68 1.86
CA ARG A 26 -0.27 -5.59 0.86
C ARG A 26 -0.02 -4.91 -0.43
N CYS A 27 0.88 -5.50 -1.21
CA CYS A 27 1.13 -5.09 -2.52
C CYS A 27 -0.19 -5.14 -3.35
N ILE A 28 -0.34 -4.30 -4.36
CA ILE A 28 -1.57 -4.28 -5.12
C ILE A 28 -1.57 -5.34 -6.19
N ASN A 29 -0.40 -5.57 -6.68
CA ASN A 29 -0.15 -6.51 -7.71
C ASN A 29 0.31 -7.78 -7.09
N CYS A 30 0.93 -7.72 -5.90
CA CYS A 30 1.38 -8.95 -5.34
C CYS A 30 0.39 -9.59 -4.38
N GLN A 31 -0.31 -8.73 -3.63
CA GLN A 31 -1.18 -9.13 -2.54
C GLN A 31 -0.37 -9.66 -1.37
N LYS A 32 0.89 -9.34 -1.44
CA LYS A 32 1.86 -9.65 -0.46
C LYS A 32 1.87 -8.57 0.53
N PRO A 33 1.70 -8.91 1.77
CA PRO A 33 1.69 -7.94 2.81
C PRO A 33 3.05 -7.26 3.00
N LEU A 34 3.05 -5.96 2.80
CA LEU A 34 4.23 -5.12 2.82
C LEU A 34 4.54 -4.75 4.23
N SER A 35 5.78 -4.84 4.52
CA SER A 35 6.30 -4.56 5.81
C SER A 35 6.72 -3.07 5.83
N PRO A 36 7.18 -2.48 7.00
CA PRO A 36 7.62 -1.07 7.08
C PRO A 36 8.54 -0.69 5.91
N GLU A 37 9.32 -1.65 5.46
CA GLU A 37 10.21 -1.51 4.32
C GLU A 37 9.48 -0.99 3.06
N GLU A 38 8.31 -1.52 2.80
CA GLU A 38 7.58 -1.14 1.63
C GLU A 38 6.52 -0.09 1.96
N LYS A 39 6.08 -0.09 3.19
CA LYS A 39 5.16 0.92 3.73
C LYS A 39 5.80 2.28 3.72
N GLN A 40 7.08 2.32 4.05
CA GLN A 40 7.85 3.55 4.07
C GLN A 40 8.07 4.08 2.72
N ARG A 41 7.77 3.31 1.75
CA ARG A 41 7.86 3.78 0.39
C ARG A 41 6.70 4.72 0.16
N HIS A 42 5.61 4.37 0.75
CA HIS A 42 4.40 5.12 0.62
C HIS A 42 4.40 6.28 1.60
N LEU A 43 5.21 6.17 2.64
CA LEU A 43 5.30 7.20 3.67
C LEU A 43 6.44 8.15 3.41
N ASP A 44 7.65 7.63 3.33
CA ASP A 44 8.85 8.47 3.08
C ASP A 44 8.82 9.04 1.68
N LYS A 45 8.84 8.13 0.69
CA LYS A 45 8.90 8.52 -0.70
C LYS A 45 7.52 8.95 -1.16
N LYS A 46 6.55 8.58 -0.34
CA LYS A 46 5.16 8.94 -0.47
C LYS A 46 4.53 8.38 -1.75
N GLN A 47 4.92 7.16 -2.11
CA GLN A 47 4.33 6.46 -3.25
C GLN A 47 2.82 6.28 -3.05
N ARG A 48 2.07 6.42 -4.12
CA ARG A 48 0.62 6.31 -4.09
C ARG A 48 0.19 4.87 -4.00
N PHE A 49 -0.93 4.64 -3.34
CA PHE A 49 -1.52 3.33 -3.28
C PHE A 49 -3.03 3.45 -3.21
N HIS A 50 -3.68 2.37 -2.96
CA HIS A 50 -5.09 2.35 -2.79
C HIS A 50 -5.37 2.07 -1.31
N ASN A 51 -6.44 2.61 -0.77
CA ASN A 51 -6.87 2.42 0.62
C ASN A 51 -8.16 1.67 0.69
N ILE A 52 -8.17 0.62 1.48
CA ILE A 52 -9.31 -0.22 1.60
C ILE A 52 -9.72 -0.28 3.07
N ARG A 53 -10.92 -0.66 3.32
CA ARG A 53 -11.45 -0.79 4.63
C ARG A 53 -10.74 -1.92 5.41
N GLY A 54 -9.83 -1.55 6.26
CA GLY A 54 -9.19 -2.51 7.14
C GLY A 54 -7.87 -3.04 6.61
N ARG A 55 -7.62 -2.82 5.36
CA ARG A 55 -6.37 -3.22 4.74
C ARG A 55 -6.09 -2.32 3.61
N TRP A 56 -4.94 -2.40 3.02
CA TRP A 56 -4.85 -1.84 1.72
C TRP A 56 -4.06 -2.64 0.73
N THR A 57 -3.86 -2.06 -0.44
CA THR A 57 -3.13 -2.64 -1.47
C THR A 57 -2.23 -1.45 -2.08
N GLY A 58 -0.95 -1.69 -2.06
CA GLY A 58 0.08 -0.74 -2.41
C GLY A 58 0.91 -1.24 -3.53
N ARG A 59 2.18 -1.19 -3.39
CA ARG A 59 3.10 -1.75 -4.36
C ARG A 59 4.43 -1.89 -3.78
N CYS A 60 4.81 -3.14 -3.53
CA CYS A 60 6.10 -3.42 -2.96
C CYS A 60 7.22 -2.95 -3.88
N MET A 61 8.45 -3.03 -3.40
CA MET A 61 9.69 -2.68 -4.15
C MET A 61 9.59 -3.07 -5.59
N SER A 62 9.35 -4.33 -5.81
CA SER A 62 9.33 -4.90 -7.12
C SER A 62 8.29 -4.18 -8.03
N CYS A 63 7.20 -3.80 -7.42
CA CYS A 63 6.10 -3.28 -8.08
C CYS A 63 6.08 -1.78 -8.15
N SER A 64 6.71 -1.18 -7.20
CA SER A 64 6.83 0.22 -7.13
C SER A 64 7.83 0.71 -8.17
N ARG A 65 8.65 -0.21 -8.63
CA ARG A 65 9.60 0.05 -9.66
C ARG A 65 8.86 -0.11 -10.99
N SER A 66 8.40 -1.32 -11.27
CA SER A 66 7.66 -1.62 -12.48
C SER A 66 6.88 -2.93 -12.32
N SER A 67 5.60 -2.87 -12.13
CA SER A 67 4.81 -4.08 -12.06
C SER A 67 4.07 -4.35 -13.36
N ARG A 68 3.55 -3.29 -13.99
CA ARG A 68 2.73 -3.42 -15.20
C ARG A 68 3.56 -3.85 -16.39
N THR A 69 4.85 -3.75 -16.25
CA THR A 69 5.78 -4.15 -17.28
C THR A 69 5.78 -5.69 -17.43
N ARG A 70 5.41 -6.41 -16.38
CA ARG A 70 5.42 -7.85 -16.44
C ARG A 70 4.00 -8.46 -16.46
N ARG A 71 3.16 -8.10 -15.50
CA ARG A 71 1.82 -8.64 -15.41
C ARG A 71 1.09 -7.79 -14.39
N GLU A 72 -0.20 -7.80 -14.44
CA GLU A 72 -1.03 -6.97 -13.57
C GLU A 72 -0.89 -7.39 -12.12
N THR A 73 -0.72 -8.67 -11.91
CA THR A 73 -0.71 -9.21 -10.59
C THR A 73 0.21 -10.42 -10.49
N GLN A 74 1.18 -10.42 -11.40
CA GLN A 74 2.20 -11.49 -11.53
C GLN A 74 1.60 -12.87 -11.35
N LEU A 75 0.97 -13.33 -12.37
CA LEU A 75 0.25 -14.56 -12.35
C LEU A 75 0.21 -14.99 -13.78
ZN ZN B . 4.70 -6.40 -5.42
N GLY A 1 -12.28 8.62 5.71
CA GLY A 1 -12.41 7.22 6.13
C GLY A 1 -12.22 6.33 4.96
N ALA A 2 -11.72 5.12 5.19
CA ALA A 2 -11.39 4.21 4.11
C ALA A 2 -12.61 3.62 3.41
N MET A 3 -13.14 4.37 2.47
CA MET A 3 -14.26 3.95 1.64
C MET A 3 -13.73 3.49 0.27
N SER A 4 -12.44 3.20 0.26
CA SER A 4 -11.69 2.72 -0.87
C SER A 4 -11.47 3.77 -1.96
N TYR A 5 -10.25 4.24 -2.00
CA TYR A 5 -9.76 5.25 -2.92
C TYR A 5 -8.26 5.16 -2.87
N SER A 6 -7.60 5.96 -3.61
CA SER A 6 -6.19 5.96 -3.58
C SER A 6 -5.70 7.14 -2.73
N LEU A 7 -4.56 7.01 -2.08
CA LEU A 7 -4.08 8.06 -1.19
C LEU A 7 -2.55 8.02 -1.10
N TYR A 8 -2.00 9.11 -0.62
CA TYR A 8 -0.59 9.21 -0.27
C TYR A 8 -0.39 8.52 1.03
N GLY A 9 0.44 7.50 0.99
CA GLY A 9 0.69 6.69 2.14
C GLY A 9 1.07 7.43 3.32
N THR A 10 1.95 8.34 3.13
CA THR A 10 2.54 9.21 4.14
C THR A 10 1.46 9.82 5.12
N THR A 11 0.19 9.90 4.70
CA THR A 11 -0.86 10.42 5.56
C THR A 11 -1.62 9.34 6.33
N LEU A 12 -1.46 8.07 5.96
CA LEU A 12 -2.23 6.91 6.52
C LEU A 12 -2.38 6.81 8.02
N GLU A 13 -1.49 7.40 8.77
CA GLU A 13 -1.61 7.41 10.22
C GLU A 13 -2.82 8.29 10.65
N GLN A 14 -3.35 8.99 9.69
CA GLN A 14 -4.52 9.84 9.81
C GLN A 14 -5.79 9.13 9.39
N GLN A 15 -5.64 8.06 8.68
CA GLN A 15 -6.78 7.45 8.00
C GLN A 15 -7.57 6.35 8.77
N TYR A 16 -6.92 5.27 9.11
CA TYR A 16 -7.64 4.07 9.61
C TYR A 16 -7.86 4.01 11.08
N ASN A 17 -7.28 4.94 11.82
CA ASN A 17 -7.23 4.93 13.32
C ASN A 17 -6.19 3.90 13.73
N LYS A 18 -5.53 3.43 12.72
CA LYS A 18 -4.55 2.43 12.80
C LYS A 18 -3.59 2.69 11.64
N PRO A 19 -2.34 2.97 11.93
CA PRO A 19 -1.36 3.28 10.92
C PRO A 19 -0.80 2.04 10.26
N LEU A 20 0.03 2.24 9.27
CA LEU A 20 0.74 1.19 8.54
C LEU A 20 1.47 0.27 9.48
N SER A 21 1.97 0.81 10.56
CA SER A 21 2.70 0.05 11.56
C SER A 21 1.85 -1.08 12.14
N ASP A 22 0.54 -0.94 12.09
CA ASP A 22 -0.34 -1.91 12.66
C ASP A 22 -1.29 -2.48 11.64
N LEU A 23 -1.47 -1.79 10.54
CA LEU A 23 -2.46 -2.18 9.60
C LEU A 23 -1.92 -3.27 8.70
N LEU A 24 -2.70 -4.31 8.45
CA LEU A 24 -2.29 -5.30 7.52
C LEU A 24 -2.40 -4.67 6.18
N ILE A 25 -1.36 -4.66 5.52
CA ILE A 25 -1.21 -3.94 4.35
C ILE A 25 -0.52 -4.81 3.33
N ARG A 26 -0.95 -4.78 2.08
CA ARG A 26 -0.39 -5.71 1.10
C ARG A 26 -0.18 -5.07 -0.23
N CYS A 27 0.70 -5.67 -1.00
CA CYS A 27 0.94 -5.29 -2.32
C CYS A 27 -0.38 -5.31 -3.17
N ILE A 28 -0.45 -4.52 -4.20
CA ILE A 28 -1.65 -4.40 -5.01
C ILE A 28 -1.69 -5.42 -6.09
N ASN A 29 -0.55 -5.68 -6.55
CA ASN A 29 -0.27 -6.52 -7.66
C ASN A 29 0.24 -7.85 -7.19
N CYS A 30 0.73 -7.93 -5.95
CA CYS A 30 1.08 -9.24 -5.51
C CYS A 30 0.30 -9.73 -4.28
N GLN A 31 -0.42 -8.81 -3.61
CA GLN A 31 -1.26 -9.15 -2.46
C GLN A 31 -0.48 -9.67 -1.26
N LYS A 32 0.79 -9.48 -1.32
CA LYS A 32 1.71 -9.81 -0.29
C LYS A 32 1.75 -8.70 0.71
N PRO A 33 1.63 -9.02 1.96
CA PRO A 33 1.70 -8.02 2.99
C PRO A 33 3.08 -7.32 3.06
N LEU A 34 3.04 -6.01 2.94
CA LEU A 34 4.22 -5.16 2.90
C LEU A 34 4.59 -4.80 4.28
N SER A 35 5.83 -4.92 4.54
CA SER A 35 6.35 -4.65 5.83
C SER A 35 6.74 -3.15 5.88
N PRO A 36 7.23 -2.58 7.04
CA PRO A 36 7.61 -1.15 7.13
C PRO A 36 8.51 -0.70 5.98
N GLU A 37 9.30 -1.63 5.47
CA GLU A 37 10.15 -1.43 4.32
C GLU A 37 9.40 -0.90 3.08
N GLU A 38 8.31 -1.54 2.74
CA GLU A 38 7.57 -1.20 1.57
C GLU A 38 6.53 -0.14 1.88
N LYS A 39 6.09 -0.13 3.11
CA LYS A 39 5.22 0.90 3.65
C LYS A 39 5.92 2.23 3.59
N GLN A 40 7.19 2.23 3.91
CA GLN A 40 8.00 3.43 3.89
C GLN A 40 8.22 3.92 2.53
N ARG A 41 7.88 3.13 1.57
CA ARG A 41 7.99 3.61 0.22
C ARG A 41 6.85 4.60 0.03
N HIS A 42 5.69 4.19 0.49
CA HIS A 42 4.47 4.97 0.39
C HIS A 42 4.49 6.14 1.36
N LEU A 43 5.33 6.05 2.36
CA LEU A 43 5.43 7.10 3.36
C LEU A 43 6.56 8.05 3.06
N ASP A 44 7.78 7.53 3.03
CA ASP A 44 8.99 8.35 2.75
C ASP A 44 8.97 8.96 1.38
N LYS A 45 8.82 8.10 0.37
CA LYS A 45 8.79 8.56 -1.00
C LYS A 45 7.40 9.02 -1.34
N LYS A 46 6.49 8.74 -0.41
CA LYS A 46 5.12 9.20 -0.41
C LYS A 46 4.35 8.63 -1.61
N GLN A 47 4.72 7.41 -2.02
CA GLN A 47 4.10 6.74 -3.19
C GLN A 47 2.59 6.55 -2.96
N ARG A 48 1.88 6.34 -4.04
CA ARG A 48 0.45 6.22 -3.99
C ARG A 48 0.06 4.75 -3.92
N PHE A 49 -1.00 4.49 -3.24
CA PHE A 49 -1.57 3.16 -3.17
C PHE A 49 -3.07 3.30 -3.06
N HIS A 50 -3.74 2.25 -2.73
CA HIS A 50 -5.17 2.27 -2.56
C HIS A 50 -5.46 1.96 -1.08
N ASN A 51 -6.51 2.58 -0.52
CA ASN A 51 -6.98 2.37 0.89
C ASN A 51 -8.27 1.57 0.90
N ILE A 52 -8.28 0.43 1.57
CA ILE A 52 -9.40 -0.48 1.55
C ILE A 52 -9.98 -0.58 2.97
N ARG A 53 -11.08 -1.22 3.13
CA ARG A 53 -11.67 -1.31 4.41
C ARG A 53 -11.03 -2.44 5.20
N GLY A 54 -10.19 -2.06 6.14
CA GLY A 54 -9.56 -3.02 7.02
C GLY A 54 -8.11 -3.27 6.69
N ARG A 55 -7.77 -3.09 5.43
CA ARG A 55 -6.42 -3.33 4.95
C ARG A 55 -6.21 -2.45 3.76
N TRP A 56 -5.04 -2.47 3.15
CA TRP A 56 -4.98 -1.91 1.87
C TRP A 56 -4.18 -2.71 0.84
N THR A 57 -3.91 -2.09 -0.31
CA THR A 57 -3.16 -2.65 -1.35
C THR A 57 -2.23 -1.50 -1.93
N GLY A 58 -0.95 -1.79 -1.90
CA GLY A 58 0.14 -0.88 -2.23
C GLY A 58 1.03 -1.46 -3.27
N ARG A 59 2.27 -1.19 -3.24
CA ARG A 59 3.20 -1.79 -4.20
C ARG A 59 4.50 -2.00 -3.56
N CYS A 60 4.80 -3.26 -3.28
CA CYS A 60 6.06 -3.58 -2.69
C CYS A 60 7.18 -3.20 -3.62
N MET A 61 8.38 -3.22 -3.13
CA MET A 61 9.59 -2.85 -3.90
C MET A 61 9.62 -3.48 -5.28
N SER A 62 9.31 -4.72 -5.32
CA SER A 62 9.32 -5.48 -6.56
C SER A 62 8.27 -4.94 -7.57
N CYS A 63 7.13 -4.52 -7.05
CA CYS A 63 6.04 -4.13 -7.83
C CYS A 63 5.96 -2.62 -8.07
N SER A 64 6.46 -1.87 -7.14
CA SER A 64 6.45 -0.44 -7.19
C SER A 64 7.42 0.10 -8.24
N ARG A 65 8.49 -0.67 -8.48
CA ARG A 65 9.45 -0.31 -9.49
C ARG A 65 8.91 -0.60 -10.87
N SER A 66 7.95 -1.50 -10.95
CA SER A 66 7.36 -1.86 -12.21
C SER A 66 6.20 -0.91 -12.52
N SER A 67 6.37 -0.12 -13.54
CA SER A 67 5.34 0.80 -13.97
C SER A 67 4.59 0.27 -15.20
N ARG A 68 5.17 -0.72 -15.85
CA ARG A 68 4.59 -1.25 -17.07
C ARG A 68 3.80 -2.51 -16.81
N THR A 69 4.49 -3.55 -16.45
CA THR A 69 3.90 -4.86 -16.35
C THR A 69 3.22 -5.12 -15.00
N ARG A 70 4.01 -5.16 -13.92
CA ARG A 70 3.55 -5.54 -12.57
C ARG A 70 2.97 -6.98 -12.61
N ARG A 71 2.34 -7.40 -11.54
CA ARG A 71 1.73 -8.67 -11.53
C ARG A 71 0.27 -8.61 -11.28
N GLU A 72 -0.38 -9.59 -11.77
CA GLU A 72 -1.76 -9.77 -11.61
C GLU A 72 -2.04 -11.00 -10.76
N THR A 73 -1.32 -12.04 -11.06
CA THR A 73 -1.61 -13.35 -10.51
C THR A 73 -0.39 -13.92 -9.79
N GLN A 74 0.55 -13.03 -9.52
CA GLN A 74 1.79 -13.34 -8.75
C GLN A 74 2.68 -14.37 -9.46
N LEU A 75 2.46 -14.55 -10.72
CA LEU A 75 3.18 -15.53 -11.49
C LEU A 75 4.24 -14.86 -12.33
ZN ZN B . 4.59 -6.88 -4.78
N GLY A 1 -13.09 12.07 -1.72
CA GLY A 1 -12.25 11.13 -0.98
C GLY A 1 -12.87 10.77 0.34
N ALA A 2 -13.70 9.74 0.32
CA ALA A 2 -14.33 9.25 1.52
C ALA A 2 -14.55 7.77 1.42
N MET A 3 -14.02 7.03 2.39
CA MET A 3 -14.15 5.57 2.50
C MET A 3 -13.56 4.81 1.29
N SER A 4 -12.30 4.39 1.45
CA SER A 4 -11.55 3.61 0.48
C SER A 4 -11.32 4.35 -0.85
N TYR A 5 -10.11 4.79 -1.03
CA TYR A 5 -9.71 5.60 -2.16
C TYR A 5 -8.20 5.56 -2.27
N SER A 6 -7.65 6.21 -3.24
CA SER A 6 -6.22 6.27 -3.36
C SER A 6 -5.70 7.42 -2.48
N LEU A 7 -4.51 7.29 -1.92
CA LEU A 7 -4.00 8.31 -1.04
C LEU A 7 -2.48 8.21 -1.01
N TYR A 8 -1.88 9.22 -0.43
CA TYR A 8 -0.49 9.23 -0.08
C TYR A 8 -0.33 8.53 1.22
N GLY A 9 0.51 7.52 1.23
CA GLY A 9 0.70 6.72 2.40
C GLY A 9 1.18 7.45 3.55
N THR A 10 2.06 8.34 3.31
CA THR A 10 2.63 9.25 4.31
C THR A 10 1.52 9.82 5.27
N THR A 11 0.30 9.95 4.74
CA THR A 11 -0.82 10.49 5.45
C THR A 11 -1.68 9.37 6.15
N LEU A 12 -1.46 8.10 5.83
CA LEU A 12 -2.30 6.95 6.31
C LEU A 12 -2.52 6.84 7.81
N GLU A 13 -1.67 7.42 8.59
CA GLU A 13 -1.78 7.30 10.03
C GLU A 13 -3.05 7.99 10.57
N GLN A 14 -3.45 9.05 9.93
CA GLN A 14 -4.67 9.79 10.29
C GLN A 14 -5.89 9.09 9.82
N GLN A 15 -5.70 8.46 8.75
CA GLN A 15 -6.74 7.82 7.97
C GLN A 15 -7.50 6.69 8.72
N TYR A 16 -6.83 5.59 9.00
CA TYR A 16 -7.52 4.43 9.57
C TYR A 16 -7.62 4.42 11.09
N ASN A 17 -6.63 5.08 11.77
CA ASN A 17 -6.42 4.99 13.27
C ASN A 17 -5.71 3.68 13.59
N LYS A 18 -5.55 2.95 12.55
CA LYS A 18 -4.90 1.70 12.43
C LYS A 18 -3.92 1.95 11.31
N PRO A 19 -2.78 2.52 11.63
CA PRO A 19 -1.83 2.95 10.64
C PRO A 19 -1.12 1.79 10.02
N LEU A 20 -0.26 2.07 9.07
CA LEU A 20 0.58 1.06 8.40
C LEU A 20 1.30 0.21 9.40
N SER A 21 1.69 0.82 10.49
CA SER A 21 2.36 0.17 11.58
C SER A 21 1.50 -0.98 12.18
N ASP A 22 0.19 -0.90 11.96
CA ASP A 22 -0.76 -1.82 12.54
C ASP A 22 -1.59 -2.54 11.45
N LEU A 23 -1.74 -1.89 10.31
CA LEU A 23 -2.70 -2.30 9.31
C LEU A 23 -2.12 -3.40 8.43
N LEU A 24 -2.91 -4.45 8.15
CA LEU A 24 -2.48 -5.47 7.20
C LEU A 24 -2.53 -4.80 5.85
N ILE A 25 -1.43 -4.77 5.26
CA ILE A 25 -1.24 -4.04 4.09
C ILE A 25 -0.50 -4.94 3.09
N ARG A 26 -0.85 -4.88 1.83
CA ARG A 26 -0.24 -5.79 0.86
C ARG A 26 0.02 -5.12 -0.44
N CYS A 27 0.96 -5.70 -1.19
CA CYS A 27 1.23 -5.29 -2.52
C CYS A 27 -0.08 -5.37 -3.35
N ILE A 28 -0.23 -4.56 -4.37
CA ILE A 28 -1.45 -4.58 -5.13
C ILE A 28 -1.40 -5.64 -6.19
N ASN A 29 -0.23 -5.83 -6.70
CA ASN A 29 0.05 -6.78 -7.72
C ASN A 29 0.58 -8.03 -7.10
N CYS A 30 1.17 -7.96 -5.90
CA CYS A 30 1.66 -9.20 -5.32
C CYS A 30 0.65 -9.86 -4.41
N GLN A 31 -0.09 -9.02 -3.65
CA GLN A 31 -1.00 -9.44 -2.59
C GLN A 31 -0.22 -9.96 -1.40
N LYS A 32 1.03 -9.64 -1.44
CA LYS A 32 1.98 -9.93 -0.44
C LYS A 32 1.95 -8.82 0.55
N PRO A 33 1.80 -9.14 1.79
CA PRO A 33 1.76 -8.15 2.82
C PRO A 33 3.11 -7.45 3.00
N LEU A 34 3.08 -6.15 2.91
CA LEU A 34 4.25 -5.30 2.92
C LEU A 34 4.59 -4.95 4.31
N SER A 35 5.84 -4.91 4.55
CA SER A 35 6.38 -4.61 5.82
C SER A 35 6.73 -3.12 5.80
N PRO A 36 7.22 -2.52 6.93
CA PRO A 36 7.70 -1.12 6.96
C PRO A 36 8.60 -0.77 5.76
N GLU A 37 9.28 -1.77 5.19
CA GLU A 37 10.15 -1.55 4.05
C GLU A 37 9.40 -1.01 2.84
N GLU A 38 8.27 -1.61 2.49
CA GLU A 38 7.53 -1.12 1.35
C GLU A 38 6.54 -0.06 1.77
N LYS A 39 6.08 -0.17 2.99
CA LYS A 39 5.20 0.84 3.59
C LYS A 39 5.88 2.19 3.58
N GLN A 40 7.16 2.21 3.88
CA GLN A 40 7.97 3.42 3.89
C GLN A 40 8.17 3.95 2.52
N ARG A 41 7.82 3.20 1.56
CA ARG A 41 7.91 3.70 0.21
C ARG A 41 6.73 4.61 0.00
N HIS A 42 5.64 4.22 0.57
CA HIS A 42 4.40 4.96 0.46
C HIS A 42 4.39 6.10 1.46
N LEU A 43 5.26 6.01 2.45
CA LEU A 43 5.37 7.03 3.48
C LEU A 43 6.48 8.02 3.16
N ASP A 44 7.71 7.53 3.09
CA ASP A 44 8.89 8.38 2.76
C ASP A 44 8.78 8.95 1.36
N LYS A 45 8.72 8.06 0.36
CA LYS A 45 8.67 8.48 -1.05
C LYS A 45 7.24 8.85 -1.41
N LYS A 46 6.35 8.47 -0.52
CA LYS A 46 4.94 8.82 -0.55
C LYS A 46 4.25 8.27 -1.81
N GLN A 47 4.66 7.08 -2.25
CA GLN A 47 4.09 6.45 -3.46
C GLN A 47 2.58 6.25 -3.29
N ARG A 48 1.85 6.40 -4.37
CA ARG A 48 0.40 6.22 -4.39
C ARG A 48 0.01 4.77 -4.26
N PHE A 49 -0.97 4.51 -3.44
CA PHE A 49 -1.57 3.19 -3.34
C PHE A 49 -3.06 3.37 -3.21
N HIS A 50 -3.74 2.35 -2.88
CA HIS A 50 -5.13 2.44 -2.67
C HIS A 50 -5.41 2.09 -1.20
N ASN A 51 -6.41 2.74 -0.59
CA ASN A 51 -6.87 2.48 0.80
C ASN A 51 -8.15 1.69 0.77
N ILE A 52 -8.18 0.57 1.46
CA ILE A 52 -9.30 -0.33 1.43
C ILE A 52 -9.88 -0.43 2.86
N ARG A 53 -11.02 -0.99 3.03
CA ARG A 53 -11.62 -1.05 4.35
C ARG A 53 -10.95 -2.17 5.15
N GLY A 54 -10.11 -1.77 6.07
CA GLY A 54 -9.50 -2.71 6.99
C GLY A 54 -8.10 -3.13 6.59
N ARG A 55 -7.77 -2.92 5.34
CA ARG A 55 -6.46 -3.26 4.80
C ARG A 55 -6.19 -2.36 3.64
N TRP A 56 -5.03 -2.47 3.02
CA TRP A 56 -4.93 -1.94 1.71
C TRP A 56 -4.11 -2.77 0.75
N THR A 57 -3.88 -2.21 -0.45
CA THR A 57 -3.13 -2.80 -1.46
C THR A 57 -2.25 -1.64 -2.08
N GLY A 58 -0.97 -1.88 -2.06
CA GLY A 58 0.06 -0.93 -2.41
C GLY A 58 0.88 -1.43 -3.53
N ARG A 59 2.14 -1.38 -3.41
CA ARG A 59 3.05 -1.93 -4.41
C ARG A 59 4.38 -2.02 -3.82
N CYS A 60 4.80 -3.25 -3.56
CA CYS A 60 6.07 -3.46 -2.92
C CYS A 60 7.23 -2.87 -3.75
N MET A 61 8.41 -2.91 -3.20
CA MET A 61 9.64 -2.36 -3.84
C MET A 61 9.85 -2.87 -5.24
N SER A 62 9.52 -4.06 -5.46
CA SER A 62 9.60 -4.64 -6.78
C SER A 62 8.57 -3.98 -7.74
N CYS A 63 7.38 -3.75 -7.22
CA CYS A 63 6.26 -3.34 -7.95
C CYS A 63 6.04 -1.84 -8.01
N SER A 64 6.50 -1.15 -7.04
CA SER A 64 6.40 0.27 -6.97
C SER A 64 7.29 0.89 -8.02
N ARG A 65 8.35 0.18 -8.36
CA ARG A 65 9.24 0.60 -9.39
C ARG A 65 8.65 0.22 -10.73
N SER A 66 8.18 -1.02 -10.84
CA SER A 66 7.55 -1.52 -12.03
C SER A 66 6.58 -2.64 -11.67
N SER A 67 5.29 -2.40 -11.82
CA SER A 67 4.27 -3.38 -11.48
C SER A 67 4.12 -4.44 -12.58
N ARG A 68 4.83 -4.24 -13.69
CA ARG A 68 4.82 -5.18 -14.82
C ARG A 68 5.55 -6.48 -14.45
N THR A 69 6.22 -6.46 -13.31
CA THR A 69 6.97 -7.59 -12.81
C THR A 69 6.00 -8.63 -12.22
N ARG A 70 4.76 -8.22 -12.05
CA ARG A 70 3.74 -9.07 -11.49
C ARG A 70 2.52 -9.08 -12.36
N ARG A 71 1.58 -9.87 -11.96
CA ARG A 71 0.31 -9.96 -12.58
C ARG A 71 -0.63 -9.24 -11.61
N GLU A 72 -1.83 -8.99 -12.02
CA GLU A 72 -2.80 -8.27 -11.23
C GLU A 72 -3.07 -9.02 -9.92
N THR A 73 -2.99 -10.34 -10.00
CA THR A 73 -3.41 -11.18 -8.90
C THR A 73 -2.92 -12.64 -9.06
N GLN A 74 -1.90 -12.79 -9.92
CA GLN A 74 -1.23 -14.10 -10.16
C GLN A 74 -2.17 -15.20 -10.66
N LEU A 75 -3.20 -14.80 -11.31
CA LEU A 75 -4.14 -15.75 -11.86
C LEU A 75 -3.90 -15.90 -13.33
ZN ZN B . 4.92 -6.54 -5.29
N GLY A 1 -11.32 3.98 4.66
CA GLY A 1 -12.21 3.59 5.78
C GLY A 1 -13.57 4.11 5.51
N ALA A 2 -13.75 5.40 5.66
CA ALA A 2 -14.95 6.07 5.24
C ALA A 2 -14.84 6.20 3.74
N MET A 3 -15.36 5.18 3.06
CA MET A 3 -15.22 4.98 1.63
C MET A 3 -13.77 4.48 1.32
N SER A 4 -13.57 3.95 0.14
CA SER A 4 -12.27 3.57 -0.33
C SER A 4 -11.86 4.55 -1.41
N TYR A 5 -10.61 4.86 -1.45
CA TYR A 5 -10.06 5.81 -2.36
C TYR A 5 -8.57 5.64 -2.40
N SER A 6 -7.91 6.44 -3.12
CA SER A 6 -6.51 6.35 -3.22
C SER A 6 -5.92 7.51 -2.41
N LEU A 7 -4.87 7.28 -1.66
CA LEU A 7 -4.33 8.32 -0.82
C LEU A 7 -2.82 8.21 -0.75
N TYR A 8 -2.20 9.32 -0.43
CA TYR A 8 -0.80 9.37 -0.10
C TYR A 8 -0.60 8.67 1.19
N GLY A 9 0.14 7.59 1.11
CA GLY A 9 0.35 6.74 2.23
C GLY A 9 0.84 7.39 3.42
N THR A 10 1.75 8.27 3.19
CA THR A 10 2.37 9.11 4.20
C THR A 10 1.33 9.72 5.23
N THR A 11 0.05 9.84 4.83
CA THR A 11 -1.00 10.33 5.72
C THR A 11 -1.85 9.22 6.42
N LEU A 12 -1.73 7.96 6.01
CA LEU A 12 -2.60 6.82 6.49
C LEU A 12 -2.82 6.67 7.99
N GLU A 13 -1.89 7.10 8.80
CA GLU A 13 -2.04 7.04 10.25
C GLU A 13 -3.25 7.90 10.67
N GLN A 14 -3.43 8.96 9.93
CA GLN A 14 -4.51 9.92 10.09
C GLN A 14 -5.88 9.30 9.77
N GLN A 15 -5.87 8.31 8.92
CA GLN A 15 -7.10 7.71 8.46
C GLN A 15 -7.63 6.62 9.40
N TYR A 16 -6.90 5.53 9.51
CA TYR A 16 -7.43 4.37 10.20
C TYR A 16 -7.37 4.36 11.69
N ASN A 17 -6.33 5.00 12.28
CA ASN A 17 -5.99 4.87 13.76
C ASN A 17 -5.37 3.51 14.00
N LYS A 18 -5.20 2.88 12.91
CA LYS A 18 -4.67 1.59 12.68
C LYS A 18 -3.78 1.86 11.48
N PRO A 19 -2.62 2.42 11.75
CA PRO A 19 -1.74 2.90 10.72
C PRO A 19 -1.04 1.77 10.04
N LEU A 20 -0.19 2.09 9.09
CA LEU A 20 0.57 1.11 8.34
C LEU A 20 1.27 0.12 9.25
N SER A 21 1.86 0.57 10.33
CA SER A 21 2.55 -0.33 11.25
C SER A 21 1.55 -1.30 11.97
N ASP A 22 0.25 -1.08 11.81
CA ASP A 22 -0.73 -1.93 12.43
C ASP A 22 -1.68 -2.55 11.39
N LEU A 23 -1.84 -1.87 10.26
CA LEU A 23 -2.83 -2.23 9.28
C LEU A 23 -2.25 -3.32 8.39
N LEU A 24 -3.02 -4.39 8.12
CA LEU A 24 -2.53 -5.38 7.19
C LEU A 24 -2.53 -4.70 5.86
N ILE A 25 -1.46 -4.70 5.24
CA ILE A 25 -1.28 -3.96 4.09
C ILE A 25 -0.57 -4.82 3.07
N ARG A 26 -0.97 -4.77 1.80
CA ARG A 26 -0.36 -5.68 0.82
C ARG A 26 -0.09 -5.03 -0.50
N CYS A 27 0.83 -5.62 -1.25
CA CYS A 27 1.13 -5.23 -2.58
C CYS A 27 -0.17 -5.29 -3.46
N ILE A 28 -0.26 -4.46 -4.46
CA ILE A 28 -1.45 -4.36 -5.29
C ILE A 28 -1.45 -5.40 -6.38
N ASN A 29 -0.28 -5.67 -6.81
CA ASN A 29 0.01 -6.56 -7.87
C ASN A 29 0.48 -7.88 -7.38
N CYS A 30 0.97 -7.94 -6.14
CA CYS A 30 1.35 -9.25 -5.70
C CYS A 30 0.52 -9.79 -4.52
N GLN A 31 -0.22 -8.90 -3.83
CA GLN A 31 -1.07 -9.25 -2.71
C GLN A 31 -0.31 -9.82 -1.53
N LYS A 32 0.94 -9.55 -1.56
CA LYS A 32 1.86 -9.85 -0.52
C LYS A 32 1.81 -8.75 0.47
N PRO A 33 1.66 -9.05 1.71
CA PRO A 33 1.67 -8.06 2.74
C PRO A 33 3.02 -7.36 2.86
N LEU A 34 2.98 -6.05 2.85
CA LEU A 34 4.15 -5.20 2.88
C LEU A 34 4.46 -4.85 4.27
N SER A 35 5.69 -4.82 4.56
CA SER A 35 6.18 -4.55 5.84
C SER A 35 6.59 -3.05 5.86
N PRO A 36 7.21 -2.49 6.96
CA PRO A 36 7.59 -1.05 6.99
C PRO A 36 8.43 -0.65 5.80
N GLU A 37 9.13 -1.62 5.23
CA GLU A 37 9.99 -1.42 4.09
C GLU A 37 9.24 -0.86 2.88
N GLU A 38 8.14 -1.48 2.51
CA GLU A 38 7.42 -0.99 1.35
C GLU A 38 6.40 0.06 1.75
N LYS A 39 6.03 0.03 2.98
CA LYS A 39 5.17 1.05 3.55
C LYS A 39 5.88 2.38 3.52
N GLN A 40 7.15 2.36 3.87
CA GLN A 40 8.04 3.53 3.87
C GLN A 40 8.31 4.00 2.49
N ARG A 41 7.95 3.21 1.54
CA ARG A 41 8.04 3.63 0.16
C ARG A 41 6.95 4.69 0.00
N HIS A 42 5.74 4.29 0.33
CA HIS A 42 4.53 5.10 0.20
C HIS A 42 4.46 6.21 1.23
N LEU A 43 5.29 6.13 2.25
CA LEU A 43 5.35 7.15 3.27
C LEU A 43 6.47 8.14 3.00
N ASP A 44 7.70 7.64 2.93
CA ASP A 44 8.89 8.49 2.63
C ASP A 44 8.75 9.26 1.34
N LYS A 45 8.61 8.53 0.24
CA LYS A 45 8.56 9.16 -1.07
C LYS A 45 7.14 9.50 -1.40
N LYS A 46 6.26 8.92 -0.59
CA LYS A 46 4.84 9.22 -0.56
C LYS A 46 4.10 8.69 -1.83
N GLN A 47 4.65 7.61 -2.46
CA GLN A 47 4.13 6.96 -3.76
C GLN A 47 2.63 6.71 -3.93
N ARG A 48 1.80 6.94 -2.94
CA ARG A 48 0.35 6.64 -2.98
C ARG A 48 -0.01 5.17 -3.27
N PHE A 49 -1.21 4.83 -2.91
CA PHE A 49 -1.77 3.50 -3.09
C PHE A 49 -3.29 3.63 -2.94
N HIS A 50 -3.98 2.53 -2.80
CA HIS A 50 -5.41 2.56 -2.58
C HIS A 50 -5.66 2.29 -1.07
N ASN A 51 -6.75 2.82 -0.51
CA ASN A 51 -7.12 2.59 0.90
C ASN A 51 -8.31 1.70 0.97
N ILE A 52 -8.18 0.57 1.60
CA ILE A 52 -9.22 -0.39 1.69
C ILE A 52 -9.57 -0.48 3.14
N ARG A 53 -10.78 -0.75 3.48
CA ARG A 53 -11.09 -0.77 4.86
C ARG A 53 -10.52 -2.00 5.55
N GLY A 54 -9.57 -1.75 6.39
CA GLY A 54 -8.96 -2.81 7.18
C GLY A 54 -7.62 -3.26 6.63
N ARG A 55 -7.39 -3.01 5.35
CA ARG A 55 -6.14 -3.35 4.71
C ARG A 55 -5.92 -2.42 3.57
N TRP A 56 -4.82 -2.51 2.89
CA TRP A 56 -4.82 -1.93 1.61
C TRP A 56 -4.05 -2.69 0.58
N THR A 57 -3.86 -2.06 -0.58
CA THR A 57 -3.10 -2.57 -1.61
C THR A 57 -2.20 -1.38 -2.18
N GLY A 58 -0.90 -1.64 -2.15
CA GLY A 58 0.18 -0.73 -2.50
C GLY A 58 1.04 -1.34 -3.54
N ARG A 59 2.32 -1.15 -3.50
CA ARG A 59 3.25 -1.78 -4.44
C ARG A 59 4.53 -1.94 -3.76
N CYS A 60 4.89 -3.20 -3.46
CA CYS A 60 6.12 -3.43 -2.80
C CYS A 60 7.29 -2.97 -3.65
N MET A 61 8.46 -2.94 -3.10
CA MET A 61 9.65 -2.40 -3.81
C MET A 61 9.91 -3.13 -5.10
N SER A 62 9.61 -4.36 -5.08
CA SER A 62 9.69 -5.20 -6.27
C SER A 62 8.71 -4.71 -7.37
N CYS A 63 7.47 -4.41 -6.96
CA CYS A 63 6.40 -4.12 -7.83
C CYS A 63 6.20 -2.62 -8.10
N SER A 64 6.65 -1.80 -7.21
CA SER A 64 6.54 -0.38 -7.33
C SER A 64 7.49 0.12 -8.40
N ARG A 65 8.63 -0.53 -8.48
CA ARG A 65 9.63 -0.19 -9.45
C ARG A 65 9.46 -1.00 -10.73
N SER A 66 8.96 -2.21 -10.61
CA SER A 66 8.75 -3.05 -11.76
C SER A 66 7.29 -3.47 -11.89
N SER A 67 6.68 -3.05 -12.98
CA SER A 67 5.30 -3.35 -13.29
C SER A 67 5.16 -4.72 -13.95
N ARG A 68 6.28 -5.45 -14.05
CA ARG A 68 6.30 -6.79 -14.64
C ARG A 68 5.53 -7.80 -13.80
N THR A 69 5.13 -7.39 -12.62
CA THR A 69 4.29 -8.19 -11.80
C THR A 69 2.85 -8.09 -12.34
N ARG A 70 2.52 -9.00 -13.23
CA ARG A 70 1.23 -9.00 -13.91
C ARG A 70 0.29 -10.05 -13.35
N ARG A 71 0.84 -11.02 -12.65
CA ARG A 71 0.06 -12.05 -12.04
C ARG A 71 -0.68 -11.52 -10.87
N GLU A 72 -1.70 -12.21 -10.48
CA GLU A 72 -2.52 -11.79 -9.41
C GLU A 72 -1.84 -12.21 -8.13
N THR A 73 -1.61 -13.48 -8.06
CA THR A 73 -1.10 -14.10 -6.88
C THR A 73 0.02 -15.06 -7.28
N GLN A 74 0.56 -14.76 -8.48
CA GLN A 74 1.70 -15.48 -9.07
C GLN A 74 1.40 -16.96 -9.26
N LEU A 75 0.14 -17.20 -9.47
CA LEU A 75 -0.43 -18.46 -9.69
C LEU A 75 -1.48 -18.14 -10.72
ZN ZN B . 4.85 -6.83 -4.85
N GLY A 1 -16.07 9.82 4.40
CA GLY A 1 -15.76 8.53 5.00
C GLY A 1 -14.49 7.95 4.45
N ALA A 2 -14.40 6.65 4.47
CA ALA A 2 -13.23 5.95 4.02
C ALA A 2 -13.56 5.04 2.83
N MET A 3 -14.52 5.46 2.01
CA MET A 3 -14.89 4.71 0.82
C MET A 3 -13.73 4.70 -0.16
N SER A 4 -13.14 3.52 -0.32
CA SER A 4 -11.92 3.23 -1.07
C SER A 4 -11.53 4.19 -2.21
N TYR A 5 -10.30 4.63 -2.12
CA TYR A 5 -9.68 5.61 -3.00
C TYR A 5 -8.20 5.40 -2.92
N SER A 6 -7.47 6.08 -3.73
CA SER A 6 -6.04 6.02 -3.66
C SER A 6 -5.56 7.22 -2.81
N LEU A 7 -4.37 7.13 -2.22
CA LEU A 7 -3.90 8.21 -1.34
C LEU A 7 -2.38 8.16 -1.20
N TYR A 8 -1.85 9.21 -0.60
CA TYR A 8 -0.49 9.28 -0.15
C TYR A 8 -0.40 8.50 1.10
N GLY A 9 0.46 7.52 1.09
CA GLY A 9 0.61 6.68 2.21
C GLY A 9 0.94 7.36 3.45
N THR A 10 1.83 8.27 3.32
CA THR A 10 2.36 9.08 4.39
C THR A 10 1.26 9.62 5.39
N THR A 11 0.02 9.80 4.92
CA THR A 11 -1.04 10.28 5.77
C THR A 11 -1.89 9.15 6.40
N LEU A 12 -1.75 7.90 5.94
CA LEU A 12 -2.57 6.72 6.41
C LEU A 12 -2.67 6.54 7.91
N GLU A 13 -1.72 7.06 8.64
CA GLU A 13 -1.72 6.99 10.08
C GLU A 13 -2.92 7.78 10.66
N GLN A 14 -3.44 8.68 9.84
CA GLN A 14 -4.59 9.52 10.12
C GLN A 14 -5.87 8.78 9.75
N GLN A 15 -5.74 7.87 8.83
CA GLN A 15 -6.88 7.31 8.16
C GLN A 15 -7.65 6.25 8.94
N TYR A 16 -7.00 5.14 9.22
CA TYR A 16 -7.72 3.96 9.73
C TYR A 16 -7.75 3.79 11.20
N ASN A 17 -7.28 4.80 11.88
CA ASN A 17 -7.16 4.85 13.39
C ASN A 17 -6.07 3.89 13.79
N LYS A 18 -5.40 3.45 12.80
CA LYS A 18 -4.43 2.46 12.84
C LYS A 18 -3.47 2.79 11.72
N PRO A 19 -2.18 2.90 12.02
CA PRO A 19 -1.18 3.23 11.03
C PRO A 19 -0.76 2.02 10.24
N LEU A 20 0.03 2.25 9.21
CA LEU A 20 0.64 1.20 8.39
C LEU A 20 1.31 0.18 9.22
N SER A 21 2.01 0.62 10.22
CA SER A 21 2.74 -0.23 11.12
C SER A 21 1.82 -1.28 11.81
N ASP A 22 0.52 -1.03 11.82
CA ASP A 22 -0.39 -1.94 12.43
C ASP A 22 -1.46 -2.41 11.47
N LEU A 23 -1.53 -1.80 10.32
CA LEU A 23 -2.57 -2.10 9.39
C LEU A 23 -2.07 -3.19 8.47
N LEU A 24 -2.89 -4.23 8.24
CA LEU A 24 -2.48 -5.25 7.32
C LEU A 24 -2.51 -4.62 5.97
N ILE A 25 -1.40 -4.59 5.41
CA ILE A 25 -1.18 -3.90 4.23
C ILE A 25 -0.47 -4.82 3.26
N ARG A 26 -0.85 -4.80 2.00
CA ARG A 26 -0.25 -5.73 1.04
C ARG A 26 -0.05 -5.08 -0.29
N CYS A 27 0.85 -5.66 -1.07
CA CYS A 27 1.07 -5.27 -2.42
C CYS A 27 -0.28 -5.36 -3.21
N ILE A 28 -0.41 -4.63 -4.28
CA ILE A 28 -1.64 -4.61 -5.02
C ILE A 28 -1.70 -5.69 -6.05
N ASN A 29 -0.56 -5.98 -6.56
CA ASN A 29 -0.35 -7.00 -7.54
C ASN A 29 0.07 -8.26 -6.86
N CYS A 30 0.77 -8.14 -5.72
CA CYS A 30 1.25 -9.34 -5.09
C CYS A 30 0.27 -9.89 -4.07
N GLN A 31 -0.38 -8.99 -3.31
CA GLN A 31 -1.21 -9.32 -2.16
C GLN A 31 -0.37 -9.90 -1.06
N LYS A 32 0.88 -9.55 -1.16
CA LYS A 32 1.91 -9.82 -0.23
C LYS A 32 1.92 -8.71 0.74
N PRO A 33 1.82 -9.01 1.99
CA PRO A 33 1.80 -8.00 2.99
C PRO A 33 3.16 -7.28 3.12
N LEU A 34 3.14 -5.99 2.88
CA LEU A 34 4.30 -5.15 2.87
C LEU A 34 4.63 -4.78 4.27
N SER A 35 5.86 -4.91 4.58
CA SER A 35 6.39 -4.59 5.87
C SER A 35 6.82 -3.11 5.83
N PRO A 36 7.32 -2.50 6.95
CA PRO A 36 7.76 -1.08 6.98
C PRO A 36 8.64 -0.71 5.79
N GLU A 37 9.40 -1.67 5.28
CA GLU A 37 10.23 -1.51 4.10
C GLU A 37 9.45 -0.95 2.90
N GLU A 38 8.30 -1.53 2.62
CA GLU A 38 7.52 -1.12 1.49
C GLU A 38 6.45 -0.12 1.87
N LYS A 39 6.09 -0.14 3.13
CA LYS A 39 5.18 0.86 3.70
C LYS A 39 5.82 2.21 3.68
N GLN A 40 7.11 2.26 3.97
CA GLN A 40 7.86 3.49 3.96
C GLN A 40 8.05 3.99 2.58
N ARG A 41 7.76 3.19 1.64
CA ARG A 41 7.81 3.65 0.26
C ARG A 41 6.67 4.63 0.07
N HIS A 42 5.57 4.27 0.68
CA HIS A 42 4.36 5.03 0.59
C HIS A 42 4.36 6.17 1.59
N LEU A 43 5.19 6.06 2.61
CA LEU A 43 5.27 7.08 3.66
C LEU A 43 6.39 8.06 3.42
N ASP A 44 7.60 7.53 3.29
CA ASP A 44 8.80 8.33 3.08
C ASP A 44 8.78 9.02 1.73
N LYS A 45 8.73 8.21 0.68
CA LYS A 45 8.74 8.72 -0.69
C LYS A 45 7.35 9.16 -1.05
N LYS A 46 6.41 8.74 -0.21
CA LYS A 46 5.01 9.07 -0.32
C LYS A 46 4.43 8.54 -1.63
N GLN A 47 4.83 7.32 -1.94
CA GLN A 47 4.37 6.59 -3.12
C GLN A 47 2.85 6.34 -2.96
N ARG A 48 2.10 6.45 -4.04
CA ARG A 48 0.65 6.28 -4.00
C ARG A 48 0.26 4.82 -3.94
N PHE A 49 -0.87 4.55 -3.32
CA PHE A 49 -1.47 3.23 -3.27
C PHE A 49 -2.98 3.38 -3.17
N HIS A 50 -3.66 2.30 -2.86
CA HIS A 50 -5.09 2.33 -2.68
C HIS A 50 -5.39 2.19 -1.15
N ASN A 51 -6.51 2.73 -0.68
CA ASN A 51 -7.00 2.63 0.73
C ASN A 51 -8.26 1.77 0.80
N ILE A 52 -8.20 0.68 1.57
CA ILE A 52 -9.29 -0.27 1.62
C ILE A 52 -9.78 -0.44 3.07
N ARG A 53 -10.94 -1.03 3.24
CA ARG A 53 -11.53 -1.25 4.52
C ARG A 53 -10.65 -2.15 5.40
N GLY A 54 -9.92 -1.53 6.30
CA GLY A 54 -9.16 -2.24 7.30
C GLY A 54 -7.83 -2.76 6.83
N ARG A 55 -7.55 -2.60 5.58
CA ARG A 55 -6.29 -3.02 5.01
C ARG A 55 -6.03 -2.18 3.81
N TRP A 56 -4.91 -2.34 3.16
CA TRP A 56 -4.85 -1.83 1.84
C TRP A 56 -4.09 -2.69 0.85
N THR A 57 -3.86 -2.13 -0.33
CA THR A 57 -3.15 -2.74 -1.35
C THR A 57 -2.26 -1.59 -2.02
N GLY A 58 -0.97 -1.82 -2.04
CA GLY A 58 0.04 -0.87 -2.45
C GLY A 58 0.89 -1.41 -3.55
N ARG A 59 2.13 -1.11 -3.58
CA ARG A 59 3.02 -1.76 -4.53
C ARG A 59 4.29 -1.97 -3.85
N CYS A 60 4.63 -3.23 -3.62
CA CYS A 60 5.90 -3.52 -3.02
C CYS A 60 7.03 -2.98 -3.90
N MET A 61 8.24 -2.99 -3.40
CA MET A 61 9.43 -2.47 -4.15
C MET A 61 9.52 -3.02 -5.55
N SER A 62 9.25 -4.26 -5.66
CA SER A 62 9.26 -4.95 -6.93
C SER A 62 8.25 -4.29 -7.91
N CYS A 63 7.07 -4.00 -7.40
CA CYS A 63 5.94 -3.59 -8.14
C CYS A 63 5.75 -2.08 -8.25
N SER A 64 6.30 -1.38 -7.32
CA SER A 64 6.21 0.03 -7.29
C SER A 64 7.16 0.61 -8.36
N ARG A 65 8.27 -0.09 -8.57
CA ARG A 65 9.25 0.29 -9.55
C ARG A 65 8.86 -0.30 -10.90
N SER A 66 8.69 -1.59 -10.92
CA SER A 66 8.36 -2.30 -12.11
C SER A 66 6.85 -2.44 -12.22
N SER A 67 6.25 -1.71 -13.12
CA SER A 67 4.81 -1.74 -13.29
C SER A 67 4.41 -2.70 -14.43
N ARG A 68 5.40 -3.19 -15.15
CA ARG A 68 5.15 -4.11 -16.27
C ARG A 68 4.92 -5.52 -15.78
N THR A 69 5.46 -5.85 -14.64
CA THR A 69 5.37 -7.19 -14.08
C THR A 69 4.10 -7.36 -13.23
N ARG A 70 3.17 -6.45 -13.41
CA ARG A 70 1.97 -6.39 -12.63
C ARG A 70 1.02 -7.53 -12.95
N ARG A 71 0.97 -8.47 -12.06
CA ARG A 71 0.12 -9.61 -12.14
C ARG A 71 -0.86 -9.55 -11.01
N GLU A 72 -1.81 -10.42 -11.00
CA GLU A 72 -2.78 -10.47 -9.97
C GLU A 72 -2.45 -11.59 -9.00
N THR A 73 -2.03 -12.71 -9.55
CA THR A 73 -1.79 -13.89 -8.74
C THR A 73 -0.38 -14.43 -8.98
N GLN A 74 0.40 -13.68 -9.73
CA GLN A 74 1.84 -14.03 -10.02
C GLN A 74 1.96 -15.30 -10.85
N LEU A 75 0.89 -15.66 -11.46
CA LEU A 75 0.84 -16.82 -12.29
C LEU A 75 0.53 -16.29 -13.65
ZN ZN B . 4.57 -6.65 -5.35
N GLY A 1 -11.39 11.45 5.69
CA GLY A 1 -11.24 10.21 4.94
C GLY A 1 -12.46 9.34 5.09
N ALA A 2 -13.17 9.14 4.01
CA ALA A 2 -14.37 8.33 4.02
C ALA A 2 -14.41 7.45 2.80
N MET A 3 -14.85 6.19 2.99
CA MET A 3 -14.95 5.17 1.93
C MET A 3 -13.52 4.69 1.52
N SER A 4 -13.43 3.86 0.52
CA SER A 4 -12.17 3.43 -0.01
C SER A 4 -11.81 4.30 -1.24
N TYR A 5 -10.53 4.61 -1.35
CA TYR A 5 -10.00 5.52 -2.38
C TYR A 5 -8.51 5.37 -2.42
N SER A 6 -7.87 6.17 -3.21
CA SER A 6 -6.43 6.14 -3.25
C SER A 6 -5.90 7.34 -2.45
N LEU A 7 -4.74 7.20 -1.84
CA LEU A 7 -4.20 8.28 -1.01
C LEU A 7 -2.68 8.20 -0.99
N TYR A 8 -2.06 9.25 -0.49
CA TYR A 8 -0.64 9.28 -0.22
C TYR A 8 -0.42 8.57 1.05
N GLY A 9 0.42 7.55 0.99
CA GLY A 9 0.68 6.74 2.13
C GLY A 9 1.07 7.49 3.31
N THR A 10 1.96 8.38 3.08
CA THR A 10 2.55 9.27 4.08
C THR A 10 1.47 9.91 5.03
N THR A 11 0.22 10.02 4.58
CA THR A 11 -0.85 10.56 5.40
C THR A 11 -1.66 9.49 6.17
N LEU A 12 -1.48 8.22 5.85
CA LEU A 12 -2.26 7.10 6.45
C LEU A 12 -2.31 7.04 7.98
N GLU A 13 -1.37 7.63 8.67
CA GLU A 13 -1.39 7.58 10.13
C GLU A 13 -2.44 8.56 10.70
N GLN A 14 -3.07 9.25 9.80
CA GLN A 14 -4.16 10.18 10.03
C GLN A 14 -5.53 9.45 9.90
N GLN A 15 -5.57 8.40 9.13
CA GLN A 15 -6.84 7.87 8.67
C GLN A 15 -7.46 6.72 9.50
N TYR A 16 -6.83 5.56 9.53
CA TYR A 16 -7.44 4.34 10.06
C TYR A 16 -7.58 4.25 11.57
N ASN A 17 -6.61 4.81 12.30
CA ASN A 17 -6.43 4.60 13.80
C ASN A 17 -5.83 3.24 13.99
N LYS A 18 -5.35 2.75 12.90
CA LYS A 18 -4.77 1.46 12.67
C LYS A 18 -3.86 1.73 11.49
N PRO A 19 -2.73 2.38 11.75
CA PRO A 19 -1.86 2.85 10.70
C PRO A 19 -1.09 1.74 10.09
N LEU A 20 -0.24 2.05 9.15
CA LEU A 20 0.62 1.08 8.47
C LEU A 20 1.38 0.24 9.48
N SER A 21 1.77 0.84 10.59
CA SER A 21 2.45 0.15 11.66
C SER A 21 1.58 -0.98 12.27
N ASP A 22 0.27 -0.88 12.09
CA ASP A 22 -0.64 -1.85 12.69
C ASP A 22 -1.52 -2.55 11.64
N LEU A 23 -1.67 -1.94 10.49
CA LEU A 23 -2.64 -2.36 9.51
C LEU A 23 -2.04 -3.45 8.62
N LEU A 24 -2.83 -4.50 8.33
CA LEU A 24 -2.37 -5.50 7.40
C LEU A 24 -2.51 -4.87 6.04
N ILE A 25 -1.42 -4.74 5.43
CA ILE A 25 -1.28 -4.04 4.24
C ILE A 25 -0.58 -4.94 3.24
N ARG A 26 -0.96 -4.91 1.98
CA ARG A 26 -0.37 -5.82 1.01
C ARG A 26 -0.15 -5.17 -0.32
N CYS A 27 0.77 -5.73 -1.09
CA CYS A 27 1.01 -5.34 -2.41
C CYS A 27 -0.28 -5.49 -3.24
N ILE A 28 -0.51 -4.61 -4.17
CA ILE A 28 -1.71 -4.67 -5.00
C ILE A 28 -1.55 -5.69 -6.06
N ASN A 29 -0.35 -5.91 -6.35
CA ASN A 29 0.06 -6.64 -7.47
C ASN A 29 0.43 -8.02 -7.07
N CYS A 30 0.99 -8.13 -5.92
CA CYS A 30 1.40 -9.45 -5.52
C CYS A 30 0.68 -10.00 -4.30
N GLN A 31 -0.10 -9.13 -3.63
CA GLN A 31 -0.89 -9.48 -2.47
C GLN A 31 -0.06 -9.91 -1.28
N LYS A 32 1.21 -9.63 -1.40
CA LYS A 32 2.16 -9.85 -0.38
C LYS A 32 2.01 -8.76 0.62
N PRO A 33 1.86 -9.10 1.85
CA PRO A 33 1.78 -8.12 2.89
C PRO A 33 3.09 -7.34 2.99
N LEU A 34 2.99 -6.05 2.92
CA LEU A 34 4.13 -5.19 2.89
C LEU A 34 4.52 -4.82 4.26
N SER A 35 5.75 -4.98 4.54
CA SER A 35 6.31 -4.64 5.81
C SER A 35 6.68 -3.13 5.77
N PRO A 36 7.13 -2.50 6.91
CA PRO A 36 7.55 -1.07 6.95
C PRO A 36 8.39 -0.65 5.74
N GLU A 37 9.18 -1.58 5.23
CA GLU A 37 10.01 -1.38 4.03
C GLU A 37 9.21 -0.86 2.83
N GLU A 38 8.11 -1.51 2.52
CA GLU A 38 7.30 -1.14 1.39
C GLU A 38 6.31 -0.06 1.78
N LYS A 39 5.93 -0.09 3.02
CA LYS A 39 5.06 0.93 3.59
C LYS A 39 5.71 2.28 3.53
N GLN A 40 6.98 2.33 3.81
CA GLN A 40 7.76 3.54 3.76
C GLN A 40 7.98 3.99 2.34
N ARG A 41 7.67 3.15 1.44
CA ARG A 41 7.78 3.47 0.01
C ARG A 41 6.59 4.40 -0.31
N HIS A 42 5.53 4.17 0.43
CA HIS A 42 4.32 4.93 0.31
C HIS A 42 4.33 6.11 1.27
N LEU A 43 5.15 6.01 2.31
CA LEU A 43 5.24 7.06 3.32
C LEU A 43 6.37 8.02 3.02
N ASP A 44 7.58 7.51 3.09
CA ASP A 44 8.81 8.30 2.82
C ASP A 44 8.80 8.88 1.46
N LYS A 45 8.64 8.01 0.52
CA LYS A 45 8.67 8.36 -0.87
C LYS A 45 7.29 8.75 -1.35
N LYS A 46 6.36 8.69 -0.41
CA LYS A 46 4.98 9.16 -0.54
C LYS A 46 4.22 8.57 -1.75
N GLN A 47 4.46 7.31 -2.05
CA GLN A 47 3.73 6.65 -3.14
C GLN A 47 2.21 6.55 -2.90
N ARG A 48 1.50 6.57 -4.00
CA ARG A 48 0.05 6.58 -4.04
C ARG A 48 -0.46 5.13 -4.10
N PHE A 49 -1.25 4.76 -3.14
CA PHE A 49 -1.86 3.42 -3.12
C PHE A 49 -3.35 3.54 -2.92
N HIS A 50 -4.01 2.45 -2.72
CA HIS A 50 -5.41 2.43 -2.47
C HIS A 50 -5.62 2.20 -0.96
N ASN A 51 -6.68 2.76 -0.40
CA ASN A 51 -7.07 2.58 1.01
C ASN A 51 -8.36 1.83 1.05
N ILE A 52 -8.34 0.70 1.70
CA ILE A 52 -9.48 -0.16 1.74
C ILE A 52 -9.94 -0.22 3.20
N ARG A 53 -11.12 -0.62 3.48
CA ARG A 53 -11.51 -0.60 4.84
C ARG A 53 -11.06 -1.87 5.55
N GLY A 54 -10.07 -1.70 6.39
CA GLY A 54 -9.53 -2.78 7.17
C GLY A 54 -8.16 -3.19 6.72
N ARG A 55 -7.85 -2.94 5.45
CA ARG A 55 -6.55 -3.28 4.89
C ARG A 55 -6.28 -2.36 3.77
N TRP A 56 -5.15 -2.47 3.12
CA TRP A 56 -5.08 -1.92 1.85
C TRP A 56 -4.31 -2.75 0.83
N THR A 57 -4.09 -2.16 -0.35
CA THR A 57 -3.37 -2.74 -1.39
C THR A 57 -2.48 -1.59 -2.01
N GLY A 58 -1.21 -1.85 -2.00
CA GLY A 58 -0.18 -0.91 -2.36
C GLY A 58 0.65 -1.44 -3.45
N ARG A 59 1.93 -1.32 -3.35
CA ARG A 59 2.88 -1.85 -4.34
C ARG A 59 4.22 -1.95 -3.75
N CYS A 60 4.64 -3.18 -3.48
CA CYS A 60 5.96 -3.40 -2.94
C CYS A 60 7.01 -2.98 -3.96
N MET A 61 8.25 -2.97 -3.57
CA MET A 61 9.39 -2.55 -4.45
C MET A 61 9.34 -3.08 -5.84
N SER A 62 9.11 -4.33 -5.94
CA SER A 62 9.09 -4.99 -7.21
C SER A 62 7.96 -4.46 -8.09
N CYS A 63 6.84 -4.22 -7.48
CA CYS A 63 5.66 -3.89 -8.13
C CYS A 63 5.45 -2.36 -8.26
N SER A 64 6.14 -1.62 -7.43
CA SER A 64 6.08 -0.20 -7.43
C SER A 64 7.05 0.41 -8.43
N ARG A 65 8.23 -0.22 -8.58
CA ARG A 65 9.22 0.24 -9.52
C ARG A 65 8.91 -0.23 -10.93
N SER A 66 8.03 -1.23 -11.02
CA SER A 66 7.51 -1.78 -12.28
C SER A 66 8.55 -2.62 -13.09
N SER A 67 9.79 -2.16 -13.11
CA SER A 67 10.88 -2.72 -13.93
C SER A 67 11.25 -4.18 -13.59
N ARG A 68 10.74 -4.69 -12.50
CA ARG A 68 11.00 -6.08 -12.13
C ARG A 68 10.24 -7.06 -13.01
N THR A 69 9.25 -6.56 -13.75
CA THR A 69 8.41 -7.39 -14.61
C THR A 69 7.69 -8.41 -13.75
N ARG A 70 6.66 -7.97 -13.09
CA ARG A 70 5.99 -8.80 -12.10
C ARG A 70 4.74 -9.34 -12.69
N ARG A 71 4.17 -10.30 -12.03
CA ARG A 71 2.93 -10.78 -12.39
C ARG A 71 1.88 -10.05 -11.63
N GLU A 72 0.77 -9.90 -12.23
CA GLU A 72 -0.27 -9.05 -11.74
C GLU A 72 -1.14 -9.80 -10.75
N THR A 73 -1.16 -11.08 -10.90
CA THR A 73 -1.93 -11.93 -10.06
C THR A 73 -1.16 -13.25 -9.91
N GLN A 74 0.13 -13.15 -10.24
CA GLN A 74 1.11 -14.25 -10.15
C GLN A 74 0.82 -15.37 -11.13
N LEU A 75 0.08 -15.02 -12.14
CA LEU A 75 -0.25 -15.93 -13.19
C LEU A 75 0.30 -15.37 -14.47
ZN ZN B . 4.64 -6.77 -4.97
N GLY A 1 -14.39 13.17 1.92
CA GLY A 1 -13.60 12.04 2.37
C GLY A 1 -14.02 10.76 1.69
N ALA A 2 -15.20 10.24 2.06
CA ALA A 2 -15.75 8.97 1.55
C ALA A 2 -14.92 7.81 2.09
N MET A 3 -15.13 6.63 1.57
CA MET A 3 -14.41 5.48 2.08
C MET A 3 -13.77 4.71 0.96
N SER A 4 -12.54 4.27 1.20
CA SER A 4 -11.74 3.47 0.27
C SER A 4 -11.49 4.17 -1.07
N TYR A 5 -10.33 4.69 -1.19
CA TYR A 5 -9.95 5.49 -2.32
C TYR A 5 -8.46 5.50 -2.38
N SER A 6 -7.91 6.18 -3.34
CA SER A 6 -6.49 6.26 -3.42
C SER A 6 -6.00 7.41 -2.53
N LEU A 7 -4.79 7.30 -1.98
CA LEU A 7 -4.29 8.33 -1.08
C LEU A 7 -2.76 8.28 -0.99
N TYR A 8 -2.20 9.35 -0.48
CA TYR A 8 -0.80 9.43 -0.13
C TYR A 8 -0.58 8.67 1.10
N GLY A 9 0.28 7.67 0.99
CA GLY A 9 0.54 6.78 2.05
C GLY A 9 0.90 7.41 3.30
N THR A 10 1.80 8.33 3.17
CA THR A 10 2.36 9.11 4.27
C THR A 10 1.29 9.59 5.31
N THR A 11 0.04 9.80 4.88
CA THR A 11 -0.98 10.30 5.77
C THR A 11 -1.83 9.17 6.42
N LEU A 12 -1.73 7.94 5.90
CA LEU A 12 -2.53 6.75 6.38
C LEU A 12 -2.60 6.52 7.88
N GLU A 13 -1.66 7.03 8.60
CA GLU A 13 -1.65 6.88 10.03
C GLU A 13 -2.76 7.76 10.67
N GLN A 14 -3.19 8.74 9.91
CA GLN A 14 -4.30 9.64 10.22
C GLN A 14 -5.60 8.95 9.81
N GLN A 15 -5.48 8.14 8.78
CA GLN A 15 -6.59 7.56 8.05
C GLN A 15 -7.41 6.58 8.87
N TYR A 16 -6.80 5.47 9.21
CA TYR A 16 -7.53 4.38 9.84
C TYR A 16 -7.55 4.44 11.31
N ASN A 17 -6.69 5.28 11.86
CA ASN A 17 -6.43 5.39 13.32
C ASN A 17 -5.66 4.17 13.76
N LYS A 18 -5.29 3.43 12.78
CA LYS A 18 -4.53 2.28 12.86
C LYS A 18 -3.60 2.47 11.66
N PRO A 19 -2.33 2.68 11.92
CA PRO A 19 -1.38 3.05 10.89
C PRO A 19 -0.92 1.87 10.08
N LEU A 20 -0.07 2.13 9.11
CA LEU A 20 0.53 1.11 8.27
C LEU A 20 1.18 0.04 9.09
N SER A 21 1.90 0.40 10.12
CA SER A 21 2.59 -0.59 10.95
C SER A 21 1.57 -1.47 11.76
N ASP A 22 0.28 -1.15 11.66
CA ASP A 22 -0.75 -1.91 12.33
C ASP A 22 -1.74 -2.46 11.30
N LEU A 23 -1.75 -1.87 10.12
CA LEU A 23 -2.71 -2.20 9.10
C LEU A 23 -2.12 -3.27 8.24
N LEU A 24 -2.87 -4.35 8.04
CA LEU A 24 -2.43 -5.37 7.14
C LEU A 24 -2.50 -4.75 5.79
N ILE A 25 -1.41 -4.63 5.22
CA ILE A 25 -1.25 -3.93 4.03
C ILE A 25 -0.53 -4.83 3.05
N ARG A 26 -0.90 -4.79 1.77
CA ARG A 26 -0.28 -5.72 0.82
C ARG A 26 -0.02 -5.09 -0.52
N CYS A 27 0.91 -5.68 -1.25
CA CYS A 27 1.23 -5.31 -2.57
C CYS A 27 -0.05 -5.40 -3.46
N ILE A 28 -0.18 -4.54 -4.45
CA ILE A 28 -1.39 -4.50 -5.27
C ILE A 28 -1.38 -5.56 -6.34
N ASN A 29 -0.21 -5.83 -6.75
CA ASN A 29 0.08 -6.72 -7.83
C ASN A 29 0.59 -8.04 -7.36
N CYS A 30 1.05 -8.10 -6.12
CA CYS A 30 1.44 -9.41 -5.66
C CYS A 30 0.65 -9.89 -4.47
N GLN A 31 -0.01 -8.94 -3.78
CA GLN A 31 -0.83 -9.21 -2.62
C GLN A 31 -0.07 -9.71 -1.43
N LYS A 32 1.20 -9.54 -1.51
CA LYS A 32 2.11 -9.80 -0.46
C LYS A 32 2.03 -8.69 0.53
N PRO A 33 1.85 -9.00 1.78
CA PRO A 33 1.78 -8.00 2.80
C PRO A 33 3.12 -7.25 2.98
N LEU A 34 3.08 -5.96 2.76
CA LEU A 34 4.25 -5.11 2.81
C LEU A 34 4.53 -4.77 4.22
N SER A 35 5.75 -4.94 4.56
CA SER A 35 6.20 -4.65 5.88
C SER A 35 6.59 -3.15 5.90
N PRO A 36 6.95 -2.55 7.08
CA PRO A 36 7.35 -1.12 7.17
C PRO A 36 8.31 -0.69 6.05
N GLU A 37 9.14 -1.63 5.59
CA GLU A 37 10.05 -1.43 4.48
C GLU A 37 9.35 -0.84 3.24
N GLU A 38 8.26 -1.45 2.83
CA GLU A 38 7.57 -1.05 1.64
C GLU A 38 6.46 -0.08 1.92
N LYS A 39 6.04 -0.06 3.15
CA LYS A 39 5.12 0.95 3.66
C LYS A 39 5.78 2.29 3.64
N GLN A 40 7.04 2.31 4.03
CA GLN A 40 7.86 3.52 4.05
C GLN A 40 8.13 4.01 2.67
N ARG A 41 7.88 3.18 1.72
CA ARG A 41 8.01 3.60 0.32
C ARG A 41 6.86 4.55 0.03
N HIS A 42 5.74 4.23 0.58
CA HIS A 42 4.53 4.97 0.38
C HIS A 42 4.44 6.13 1.34
N LEU A 43 5.22 6.07 2.39
CA LEU A 43 5.24 7.11 3.41
C LEU A 43 6.31 8.12 3.14
N ASP A 44 7.55 7.68 3.22
CA ASP A 44 8.72 8.54 2.94
C ASP A 44 8.62 9.20 1.61
N LYS A 45 8.42 8.38 0.60
CA LYS A 45 8.39 8.83 -0.77
C LYS A 45 6.99 9.19 -1.18
N LYS A 46 6.09 9.08 -0.21
CA LYS A 46 4.71 9.52 -0.30
C LYS A 46 4.01 9.04 -1.57
N GLN A 47 4.19 7.79 -1.91
CA GLN A 47 3.50 7.18 -3.05
C GLN A 47 1.97 7.26 -2.89
N ARG A 48 1.30 7.13 -3.99
CA ARG A 48 -0.13 7.13 -4.08
C ARG A 48 -0.60 5.67 -4.28
N PHE A 49 -1.19 5.08 -3.26
CA PHE A 49 -1.73 3.72 -3.33
C PHE A 49 -3.24 3.78 -3.14
N HIS A 50 -3.87 2.66 -2.87
CA HIS A 50 -5.27 2.64 -2.61
C HIS A 50 -5.48 2.31 -1.12
N ASN A 51 -6.54 2.87 -0.51
CA ASN A 51 -6.93 2.65 0.91
C ASN A 51 -8.14 1.77 0.95
N ILE A 52 -8.06 0.66 1.64
CA ILE A 52 -9.17 -0.26 1.67
C ILE A 52 -9.61 -0.45 3.12
N ARG A 53 -10.83 -0.84 3.33
CA ARG A 53 -11.34 -0.98 4.66
C ARG A 53 -10.70 -2.19 5.35
N GLY A 54 -9.76 -1.91 6.22
CA GLY A 54 -9.12 -2.92 7.01
C GLY A 54 -7.74 -3.26 6.52
N ARG A 55 -7.49 -3.02 5.25
CA ARG A 55 -6.21 -3.35 4.63
C ARG A 55 -6.00 -2.43 3.47
N TRP A 56 -4.90 -2.52 2.79
CA TRP A 56 -4.89 -1.95 1.50
C TRP A 56 -4.12 -2.72 0.46
N THR A 57 -3.85 -2.06 -0.69
CA THR A 57 -3.12 -2.62 -1.74
C THR A 57 -2.17 -1.45 -2.31
N GLY A 58 -0.87 -1.73 -2.28
CA GLY A 58 0.21 -0.80 -2.62
C GLY A 58 1.14 -1.41 -3.63
N ARG A 59 2.42 -1.26 -3.48
CA ARG A 59 3.38 -1.93 -4.36
C ARG A 59 4.62 -2.14 -3.60
N CYS A 60 4.99 -3.39 -3.39
CA CYS A 60 6.23 -3.66 -2.75
C CYS A 60 7.39 -3.23 -3.65
N MET A 61 8.59 -3.24 -3.14
CA MET A 61 9.82 -2.81 -3.90
C MET A 61 9.89 -3.40 -5.28
N SER A 62 9.63 -4.64 -5.39
CA SER A 62 9.70 -5.30 -6.68
C SER A 62 8.61 -4.79 -7.64
N CYS A 63 7.44 -4.54 -7.11
CA CYS A 63 6.32 -4.24 -7.87
C CYS A 63 6.08 -2.73 -8.05
N SER A 64 6.64 -1.96 -7.17
CA SER A 64 6.57 -0.56 -7.24
C SER A 64 7.47 -0.08 -8.35
N ARG A 65 8.55 -0.81 -8.56
CA ARG A 65 9.46 -0.56 -9.61
C ARG A 65 8.92 -1.16 -10.90
N SER A 66 8.60 -2.44 -10.85
CA SER A 66 8.03 -3.11 -11.97
C SER A 66 6.49 -3.05 -11.87
N SER A 67 5.93 -1.95 -12.30
CA SER A 67 4.50 -1.73 -12.17
C SER A 67 3.67 -2.25 -13.34
N ARG A 68 4.29 -2.87 -14.32
CA ARG A 68 3.55 -3.37 -15.46
C ARG A 68 2.87 -4.72 -15.13
N THR A 69 3.05 -5.19 -13.92
CA THR A 69 2.41 -6.37 -13.44
C THR A 69 1.21 -5.99 -12.58
N ARG A 70 0.03 -6.45 -12.95
CA ARG A 70 -1.22 -6.22 -12.21
C ARG A 70 -2.05 -7.51 -12.21
N ARG A 71 -1.86 -8.34 -11.21
CA ARG A 71 -2.53 -9.58 -11.10
C ARG A 71 -2.75 -9.95 -9.67
N GLU A 72 -3.60 -10.90 -9.47
CA GLU A 72 -3.92 -11.40 -8.22
C GLU A 72 -2.99 -12.55 -7.87
N THR A 73 -2.93 -13.49 -8.76
CA THR A 73 -2.21 -14.72 -8.53
C THR A 73 -0.97 -14.77 -9.42
N GLN A 74 -0.65 -13.61 -10.02
CA GLN A 74 0.54 -13.40 -10.86
C GLN A 74 0.49 -14.30 -12.11
N LEU A 75 -0.68 -14.71 -12.47
CA LEU A 75 -0.88 -15.57 -13.58
C LEU A 75 -1.74 -14.89 -14.62
ZN ZN B . 4.93 -7.01 -4.86
N GLY A 1 -11.26 13.12 5.79
CA GLY A 1 -12.12 12.16 5.10
C GLY A 1 -11.54 10.78 5.19
N ALA A 2 -12.27 9.78 4.75
CA ALA A 2 -11.81 8.40 4.82
C ALA A 2 -12.66 7.54 3.92
N MET A 3 -12.35 6.23 3.94
CA MET A 3 -13.11 5.18 3.26
C MET A 3 -12.73 4.92 1.80
N SER A 4 -11.75 4.04 1.67
CA SER A 4 -11.28 3.41 0.42
C SER A 4 -11.14 4.31 -0.83
N TYR A 5 -9.91 4.63 -1.15
CA TYR A 5 -9.54 5.45 -2.29
C TYR A 5 -8.05 5.39 -2.43
N SER A 6 -7.50 6.07 -3.37
CA SER A 6 -6.08 6.12 -3.47
C SER A 6 -5.59 7.32 -2.66
N LEU A 7 -4.44 7.21 -2.03
CA LEU A 7 -3.96 8.28 -1.18
C LEU A 7 -2.45 8.21 -1.06
N TYR A 8 -1.89 9.30 -0.62
CA TYR A 8 -0.51 9.38 -0.21
C TYR A 8 -0.37 8.68 1.08
N GLY A 9 0.36 7.58 1.04
CA GLY A 9 0.51 6.74 2.15
C GLY A 9 1.00 7.39 3.34
N THR A 10 1.91 8.26 3.13
CA THR A 10 2.56 9.07 4.14
C THR A 10 1.53 9.69 5.17
N THR A 11 0.26 9.84 4.75
CA THR A 11 -0.78 10.36 5.64
C THR A 11 -1.61 9.24 6.35
N LEU A 12 -1.52 7.99 5.88
CA LEU A 12 -2.40 6.85 6.31
C LEU A 12 -2.68 6.68 7.79
N GLU A 13 -1.77 7.07 8.65
CA GLU A 13 -1.98 6.96 10.08
C GLU A 13 -3.18 7.83 10.49
N GLN A 14 -3.38 8.88 9.72
CA GLN A 14 -4.45 9.83 9.86
C GLN A 14 -5.81 9.24 9.50
N GLN A 15 -5.81 8.31 8.58
CA GLN A 15 -7.07 7.81 8.08
C GLN A 15 -7.71 6.78 9.00
N TYR A 16 -7.02 5.68 9.20
CA TYR A 16 -7.61 4.55 9.87
C TYR A 16 -7.65 4.59 11.37
N ASN A 17 -6.76 5.38 11.95
CA ASN A 17 -6.52 5.45 13.44
C ASN A 17 -5.79 4.20 13.86
N LYS A 18 -5.38 3.48 12.86
CA LYS A 18 -4.64 2.31 12.92
C LYS A 18 -3.72 2.45 11.69
N PRO A 19 -2.47 2.73 11.93
CA PRO A 19 -1.51 3.07 10.88
C PRO A 19 -1.05 1.86 10.10
N LEU A 20 -0.17 2.08 9.14
CA LEU A 20 0.47 1.03 8.34
C LEU A 20 1.15 0.06 9.25
N SER A 21 1.75 0.58 10.30
CA SER A 21 2.43 -0.21 11.31
C SER A 21 1.44 -1.18 12.03
N ASP A 22 0.16 -0.95 11.86
CA ASP A 22 -0.87 -1.75 12.51
C ASP A 22 -1.83 -2.40 11.48
N LEU A 23 -1.85 -1.86 10.27
CA LEU A 23 -2.83 -2.23 9.26
C LEU A 23 -2.26 -3.32 8.39
N LEU A 24 -3.04 -4.38 8.13
CA LEU A 24 -2.57 -5.40 7.22
C LEU A 24 -2.56 -4.73 5.88
N ILE A 25 -1.47 -4.76 5.28
CA ILE A 25 -1.27 -4.03 4.11
C ILE A 25 -0.54 -4.90 3.10
N ARG A 26 -0.94 -4.86 1.83
CA ARG A 26 -0.33 -5.78 0.84
C ARG A 26 -0.08 -5.12 -0.47
N CYS A 27 0.86 -5.68 -1.22
CA CYS A 27 1.14 -5.29 -2.54
C CYS A 27 -0.17 -5.41 -3.39
N ILE A 28 -0.29 -4.63 -4.41
CA ILE A 28 -1.49 -4.61 -5.21
C ILE A 28 -1.40 -5.65 -6.31
N ASN A 29 -0.21 -5.81 -6.78
CA ASN A 29 0.12 -6.75 -7.81
C ASN A 29 0.66 -8.01 -7.17
N CYS A 30 1.19 -7.91 -5.92
CA CYS A 30 1.65 -9.14 -5.28
C CYS A 30 0.60 -9.76 -4.39
N GLN A 31 -0.14 -8.92 -3.67
CA GLN A 31 -1.06 -9.34 -2.62
C GLN A 31 -0.31 -9.90 -1.43
N LYS A 32 0.93 -9.52 -1.42
CA LYS A 32 1.87 -9.83 -0.41
C LYS A 32 1.84 -8.74 0.59
N PRO A 33 1.67 -9.06 1.83
CA PRO A 33 1.66 -8.07 2.85
C PRO A 33 3.02 -7.38 3.05
N LEU A 34 3.02 -6.10 2.79
CA LEU A 34 4.20 -5.25 2.84
C LEU A 34 4.47 -4.90 4.24
N SER A 35 5.69 -5.01 4.59
CA SER A 35 6.16 -4.68 5.87
C SER A 35 6.60 -3.22 5.85
N PRO A 36 7.06 -2.60 7.00
CA PRO A 36 7.48 -1.18 7.05
C PRO A 36 8.38 -0.79 5.89
N GLU A 37 9.17 -1.73 5.38
CA GLU A 37 10.06 -1.52 4.24
C GLU A 37 9.30 -0.99 3.02
N GLU A 38 8.20 -1.62 2.69
CA GLU A 38 7.47 -1.28 1.52
C GLU A 38 6.40 -0.25 1.83
N LYS A 39 5.95 -0.24 3.06
CA LYS A 39 5.05 0.78 3.60
C LYS A 39 5.72 2.12 3.55
N GLN A 40 7.00 2.13 3.86
CA GLN A 40 7.81 3.33 3.90
C GLN A 40 8.05 3.87 2.56
N ARG A 41 7.71 3.12 1.58
CA ARG A 41 7.87 3.60 0.25
C ARG A 41 6.73 4.54 -0.05
N HIS A 42 5.61 4.22 0.52
CA HIS A 42 4.40 4.97 0.39
C HIS A 42 4.39 6.11 1.40
N LEU A 43 5.26 6.00 2.37
CA LEU A 43 5.38 6.98 3.43
C LEU A 43 6.51 7.98 3.14
N ASP A 44 7.70 7.48 2.94
CA ASP A 44 8.88 8.34 2.66
C ASP A 44 8.80 8.94 1.27
N LYS A 45 8.73 8.07 0.27
CA LYS A 45 8.68 8.48 -1.13
C LYS A 45 7.27 8.92 -1.46
N LYS A 46 6.38 8.55 -0.54
CA LYS A 46 4.99 8.97 -0.55
C LYS A 46 4.26 8.43 -1.78
N GLN A 47 4.63 7.23 -2.20
CA GLN A 47 4.01 6.61 -3.37
C GLN A 47 2.53 6.35 -3.09
N ARG A 48 1.74 6.43 -4.11
CA ARG A 48 0.33 6.27 -3.94
C ARG A 48 -0.05 4.80 -4.02
N PHE A 49 -1.06 4.47 -3.29
CA PHE A 49 -1.63 3.16 -3.27
C PHE A 49 -3.12 3.30 -3.12
N HIS A 50 -3.80 2.22 -2.91
CA HIS A 50 -5.21 2.27 -2.68
C HIS A 50 -5.43 1.95 -1.20
N ASN A 51 -6.42 2.56 -0.57
CA ASN A 51 -6.79 2.33 0.85
C ASN A 51 -8.03 1.51 0.89
N ILE A 52 -8.03 0.44 1.64
CA ILE A 52 -9.17 -0.43 1.69
C ILE A 52 -9.63 -0.54 3.14
N ARG A 53 -10.86 -0.85 3.37
CA ARG A 53 -11.37 -0.90 4.71
C ARG A 53 -10.83 -2.13 5.45
N GLY A 54 -9.83 -1.91 6.27
CA GLY A 54 -9.25 -2.95 7.07
C GLY A 54 -7.86 -3.34 6.60
N ARG A 55 -7.59 -3.14 5.33
CA ARG A 55 -6.29 -3.47 4.76
C ARG A 55 -6.06 -2.58 3.59
N TRP A 56 -4.93 -2.63 2.96
CA TRP A 56 -4.91 -2.05 1.66
C TRP A 56 -4.12 -2.83 0.64
N THR A 57 -3.90 -2.18 -0.51
CA THR A 57 -3.15 -2.74 -1.55
C THR A 57 -2.23 -1.59 -2.16
N GLY A 58 -0.94 -1.84 -2.16
CA GLY A 58 0.11 -0.91 -2.50
C GLY A 58 1.03 -1.44 -3.54
N ARG A 59 2.24 -1.05 -3.57
CA ARG A 59 3.19 -1.64 -4.49
C ARG A 59 4.43 -1.87 -3.78
N CYS A 60 4.77 -3.13 -3.54
CA CYS A 60 6.02 -3.40 -2.88
C CYS A 60 7.19 -2.87 -3.72
N MET A 61 8.38 -2.94 -3.19
CA MET A 61 9.60 -2.40 -3.84
C MET A 61 9.77 -2.88 -5.25
N SER A 62 9.53 -4.12 -5.46
CA SER A 62 9.64 -4.67 -6.81
C SER A 62 8.59 -4.03 -7.76
N CYS A 63 7.42 -3.81 -7.24
CA CYS A 63 6.30 -3.41 -8.00
C CYS A 63 6.10 -1.91 -8.06
N SER A 64 6.69 -1.22 -7.15
CA SER A 64 6.62 0.19 -7.10
C SER A 64 7.61 0.78 -8.11
N ARG A 65 8.65 0.00 -8.40
CA ARG A 65 9.63 0.35 -9.39
C ARG A 65 9.04 0.08 -10.77
N SER A 66 8.41 -1.08 -10.91
CA SER A 66 7.77 -1.48 -12.13
C SER A 66 6.56 -2.38 -11.81
N SER A 67 5.38 -1.97 -12.22
CA SER A 67 4.16 -2.72 -11.98
C SER A 67 3.81 -3.65 -13.15
N ARG A 68 4.67 -3.65 -14.15
CA ARG A 68 4.50 -4.49 -15.33
C ARG A 68 5.07 -5.91 -15.14
N THR A 69 5.33 -6.26 -13.89
CA THR A 69 5.81 -7.56 -13.50
C THR A 69 4.90 -8.68 -14.05
N ARG A 70 5.47 -9.64 -14.76
CA ARG A 70 4.71 -10.72 -15.32
C ARG A 70 4.59 -11.87 -14.33
N ARG A 71 3.66 -11.74 -13.43
CA ARG A 71 3.36 -12.69 -12.42
C ARG A 71 1.94 -12.45 -11.97
N GLU A 72 1.41 -13.31 -11.13
CA GLU A 72 0.09 -13.14 -10.61
C GLU A 72 0.18 -12.59 -9.20
N THR A 73 1.04 -13.19 -8.44
CA THR A 73 1.22 -12.85 -7.06
C THR A 73 2.70 -12.89 -6.71
N GLN A 74 3.51 -13.04 -7.74
CA GLN A 74 4.96 -13.06 -7.64
C GLN A 74 5.51 -14.29 -6.93
N LEU A 75 4.72 -15.31 -6.97
CA LEU A 75 5.06 -16.63 -6.50
C LEU A 75 5.05 -17.55 -7.70
ZN ZN B . 4.92 -6.55 -5.27
N GLY A 1 -14.79 9.27 -2.77
CA GLY A 1 -15.21 8.49 -1.60
C GLY A 1 -14.55 9.00 -0.35
N ALA A 2 -15.20 8.83 0.79
CA ALA A 2 -14.65 9.30 2.06
C ALA A 2 -13.98 8.16 2.80
N MET A 3 -13.87 7.08 2.12
CA MET A 3 -13.22 5.88 2.57
C MET A 3 -12.92 5.05 1.35
N SER A 4 -11.82 4.32 1.39
CA SER A 4 -11.33 3.49 0.28
C SER A 4 -11.16 4.24 -1.05
N TYR A 5 -9.96 4.69 -1.26
CA TYR A 5 -9.58 5.47 -2.41
C TYR A 5 -8.09 5.39 -2.51
N SER A 6 -7.50 6.03 -3.46
CA SER A 6 -6.08 6.04 -3.54
C SER A 6 -5.54 7.26 -2.79
N LEU A 7 -4.38 7.13 -2.16
CA LEU A 7 -3.86 8.22 -1.34
C LEU A 7 -2.35 8.13 -1.18
N TYR A 8 -1.77 9.22 -0.72
CA TYR A 8 -0.40 9.30 -0.26
C TYR A 8 -0.31 8.60 1.04
N GLY A 9 0.46 7.54 1.04
CA GLY A 9 0.61 6.73 2.18
C GLY A 9 0.98 7.44 3.39
N THR A 10 1.90 8.31 3.23
CA THR A 10 2.49 9.16 4.26
C THR A 10 1.40 9.80 5.21
N THR A 11 0.15 9.93 4.75
CA THR A 11 -0.92 10.47 5.57
C THR A 11 -1.78 9.39 6.29
N LEU A 12 -1.65 8.12 5.93
CA LEU A 12 -2.52 7.01 6.41
C LEU A 12 -2.77 6.88 7.90
N GLU A 13 -1.84 7.28 8.71
CA GLU A 13 -2.01 7.17 10.15
C GLU A 13 -3.18 8.06 10.63
N GLN A 14 -3.46 9.09 9.82
CA GLN A 14 -4.56 10.04 10.01
C GLN A 14 -5.91 9.35 9.72
N GLN A 15 -5.85 8.38 8.84
CA GLN A 15 -7.06 7.79 8.29
C GLN A 15 -7.68 6.68 9.13
N TYR A 16 -7.01 5.57 9.24
CA TYR A 16 -7.62 4.36 9.83
C TYR A 16 -7.64 4.37 11.34
N ASN A 17 -6.84 5.25 11.91
CA ASN A 17 -6.60 5.35 13.38
C ASN A 17 -5.79 4.16 13.84
N LYS A 18 -5.38 3.42 12.86
CA LYS A 18 -4.56 2.29 12.95
C LYS A 18 -3.63 2.45 11.75
N PRO A 19 -2.36 2.68 12.00
CA PRO A 19 -1.41 3.03 10.96
C PRO A 19 -0.91 1.82 10.21
N LEU A 20 -0.02 2.06 9.28
CA LEU A 20 0.61 1.01 8.49
C LEU A 20 1.34 0.07 9.42
N SER A 21 1.87 0.58 10.51
CA SER A 21 2.55 -0.23 11.52
C SER A 21 1.59 -1.30 12.13
N ASP A 22 0.29 -1.09 11.97
CA ASP A 22 -0.70 -1.94 12.58
C ASP A 22 -1.62 -2.55 11.50
N LEU A 23 -1.69 -1.91 10.34
CA LEU A 23 -2.65 -2.27 9.32
C LEU A 23 -2.08 -3.35 8.44
N LEU A 24 -2.87 -4.39 8.17
CA LEU A 24 -2.46 -5.39 7.22
C LEU A 24 -2.48 -4.67 5.91
N ILE A 25 -1.42 -4.69 5.26
CA ILE A 25 -1.23 -3.94 4.12
C ILE A 25 -0.52 -4.81 3.09
N ARG A 26 -0.88 -4.73 1.81
CA ARG A 26 -0.29 -5.64 0.82
C ARG A 26 -0.02 -4.97 -0.47
N CYS A 27 0.89 -5.56 -1.25
CA CYS A 27 1.15 -5.15 -2.58
C CYS A 27 -0.18 -5.19 -3.39
N ILE A 28 -0.29 -4.45 -4.43
CA ILE A 28 -1.52 -4.39 -5.16
C ILE A 28 -1.57 -5.47 -6.21
N ASN A 29 -0.44 -5.69 -6.78
CA ASN A 29 -0.26 -6.67 -7.81
C ASN A 29 0.26 -7.92 -7.18
N CYS A 30 0.91 -7.83 -6.01
CA CYS A 30 1.38 -9.06 -5.44
C CYS A 30 0.37 -9.70 -4.52
N GLN A 31 -0.30 -8.83 -3.73
CA GLN A 31 -1.17 -9.21 -2.64
C GLN A 31 -0.36 -9.75 -1.47
N LYS A 32 0.91 -9.43 -1.52
CA LYS A 32 1.88 -9.73 -0.52
C LYS A 32 1.86 -8.64 0.49
N PRO A 33 1.71 -8.97 1.73
CA PRO A 33 1.68 -7.99 2.77
C PRO A 33 3.04 -7.27 2.97
N LEU A 34 3.03 -5.99 2.64
CA LEU A 34 4.20 -5.12 2.68
C LEU A 34 4.51 -4.78 4.09
N SER A 35 5.73 -4.92 4.41
CA SER A 35 6.22 -4.66 5.72
C SER A 35 6.66 -3.19 5.75
N PRO A 36 7.15 -2.63 6.92
CA PRO A 36 7.60 -1.22 7.02
C PRO A 36 8.54 -0.83 5.87
N GLU A 37 9.27 -1.80 5.33
CA GLU A 37 10.12 -1.59 4.18
C GLU A 37 9.35 -0.99 3.00
N GLU A 38 8.23 -1.57 2.66
CA GLU A 38 7.49 -1.13 1.51
C GLU A 38 6.40 -0.14 1.89
N LYS A 39 5.99 -0.19 3.12
CA LYS A 39 5.10 0.82 3.70
C LYS A 39 5.77 2.17 3.69
N GLN A 40 7.07 2.18 3.98
CA GLN A 40 7.86 3.41 3.99
C GLN A 40 8.07 3.92 2.63
N ARG A 41 7.74 3.14 1.68
CA ARG A 41 7.87 3.59 0.33
C ARG A 41 6.71 4.53 0.05
N HIS A 42 5.61 4.22 0.69
CA HIS A 42 4.40 4.99 0.55
C HIS A 42 4.38 6.13 1.54
N LEU A 43 5.20 6.03 2.56
CA LEU A 43 5.29 7.05 3.57
C LEU A 43 6.41 8.02 3.30
N ASP A 44 7.62 7.51 3.18
CA ASP A 44 8.81 8.34 2.88
C ASP A 44 8.72 8.95 1.49
N LYS A 45 8.67 8.08 0.49
CA LYS A 45 8.62 8.52 -0.91
C LYS A 45 7.23 8.95 -1.25
N LYS A 46 6.32 8.67 -0.33
CA LYS A 46 4.94 9.10 -0.37
C LYS A 46 4.24 8.55 -1.61
N GLN A 47 4.57 7.33 -1.98
CA GLN A 47 3.97 6.72 -3.15
C GLN A 47 2.49 6.49 -2.93
N ARG A 48 1.77 6.53 -4.01
CA ARG A 48 0.34 6.41 -4.02
C ARG A 48 -0.05 4.95 -4.08
N PHE A 49 -0.98 4.60 -3.26
CA PHE A 49 -1.54 3.25 -3.22
C PHE A 49 -3.04 3.37 -3.12
N HIS A 50 -3.69 2.29 -2.86
CA HIS A 50 -5.10 2.29 -2.67
C HIS A 50 -5.38 2.00 -1.17
N ASN A 51 -6.46 2.56 -0.62
CA ASN A 51 -6.94 2.37 0.78
C ASN A 51 -8.18 1.51 0.77
N ILE A 52 -8.22 0.46 1.58
CA ILE A 52 -9.35 -0.45 1.60
C ILE A 52 -9.85 -0.63 3.04
N ARG A 53 -10.99 -1.18 3.23
CA ARG A 53 -11.50 -1.34 4.56
C ARG A 53 -10.78 -2.48 5.28
N GLY A 54 -9.95 -2.10 6.21
CA GLY A 54 -9.28 -3.06 7.07
C GLY A 54 -7.87 -3.34 6.64
N ARG A 55 -7.58 -3.11 5.39
CA ARG A 55 -6.27 -3.36 4.82
C ARG A 55 -6.09 -2.43 3.68
N TRP A 56 -4.96 -2.47 3.03
CA TRP A 56 -4.95 -1.92 1.73
C TRP A 56 -4.15 -2.72 0.71
N THR A 57 -3.90 -2.08 -0.45
CA THR A 57 -3.15 -2.66 -1.47
C THR A 57 -2.26 -1.48 -2.09
N GLY A 58 -0.96 -1.70 -2.06
CA GLY A 58 0.07 -0.76 -2.41
C GLY A 58 0.94 -1.30 -3.49
N ARG A 59 2.21 -1.13 -3.43
CA ARG A 59 3.09 -1.76 -4.42
C ARG A 59 4.36 -1.98 -3.75
N CYS A 60 4.75 -3.22 -3.63
CA CYS A 60 6.04 -3.49 -3.05
C CYS A 60 7.15 -2.89 -3.93
N MET A 61 8.37 -2.90 -3.44
CA MET A 61 9.54 -2.31 -4.17
C MET A 61 9.67 -2.77 -5.59
N SER A 62 9.41 -3.99 -5.80
CA SER A 62 9.46 -4.54 -7.14
C SER A 62 8.35 -3.94 -8.03
N CYS A 63 7.19 -3.77 -7.47
CA CYS A 63 6.07 -3.36 -8.17
C CYS A 63 5.95 -1.87 -8.30
N SER A 64 6.23 -1.19 -7.23
CA SER A 64 6.19 0.23 -7.16
C SER A 64 7.12 0.85 -8.21
N ARG A 65 8.17 0.10 -8.53
CA ARG A 65 9.09 0.47 -9.54
C ARG A 65 8.59 0.01 -10.90
N SER A 66 8.46 -1.28 -11.08
CA SER A 66 8.15 -1.79 -12.40
C SER A 66 6.81 -2.56 -12.46
N SER A 67 6.70 -3.59 -11.65
CA SER A 67 5.63 -4.58 -11.76
C SER A 67 4.18 -4.07 -11.51
N ARG A 68 3.99 -2.80 -11.16
CA ARG A 68 2.63 -2.27 -10.98
C ARG A 68 2.00 -1.90 -12.31
N THR A 69 2.81 -1.94 -13.35
CA THR A 69 2.39 -1.53 -14.64
C THR A 69 1.52 -2.60 -15.30
N ARG A 70 0.21 -2.49 -15.09
CA ARG A 70 -0.80 -3.35 -15.70
C ARG A 70 -0.79 -4.78 -15.17
N ARG A 71 -0.10 -5.03 -14.08
CA ARG A 71 -0.10 -6.34 -13.52
C ARG A 71 -1.16 -6.52 -12.49
N GLU A 72 -1.66 -7.71 -12.45
CA GLU A 72 -2.72 -8.05 -11.59
C GLU A 72 -2.22 -9.02 -10.54
N THR A 73 -1.28 -9.85 -10.96
CA THR A 73 -0.76 -10.93 -10.13
C THR A 73 0.47 -11.56 -10.80
N GLN A 74 1.11 -10.77 -11.66
CA GLN A 74 2.34 -11.14 -12.36
C GLN A 74 2.18 -12.35 -13.26
N LEU A 75 1.00 -12.48 -13.84
CA LEU A 75 0.65 -13.54 -14.75
C LEU A 75 -0.68 -13.16 -15.35
ZN ZN B . 4.71 -6.53 -5.57
#